data_1NFD
#
_entry.id   1NFD
#
_cell.length_a   74.740
_cell.length_b   122.300
_cell.length_c   115.840
_cell.angle_alpha   90.00
_cell.angle_beta   107.95
_cell.angle_gamma   90.00
#
_symmetry.space_group_name_H-M   'P 1 21 1'
#
loop_
_entity.id
_entity.type
_entity.pdbx_description
1 polymer 'N15 ALPHA-BETA T-CELL RECEPTOR'
2 polymer 'N15 ALPHA-BETA T-CELL RECEPTOR'
3 polymer 'H57 FAB'
4 polymer 'H57 FAB'
5 non-polymer 2-acetamido-2-deoxy-beta-D-glucopyranose
#
loop_
_entity_poly.entity_id
_entity_poly.type
_entity_poly.pdbx_seq_one_letter_code
_entity_poly.pdbx_strand_id
1 'polypeptide(L)'
;DSVTQTEGLVTVTEGLPVKLNCTYQTTYLTIAFFWYVQYLNEAPQVLLKSSTDNKRTEHQGFHATLHKSSSSFHLQKSSA
QLSDSALYYCALSEGGNYKYVFGAGTRLKVIAHIQNPEPAVYQLKDPRSQDSTLCLFTDFDSQINVPKTMESGTFITDKT
VLDMKAMDSKSNGAIAWSNQTSFTCQDIFKETNATYPSSDVPC
;
A,C
2 'polypeptide(L)'
;DSGVVQSPRHIIKEKGGRSVLTCIPISGHSNVVWYQQTLGKELKFLIQHYEKVERDKGFLPSRFSVQQFDDYHSEMNMSA
LELEDSAMYFCASSLRWGDEQYFGPGTRLTVLEDLRNVTPPKVSLFEPSKAEIANKQKATLVCLARGFFPDHVELSWWVN
GKEVHSGVSTDPQAYKESNYSYSLSSRLRVSATFWHNPRNHFRCQVQFHGLSEEDKWPEGSPKPVTQNISAEAWGRADC
;
B,D
3 'polypeptide(L)'
;YELIQPSSASVTVGETVKITCSGDQLPKNFAYWFQQKSDKNILLLIYMDNKRPSGIPERFSGSTSGTTATLTISGAQPED
EAAYYCLSSYGDNNDLVFGSGTQLTVLRGPKSSPKVTVFPPSPEELRTNKATLVCLVNDFYPGSATVTWKANGATINDGV
KTTKPSKQGQNYMTSSYLSLTADQWKSHNRVSCQVTHEGETVEKSLSPAECL
;
E,G
4 'polypeptide(L)'
;EVYLVESGGDLVQPGSSLKVSCAASGFTFSDFWMYWVRQAPGKGLEWVGRIKNIPNNYATEYADSVRGRFTISRDDSRNS
IYLQMNRLRVDDTAIYYCTRAGRFDHFDYWGQGTMVTVSSATTTAPSVYPLAPACDSTTSTTDTVTLGCLVKGYFPEPVT
VSWNSGALTSGVHTFPSVLHSGLYSLSSSVTVPSSTWPKQPITCNVAHPASSTKVDKKIEPR
;
F,H
#
# COMPACT_ATOMS: atom_id res chain seq x y z
N ASP A 1 -40.19 -31.66 14.32
CA ASP A 1 -39.57 -32.35 13.16
C ASP A 1 -38.06 -32.42 13.32
N SER A 2 -37.42 -33.23 12.49
CA SER A 2 -35.97 -33.38 12.59
C SER A 2 -35.35 -34.23 11.48
N VAL A 3 -34.05 -34.03 11.29
CA VAL A 3 -33.29 -34.77 10.29
C VAL A 3 -32.09 -35.40 10.97
N THR A 4 -32.25 -36.63 11.43
CA THR A 4 -31.18 -37.34 12.12
C THR A 4 -30.23 -38.05 11.18
N GLN A 5 -28.93 -38.00 11.52
CA GLN A 5 -27.88 -38.63 10.70
C GLN A 5 -26.77 -39.21 11.56
N THR A 6 -26.02 -40.16 10.99
CA THR A 6 -24.92 -40.82 11.69
C THR A 6 -24.21 -39.91 12.68
N GLU A 7 -23.96 -40.43 13.88
CA GLU A 7 -23.32 -39.65 14.93
C GLU A 7 -21.84 -39.96 15.05
N GLY A 8 -21.46 -41.12 14.54
CA GLY A 8 -20.07 -41.54 14.63
C GLY A 8 -19.01 -40.64 14.01
N LEU A 9 -17.83 -41.23 13.91
CA LEU A 9 -16.65 -40.65 13.30
C LEU A 9 -16.38 -41.69 12.18
N VAL A 10 -16.84 -41.43 10.96
CA VAL A 10 -16.62 -42.44 9.91
C VAL A 10 -15.24 -42.34 9.26
N THR A 11 -14.24 -42.76 10.04
CA THR A 11 -12.85 -42.78 9.58
C THR A 11 -12.82 -43.79 8.45
N VAL A 12 -12.16 -43.37 7.37
CA VAL A 12 -12.02 -44.22 6.20
C VAL A 12 -10.65 -44.08 5.57
N THR A 13 -10.24 -45.17 4.95
CA THR A 13 -8.97 -45.23 4.26
C THR A 13 -9.22 -44.75 2.83
N GLU A 14 -8.30 -43.96 2.31
CA GLU A 14 -8.46 -43.45 0.96
C GLU A 14 -8.72 -44.61 0.02
N GLY A 15 -9.70 -44.43 -0.85
CA GLY A 15 -10.07 -45.47 -1.80
C GLY A 15 -11.40 -46.09 -1.45
N LEU A 16 -11.51 -46.63 -0.25
CA LEU A 16 -12.75 -47.28 0.18
C LEU A 16 -13.93 -46.33 0.07
N PRO A 17 -15.15 -46.88 0.12
CA PRO A 17 -16.42 -46.15 0.04
C PRO A 17 -16.82 -45.46 1.33
N VAL A 18 -17.73 -44.50 1.19
CA VAL A 18 -18.24 -43.74 2.31
C VAL A 18 -19.75 -43.77 2.21
N LYS A 19 -20.43 -43.64 3.35
CA LYS A 19 -21.89 -43.64 3.37
C LYS A 19 -22.36 -43.02 4.67
N LEU A 20 -23.01 -41.86 4.55
CA LEU A 20 -23.49 -41.13 5.72
C LEU A 20 -25.00 -41.09 5.74
N ASN A 21 -25.56 -41.95 6.59
CA ASN A 21 -27.01 -42.10 6.72
C ASN A 21 -27.74 -40.91 7.30
N CYS A 22 -28.71 -40.44 6.51
CA CYS A 22 -29.51 -39.31 6.94
C CYS A 22 -31.00 -39.62 6.72
N THR A 23 -31.81 -39.46 7.76
CA THR A 23 -33.25 -39.69 7.70
C THR A 23 -33.93 -38.47 8.29
N TYR A 24 -35.06 -38.08 7.70
CA TYR A 24 -35.79 -36.93 8.16
C TYR A 24 -37.15 -37.27 8.80
N GLN A 25 -37.79 -36.24 9.33
CA GLN A 25 -39.10 -36.35 9.97
C GLN A 25 -39.79 -35.00 9.91
N THR A 26 -40.72 -34.85 8.96
CA THR A 26 -41.44 -33.59 8.78
C THR A 26 -42.96 -33.70 8.83
N THR A 27 -43.62 -32.60 9.18
CA THR A 27 -45.07 -32.58 9.24
C THR A 27 -45.60 -31.90 7.99
N TYR A 28 -44.74 -31.17 7.29
CA TYR A 28 -45.14 -30.47 6.07
C TYR A 28 -44.49 -31.08 4.83
N LEU A 29 -45.07 -30.79 3.66
CA LEU A 29 -44.53 -31.31 2.41
C LEU A 29 -43.14 -30.74 2.13
N THR A 30 -42.15 -31.62 2.14
CA THR A 30 -40.77 -31.25 1.90
C THR A 30 -40.55 -30.59 0.52
N ILE A 31 -39.80 -29.49 0.51
CA ILE A 31 -39.52 -28.76 -0.73
C ILE A 31 -38.20 -29.14 -1.40
N ALA A 32 -37.22 -29.53 -0.60
CA ALA A 32 -35.91 -29.92 -1.12
C ALA A 32 -35.01 -30.38 0.01
N PHE A 33 -34.05 -31.23 -0.32
CA PHE A 33 -33.12 -31.76 0.66
C PHE A 33 -31.72 -31.40 0.17
N PHE A 34 -30.81 -31.18 1.10
CA PHE A 34 -29.46 -30.83 0.72
C PHE A 34 -28.40 -31.47 1.62
N TRP A 35 -27.17 -31.47 1.12
CA TRP A 35 -26.03 -32.01 1.88
C TRP A 35 -24.99 -30.92 1.84
N TYR A 36 -24.60 -30.46 3.02
CA TYR A 36 -23.60 -29.41 3.18
C TYR A 36 -22.30 -29.99 3.66
N VAL A 37 -21.19 -29.56 3.06
CA VAL A 37 -19.90 -30.05 3.50
C VAL A 37 -19.13 -28.84 4.01
N GLN A 38 -18.74 -28.89 5.28
CA GLN A 38 -18.00 -27.79 5.89
C GLN A 38 -16.54 -28.16 6.11
N TYR A 39 -15.67 -27.55 5.31
CA TYR A 39 -14.23 -27.80 5.38
C TYR A 39 -13.52 -27.04 6.49
N LEU A 40 -12.70 -27.75 7.25
CA LEU A 40 -11.97 -27.13 8.35
C LEU A 40 -11.58 -25.72 7.99
N ASN A 41 -11.86 -24.79 8.90
CA ASN A 41 -11.54 -23.40 8.72
C ASN A 41 -12.26 -22.76 7.54
N GLU A 42 -13.46 -23.25 7.26
CA GLU A 42 -14.27 -22.73 6.15
C GLU A 42 -15.77 -22.72 6.48
N ALA A 43 -16.53 -21.93 5.74
CA ALA A 43 -17.96 -21.86 5.95
C ALA A 43 -18.63 -23.07 5.30
N PRO A 44 -19.83 -23.43 5.75
CA PRO A 44 -20.56 -24.57 5.20
C PRO A 44 -21.01 -24.36 3.77
N GLN A 45 -20.58 -25.25 2.87
CA GLN A 45 -20.96 -25.11 1.47
C GLN A 45 -21.84 -26.28 1.04
N VAL A 46 -22.59 -26.07 -0.03
CA VAL A 46 -23.45 -27.10 -0.54
C VAL A 46 -22.61 -28.12 -1.27
N LEU A 47 -22.92 -29.38 -1.02
CA LEU A 47 -22.21 -30.47 -1.65
C LEU A 47 -23.12 -31.01 -2.74
N LEU A 48 -24.42 -30.82 -2.53
CA LEU A 48 -25.43 -31.29 -3.47
C LEU A 48 -26.81 -31.20 -2.83
N LYS A 49 -27.81 -30.96 -3.67
CA LYS A 49 -29.20 -30.85 -3.22
C LYS A 49 -30.12 -31.53 -4.23
N SER A 50 -31.28 -31.97 -3.77
CA SER A 50 -32.23 -32.63 -4.65
C SER A 50 -33.67 -32.40 -4.23
N SER A 51 -34.58 -32.60 -5.18
CA SER A 51 -36.01 -32.42 -4.93
C SER A 51 -36.82 -33.59 -5.47
N THR A 52 -36.27 -34.26 -6.48
CA THR A 52 -36.93 -35.39 -7.09
C THR A 52 -36.50 -36.68 -6.40
N ASP A 53 -36.94 -37.82 -6.91
CA ASP A 53 -36.57 -39.08 -6.30
C ASP A 53 -35.46 -39.74 -7.13
N ASN A 54 -34.47 -38.94 -7.51
CA ASN A 54 -33.35 -39.42 -8.31
C ASN A 54 -31.98 -39.30 -7.60
N LYS A 55 -30.91 -39.32 -8.39
CA LYS A 55 -29.54 -39.21 -7.86
C LYS A 55 -28.89 -37.88 -8.27
N ARG A 56 -28.13 -37.28 -7.36
CA ARG A 56 -27.44 -36.01 -7.63
C ARG A 56 -25.94 -36.23 -7.43
N THR A 57 -25.11 -35.49 -8.17
CA THR A 57 -23.65 -35.66 -8.05
C THR A 57 -22.73 -34.45 -8.20
N GLU A 58 -21.96 -34.16 -7.15
CA GLU A 58 -21.00 -33.07 -7.20
C GLU A 58 -19.72 -33.87 -7.20
N HIS A 59 -19.07 -33.97 -8.36
CA HIS A 59 -17.84 -34.76 -8.48
C HIS A 59 -16.91 -34.68 -7.28
N GLN A 60 -17.27 -33.90 -6.26
CA GLN A 60 -16.41 -33.87 -5.10
C GLN A 60 -16.33 -35.36 -4.79
N GLY A 61 -16.91 -36.14 -5.72
CA GLY A 61 -16.94 -37.57 -5.65
C GLY A 61 -18.12 -38.14 -4.90
N PHE A 62 -18.98 -37.28 -4.39
CA PHE A 62 -20.13 -37.74 -3.62
C PHE A 62 -21.38 -37.90 -4.46
N HIS A 63 -22.26 -38.78 -4.00
CA HIS A 63 -23.52 -39.04 -4.67
C HIS A 63 -24.51 -39.47 -3.59
N ALA A 64 -25.76 -39.07 -3.76
CA ALA A 64 -26.78 -39.43 -2.79
C ALA A 64 -28.14 -39.34 -3.45
N THR A 65 -28.90 -40.42 -3.37
CA THR A 65 -30.23 -40.39 -3.96
C THR A 65 -31.23 -40.45 -2.81
N LEU A 66 -32.26 -39.61 -2.92
CA LEU A 66 -33.30 -39.51 -1.92
C LEU A 66 -34.35 -40.61 -2.12
N HIS A 67 -35.09 -40.91 -1.06
CA HIS A 67 -36.11 -41.95 -1.15
C HIS A 67 -37.24 -41.68 -0.18
N LYS A 68 -38.16 -40.83 -0.60
CA LYS A 68 -39.31 -40.46 0.20
C LYS A 68 -39.84 -41.69 0.94
N SER A 69 -40.31 -42.68 0.17
CA SER A 69 -40.84 -43.91 0.76
C SER A 69 -40.25 -44.20 2.13
N SER A 70 -38.95 -44.49 2.17
CA SER A 70 -38.28 -44.76 3.45
C SER A 70 -37.68 -43.49 4.06
N SER A 71 -38.11 -42.33 3.57
CA SER A 71 -37.64 -41.06 4.08
C SER A 71 -36.15 -41.10 4.32
N SER A 72 -35.35 -41.03 3.27
CA SER A 72 -33.91 -41.06 3.45
C SER A 72 -33.25 -40.34 2.31
N PHE A 73 -32.15 -39.70 2.66
CA PHE A 73 -31.27 -38.94 1.78
C PHE A 73 -29.87 -39.30 2.24
N HIS A 74 -29.50 -40.54 2.00
CA HIS A 74 -28.20 -41.01 2.41
C HIS A 74 -27.12 -40.71 1.41
N LEU A 75 -26.03 -40.17 1.93
CA LEU A 75 -24.86 -39.80 1.15
C LEU A 75 -23.80 -40.91 1.14
N GLN A 76 -23.15 -41.08 -0.01
CA GLN A 76 -22.10 -42.08 -0.13
C GLN A 76 -21.11 -41.76 -1.24
N LYS A 77 -19.93 -42.34 -1.15
CA LYS A 77 -18.90 -42.09 -2.14
C LYS A 77 -18.02 -43.32 -2.21
N SER A 78 -17.93 -43.93 -3.39
CA SER A 78 -17.12 -45.14 -3.57
C SER A 78 -15.66 -44.94 -3.22
N SER A 79 -14.99 -44.07 -3.97
CA SER A 79 -13.59 -43.78 -3.71
C SER A 79 -13.53 -42.54 -2.85
N ALA A 80 -12.69 -42.55 -1.83
CA ALA A 80 -12.60 -41.41 -0.95
C ALA A 80 -11.22 -40.75 -1.00
N GLN A 81 -11.21 -39.46 -1.28
CA GLN A 81 -9.96 -38.71 -1.32
C GLN A 81 -9.73 -38.13 0.07
N LEU A 82 -8.50 -37.77 0.37
CA LEU A 82 -8.20 -37.20 1.67
C LEU A 82 -8.90 -35.85 1.78
N SER A 83 -9.04 -35.18 0.65
CA SER A 83 -9.70 -33.87 0.62
C SER A 83 -11.11 -33.90 1.22
N ASP A 84 -11.73 -35.08 1.22
CA ASP A 84 -13.09 -35.23 1.74
C ASP A 84 -13.24 -35.07 3.24
N SER A 85 -12.13 -35.19 3.96
CA SER A 85 -12.16 -35.04 5.41
C SER A 85 -12.82 -33.70 5.72
N ALA A 86 -13.98 -33.76 6.36
CA ALA A 86 -14.74 -32.56 6.70
C ALA A 86 -15.99 -32.88 7.51
N LEU A 87 -16.79 -31.85 7.74
CA LEU A 87 -18.03 -31.97 8.50
C LEU A 87 -19.23 -31.89 7.58
N TYR A 88 -20.11 -32.89 7.63
CA TYR A 88 -21.29 -32.86 6.76
C TYR A 88 -22.60 -32.69 7.49
N TYR A 89 -23.47 -31.89 6.88
CA TYR A 89 -24.78 -31.62 7.44
C TYR A 89 -25.86 -32.03 6.47
N CYS A 90 -26.91 -32.63 7.01
CA CYS A 90 -28.04 -33.06 6.21
C CYS A 90 -29.15 -32.07 6.53
N ALA A 91 -29.80 -31.54 5.51
CA ALA A 91 -30.86 -30.58 5.75
C ALA A 91 -32.02 -30.71 4.78
N LEU A 92 -32.94 -29.76 4.85
CA LEU A 92 -34.10 -29.74 3.99
C LEU A 92 -34.98 -28.56 4.34
N SER A 93 -36.00 -28.34 3.52
CA SER A 93 -36.95 -27.26 3.76
C SER A 93 -38.36 -27.81 3.56
N GLU A 94 -39.20 -27.63 4.56
CA GLU A 94 -40.58 -28.11 4.51
C GLU A 94 -41.55 -26.95 4.52
N GLY A 95 -42.66 -27.13 3.82
CA GLY A 95 -43.66 -26.08 3.73
C GLY A 95 -44.28 -25.67 5.05
N GLY A 96 -45.37 -24.93 4.94
CA GLY A 96 -46.08 -24.47 6.13
C GLY A 96 -45.18 -23.63 6.99
N ASN A 97 -44.39 -24.28 7.85
CA ASN A 97 -43.48 -23.57 8.74
C ASN A 97 -42.28 -23.03 7.94
N TYR A 98 -42.24 -23.41 6.66
CA TYR A 98 -41.17 -22.99 5.77
C TYR A 98 -39.85 -23.31 6.46
N LYS A 99 -39.97 -24.13 7.48
CA LYS A 99 -38.84 -24.54 8.29
C LYS A 99 -37.72 -25.14 7.45
N TYR A 100 -36.49 -24.78 7.81
CA TYR A 100 -35.30 -25.28 7.12
C TYR A 100 -34.55 -26.11 8.16
N VAL A 101 -34.96 -27.37 8.32
CA VAL A 101 -34.33 -28.27 9.29
C VAL A 101 -32.89 -28.69 8.99
N PHE A 102 -32.09 -28.79 10.04
CA PHE A 102 -30.69 -29.18 9.91
C PHE A 102 -30.39 -30.48 10.65
N GLY A 103 -29.34 -31.17 10.19
CA GLY A 103 -28.92 -32.42 10.80
C GLY A 103 -27.86 -32.15 11.84
N ALA A 104 -27.77 -33.02 12.84
CA ALA A 104 -26.77 -32.86 13.89
C ALA A 104 -25.37 -32.62 13.32
N GLY A 105 -24.98 -33.48 12.38
CA GLY A 105 -23.69 -33.37 11.75
C GLY A 105 -22.95 -34.70 11.85
N THR A 106 -21.99 -34.91 10.95
CA THR A 106 -21.18 -36.13 10.96
C THR A 106 -19.79 -35.70 10.50
N ARG A 107 -18.79 -36.00 11.33
CA ARG A 107 -17.42 -35.66 11.00
C ARG A 107 -16.93 -36.78 10.11
N LEU A 108 -15.98 -36.48 9.23
CA LEU A 108 -15.42 -37.47 8.32
C LEU A 108 -13.90 -37.28 8.24
N LYS A 109 -13.16 -38.27 8.72
CA LYS A 109 -11.71 -38.20 8.68
C LYS A 109 -11.20 -39.36 7.85
N VAL A 110 -10.81 -39.08 6.62
CA VAL A 110 -10.29 -40.11 5.73
C VAL A 110 -8.79 -40.23 5.94
N ILE A 111 -8.36 -41.43 6.37
CA ILE A 111 -6.95 -41.69 6.63
C ILE A 111 -6.23 -42.20 5.38
N ALA A 112 -4.96 -41.84 5.26
CA ALA A 112 -4.17 -42.25 4.11
C ALA A 112 -3.77 -43.73 4.18
N HIS A 113 -3.63 -44.33 3.01
CA HIS A 113 -3.21 -45.72 2.88
C HIS A 113 -1.70 -45.58 2.67
N ILE A 114 -0.94 -46.06 3.64
CA ILE A 114 0.51 -45.97 3.58
C ILE A 114 1.00 -47.34 3.13
N GLN A 115 1.66 -47.38 1.98
CA GLN A 115 2.13 -48.67 1.46
C GLN A 115 3.23 -49.33 2.27
N ASN A 116 4.37 -48.66 2.41
CA ASN A 116 5.48 -49.21 3.17
C ASN A 116 5.86 -48.27 4.31
N PRO A 117 5.25 -48.50 5.49
CA PRO A 117 5.50 -47.68 6.67
C PRO A 117 6.95 -47.68 7.07
N GLU A 118 7.52 -46.47 7.19
CA GLU A 118 8.92 -46.29 7.59
C GLU A 118 8.98 -45.43 8.85
N PRO A 119 8.43 -45.94 9.96
CA PRO A 119 8.47 -45.13 11.18
C PRO A 119 9.85 -44.56 11.47
N ALA A 120 9.89 -43.26 11.78
CA ALA A 120 11.14 -42.56 12.07
C ALA A 120 10.92 -41.25 12.82
N VAL A 121 11.77 -40.99 13.81
CA VAL A 121 11.68 -39.76 14.58
C VAL A 121 13.01 -38.99 14.59
N TYR A 122 13.03 -37.87 13.90
CA TYR A 122 14.23 -37.04 13.81
C TYR A 122 14.18 -35.73 14.58
N GLN A 123 15.30 -35.34 15.18
CA GLN A 123 15.36 -34.08 15.92
C GLN A 123 15.94 -33.04 14.98
N LEU A 124 15.16 -32.00 14.71
CA LEU A 124 15.61 -30.93 13.83
C LEU A 124 16.13 -29.80 14.71
N LYS A 125 16.83 -28.84 14.12
CA LYS A 125 17.37 -27.72 14.87
C LYS A 125 16.94 -26.38 14.31
N ASP A 126 17.08 -25.34 15.13
CA ASP A 126 16.71 -23.98 14.76
C ASP A 126 17.93 -23.08 14.85
N PRO A 127 18.44 -22.62 13.70
CA PRO A 127 19.62 -21.75 13.68
C PRO A 127 19.45 -20.49 14.53
N ARG A 128 18.21 -20.05 14.71
CA ARG A 128 17.92 -18.84 15.48
C ARG A 128 18.30 -18.98 16.95
N SER A 129 17.31 -19.26 17.80
CA SER A 129 17.56 -19.41 19.22
C SER A 129 18.27 -20.72 19.53
N GLN A 130 19.25 -20.67 20.43
CA GLN A 130 20.02 -21.84 20.81
C GLN A 130 19.14 -22.99 21.29
N ASP A 131 18.02 -22.65 21.95
CA ASP A 131 17.12 -23.68 22.45
C ASP A 131 16.21 -24.16 21.33
N SER A 132 16.01 -25.48 21.24
CA SER A 132 15.16 -26.05 20.21
C SER A 132 15.02 -27.57 20.31
N THR A 133 14.20 -28.04 21.26
CA THR A 133 13.99 -29.48 21.42
C THR A 133 12.81 -29.86 20.53
N LEU A 134 13.09 -30.05 19.25
CA LEU A 134 12.09 -30.42 18.27
C LEU A 134 12.30 -31.85 17.76
N CYS A 135 11.20 -32.58 17.58
CA CYS A 135 11.28 -33.95 17.09
C CYS A 135 10.20 -34.19 16.04
N LEU A 136 10.54 -34.96 15.01
CA LEU A 136 9.61 -35.24 13.93
C LEU A 136 9.35 -36.73 13.75
N PHE A 137 8.08 -37.10 13.84
CA PHE A 137 7.66 -38.48 13.67
C PHE A 137 6.92 -38.54 12.34
N THR A 138 7.56 -39.11 11.32
CA THR A 138 6.93 -39.21 10.02
C THR A 138 6.93 -40.63 9.48
N ASP A 139 6.25 -40.81 8.35
CA ASP A 139 6.17 -42.09 7.67
C ASP A 139 5.76 -43.28 8.55
N PHE A 140 5.03 -43.03 9.64
CA PHE A 140 4.59 -44.12 10.52
C PHE A 140 3.18 -44.52 10.10
N ASP A 141 2.90 -45.82 10.04
CA ASP A 141 1.58 -46.28 9.64
C ASP A 141 0.48 -45.33 10.13
N SER A 142 -0.60 -45.24 9.36
CA SER A 142 -1.72 -44.37 9.68
C SER A 142 -2.66 -44.89 10.77
N GLN A 143 -2.28 -46.00 11.39
CA GLN A 143 -3.10 -46.62 12.44
C GLN A 143 -2.48 -46.56 13.84
N ILE A 144 -1.23 -46.13 13.95
CA ILE A 144 -0.57 -46.07 15.25
C ILE A 144 -1.00 -44.91 16.11
N ASN A 145 -1.18 -45.17 17.40
CA ASN A 145 -1.59 -44.13 18.33
C ASN A 145 -0.36 -43.37 18.84
N VAL A 146 -0.14 -42.19 18.30
CA VAL A 146 1.01 -41.39 18.72
C VAL A 146 0.82 -41.04 20.18
N PRO A 147 1.91 -41.08 20.97
CA PRO A 147 1.87 -40.76 22.40
C PRO A 147 1.33 -39.37 22.77
N LYS A 148 1.41 -39.06 24.05
CA LYS A 148 0.94 -37.78 24.56
C LYS A 148 1.89 -37.30 25.64
N THR A 149 1.98 -35.99 25.80
CA THR A 149 2.86 -35.40 26.80
C THR A 149 2.61 -35.99 28.17
N MET A 150 3.66 -36.12 28.97
CA MET A 150 3.57 -36.67 30.32
C MET A 150 4.01 -35.62 31.34
N GLU A 151 4.69 -34.58 30.87
CA GLU A 151 5.16 -33.51 31.73
C GLU A 151 5.00 -32.17 31.05
N SER A 152 5.10 -31.10 31.84
CA SER A 152 4.98 -29.75 31.32
C SER A 152 6.17 -29.38 30.43
N GLY A 153 6.10 -28.22 29.80
CA GLY A 153 7.19 -27.78 28.95
C GLY A 153 7.41 -28.70 27.75
N THR A 154 6.74 -29.84 27.75
CA THR A 154 6.84 -30.82 26.67
C THR A 154 5.47 -30.97 26.01
N PHE A 155 5.46 -31.22 24.70
CA PHE A 155 4.20 -31.39 24.01
C PHE A 155 4.29 -32.23 22.74
N ILE A 156 3.33 -33.15 22.60
CA ILE A 156 3.23 -34.06 21.46
C ILE A 156 1.92 -33.75 20.74
N THR A 157 1.99 -33.25 19.51
CA THR A 157 0.77 -32.91 18.76
C THR A 157 -0.02 -34.14 18.30
N ASP A 158 -1.03 -33.89 17.47
CA ASP A 158 -1.84 -34.97 16.94
C ASP A 158 -1.32 -35.28 15.55
N LYS A 159 -1.36 -36.55 15.16
CA LYS A 159 -0.86 -36.97 13.86
C LYS A 159 -1.56 -36.24 12.71
N THR A 160 -0.81 -35.97 11.65
CA THR A 160 -1.32 -35.28 10.48
C THR A 160 -0.86 -35.96 9.19
N VAL A 161 -1.49 -35.61 8.08
CA VAL A 161 -1.12 -36.20 6.80
C VAL A 161 -0.57 -35.14 5.88
N LEU A 162 0.25 -35.58 4.93
CA LEU A 162 0.84 -34.67 3.98
C LEU A 162 1.21 -35.43 2.73
N ASP A 163 0.71 -34.95 1.59
CA ASP A 163 0.95 -35.56 0.30
C ASP A 163 1.65 -34.55 -0.61
N MET A 164 2.78 -34.95 -1.19
CA MET A 164 3.52 -34.05 -2.07
C MET A 164 2.90 -34.05 -3.46
N LYS A 165 3.04 -32.94 -4.17
CA LYS A 165 2.49 -32.84 -5.52
C LYS A 165 3.27 -33.76 -6.45
N ALA A 166 2.89 -35.02 -6.40
CA ALA A 166 3.49 -36.09 -7.21
C ALA A 166 2.47 -37.22 -7.13
N MET A 167 2.86 -38.43 -7.54
CA MET A 167 1.91 -39.54 -7.49
C MET A 167 1.97 -40.40 -6.23
N ASP A 168 1.26 -39.97 -5.19
CA ASP A 168 1.19 -40.71 -3.93
C ASP A 168 2.40 -40.72 -2.99
N SER A 169 2.74 -39.56 -2.44
CA SER A 169 3.87 -39.46 -1.51
C SER A 169 3.30 -38.99 -0.17
N LYS A 170 2.24 -39.67 0.27
CA LYS A 170 1.57 -39.35 1.52
C LYS A 170 2.35 -39.88 2.71
N SER A 171 2.60 -38.99 3.67
CA SER A 171 3.34 -39.39 4.87
C SER A 171 2.68 -38.81 6.12
N ASN A 172 2.45 -39.67 7.10
CA ASN A 172 1.84 -39.24 8.36
C ASN A 172 2.86 -38.56 9.24
N GLY A 173 2.42 -37.51 9.93
CA GLY A 173 3.32 -36.76 10.78
C GLY A 173 2.89 -36.63 12.23
N ALA A 174 3.78 -36.04 13.01
CA ALA A 174 3.57 -35.80 14.43
C ALA A 174 4.89 -35.25 14.94
N ILE A 175 4.85 -34.03 15.48
CA ILE A 175 6.07 -33.43 16.00
C ILE A 175 5.90 -33.20 17.50
N ALA A 176 7.00 -32.89 18.18
CA ALA A 176 6.95 -32.65 19.61
C ALA A 176 8.16 -31.83 20.04
N TRP A 177 7.94 -30.97 21.03
CA TRP A 177 9.00 -30.13 21.54
C TRP A 177 8.93 -30.06 23.05
N SER A 178 10.08 -29.79 23.68
CA SER A 178 10.15 -29.70 25.12
C SER A 178 11.26 -28.77 25.56
N ASN A 179 11.24 -28.41 26.83
CA ASN A 179 12.26 -27.54 27.40
C ASN A 179 13.25 -28.36 28.23
N GLN A 180 12.85 -29.58 28.61
CA GLN A 180 13.67 -30.49 29.39
C GLN A 180 14.76 -31.02 28.45
N THR A 181 15.69 -30.13 28.09
CA THR A 181 16.80 -30.44 27.20
C THR A 181 17.79 -31.37 27.86
N SER A 182 17.73 -32.59 27.35
CA SER A 182 18.56 -33.69 27.78
C SER A 182 17.91 -34.88 27.09
N PHE A 183 16.61 -34.99 27.34
CA PHE A 183 15.75 -36.02 26.80
C PHE A 183 15.91 -36.04 25.30
N THR A 184 16.01 -37.26 24.77
CA THR A 184 16.15 -37.46 23.33
C THR A 184 14.76 -37.72 22.81
N CYS A 185 14.61 -37.57 21.51
CA CYS A 185 13.31 -37.77 20.91
C CYS A 185 12.75 -39.11 21.31
N GLN A 186 13.62 -40.08 21.51
CA GLN A 186 13.16 -41.41 21.91
C GLN A 186 12.41 -41.31 23.24
N ASP A 187 12.97 -40.61 24.21
CA ASP A 187 12.27 -40.47 25.48
C ASP A 187 11.00 -39.66 25.24
N ILE A 188 11.17 -38.44 24.70
CA ILE A 188 10.02 -37.60 24.43
C ILE A 188 8.91 -38.42 23.82
N PHE A 189 9.22 -39.13 22.74
CA PHE A 189 8.21 -39.95 22.10
C PHE A 189 8.12 -41.29 22.79
N LYS A 190 7.63 -41.28 24.02
CA LYS A 190 7.50 -42.53 24.76
C LYS A 190 6.73 -43.53 23.91
N GLU A 191 6.99 -44.81 24.14
CA GLU A 191 6.33 -45.90 23.43
C GLU A 191 5.95 -45.59 21.99
N THR A 192 6.92 -45.68 21.08
CA THR A 192 6.65 -45.43 19.66
C THR A 192 7.74 -46.14 18.86
N ASN A 193 7.27 -46.96 17.93
CA ASN A 193 8.14 -47.79 17.10
C ASN A 193 9.01 -47.18 15.98
N ALA A 194 10.34 -47.35 16.08
CA ALA A 194 11.27 -46.93 15.03
C ALA A 194 11.95 -45.57 15.19
N THR A 195 12.93 -45.45 16.10
CA THR A 195 13.68 -44.18 16.26
C THR A 195 15.05 -44.24 15.58
N TYR A 196 15.38 -43.15 14.89
CA TYR A 196 16.64 -43.01 14.18
C TYR A 196 17.52 -41.92 14.79
N PRO A 197 18.58 -42.32 15.49
CA PRO A 197 19.55 -41.44 16.16
C PRO A 197 19.97 -40.23 15.32
N SER A 198 20.24 -39.11 16.00
CA SER A 198 20.65 -37.88 15.34
C SER A 198 22.15 -37.65 15.31
N SER A 199 22.72 -37.70 14.12
CA SER A 199 24.15 -37.49 13.97
C SER A 199 24.35 -36.06 13.44
N ASP A 200 23.93 -35.08 14.26
CA ASP A 200 24.08 -33.68 13.89
C ASP A 200 25.53 -33.29 14.00
N VAL A 201 26.21 -33.35 12.86
CA VAL A 201 27.62 -33.04 12.78
C VAL A 201 28.00 -31.56 12.74
N PRO A 202 28.89 -31.17 13.68
CA PRO A 202 29.36 -29.78 13.74
C PRO A 202 30.35 -29.58 12.60
N CYS A 203 29.84 -29.60 11.37
CA CYS A 203 30.70 -29.44 10.19
C CYS A 203 31.74 -28.39 10.49
N ASP B 1 -20.32 -7.59 -3.99
CA ASP B 1 -21.73 -7.54 -4.47
C ASP B 1 -22.33 -8.95 -4.42
N SER B 2 -21.80 -9.82 -5.26
CA SER B 2 -22.25 -11.20 -5.31
C SER B 2 -21.68 -11.94 -4.12
N GLY B 3 -22.44 -12.91 -3.59
CA GLY B 3 -21.99 -13.67 -2.45
C GLY B 3 -22.23 -12.95 -1.13
N VAL B 4 -22.52 -13.74 -0.09
CA VAL B 4 -22.77 -13.19 1.24
C VAL B 4 -21.46 -12.62 1.74
N VAL B 5 -21.54 -11.54 2.50
CA VAL B 5 -20.34 -10.90 3.05
C VAL B 5 -20.52 -10.73 4.54
N GLN B 6 -19.46 -11.03 5.31
CA GLN B 6 -19.55 -10.91 6.77
C GLN B 6 -18.44 -10.06 7.37
N SER B 7 -18.77 -9.31 8.41
CA SER B 7 -17.80 -8.46 9.08
C SER B 7 -18.19 -8.20 10.54
N PRO B 8 -17.19 -8.22 11.44
CA PRO B 8 -15.80 -8.49 11.09
C PRO B 8 -15.58 -9.99 11.15
N ARG B 9 -14.51 -10.47 10.53
CA ARG B 9 -14.25 -11.90 10.53
C ARG B 9 -13.64 -12.37 11.85
N HIS B 10 -13.07 -11.43 12.61
CA HIS B 10 -12.47 -11.78 13.90
C HIS B 10 -12.69 -10.71 14.96
N ILE B 11 -13.19 -11.12 16.11
CA ILE B 11 -13.44 -10.21 17.21
C ILE B 11 -13.01 -10.80 18.55
N ILE B 12 -12.12 -10.10 19.23
CA ILE B 12 -11.65 -10.56 20.52
C ILE B 12 -12.08 -9.46 21.48
N LYS B 13 -12.85 -9.85 22.49
CA LYS B 13 -13.34 -8.89 23.47
C LYS B 13 -13.34 -9.49 24.87
N GLU B 14 -13.38 -8.61 25.87
CA GLU B 14 -13.41 -9.04 27.26
C GLU B 14 -14.87 -9.04 27.72
N LYS B 15 -15.17 -9.78 28.79
CA LYS B 15 -16.52 -9.87 29.32
C LYS B 15 -17.10 -8.48 29.54
N GLY B 16 -18.43 -8.39 29.51
CA GLY B 16 -19.10 -7.11 29.69
C GLY B 16 -19.02 -6.38 28.37
N GLY B 17 -18.01 -6.74 27.57
CA GLY B 17 -17.79 -6.13 26.27
C GLY B 17 -18.98 -6.17 25.33
N ARG B 18 -19.05 -5.19 24.44
CA ARG B 18 -20.16 -5.10 23.51
C ARG B 18 -19.68 -4.95 22.07
N SER B 19 -20.01 -5.93 21.24
CA SER B 19 -19.62 -5.92 19.83
C SER B 19 -20.84 -5.98 18.90
N VAL B 20 -20.61 -5.78 17.60
CA VAL B 20 -21.68 -5.82 16.62
C VAL B 20 -21.21 -6.46 15.32
N LEU B 21 -21.92 -7.49 14.89
CA LEU B 21 -21.59 -8.19 13.66
C LEU B 21 -22.40 -7.65 12.50
N THR B 22 -21.89 -7.87 11.30
CA THR B 22 -22.60 -7.40 10.12
C THR B 22 -22.73 -8.50 9.09
N CYS B 23 -23.68 -8.31 8.18
CA CYS B 23 -23.93 -9.29 7.14
C CYS B 23 -24.64 -8.66 5.95
N ILE B 24 -23.97 -8.72 4.80
CA ILE B 24 -24.52 -8.17 3.56
C ILE B 24 -24.99 -9.37 2.74
N PRO B 25 -26.30 -9.66 2.77
CA PRO B 25 -26.85 -10.80 2.03
C PRO B 25 -26.64 -10.70 0.52
N ILE B 26 -26.74 -11.83 -0.15
CA ILE B 26 -26.58 -11.88 -1.60
C ILE B 26 -27.71 -11.07 -2.24
N SER B 27 -27.34 -10.17 -3.14
CA SER B 27 -28.32 -9.34 -3.83
C SER B 27 -29.51 -10.20 -4.24
N GLY B 28 -30.72 -9.69 -4.03
CA GLY B 28 -31.91 -10.43 -4.42
C GLY B 28 -32.51 -11.20 -3.27
N HIS B 29 -31.68 -11.92 -2.51
CA HIS B 29 -32.17 -12.72 -1.38
C HIS B 29 -32.83 -11.88 -0.31
N SER B 30 -34.03 -12.30 0.12
CA SER B 30 -34.78 -11.58 1.14
C SER B 30 -34.59 -12.25 2.49
N ASN B 31 -34.73 -13.58 2.50
CA ASN B 31 -34.60 -14.38 3.71
C ASN B 31 -33.15 -14.29 4.22
N VAL B 32 -32.97 -13.78 5.44
CA VAL B 32 -31.65 -13.62 6.05
C VAL B 32 -31.66 -14.13 7.49
N VAL B 33 -31.00 -15.25 7.71
CA VAL B 33 -30.95 -15.84 9.03
C VAL B 33 -29.54 -15.79 9.61
N TRP B 34 -29.45 -15.86 10.93
CA TRP B 34 -28.18 -15.81 11.60
C TRP B 34 -27.98 -17.10 12.36
N TYR B 35 -26.81 -17.72 12.20
CA TYR B 35 -26.56 -18.98 12.89
C TYR B 35 -25.32 -18.89 13.76
N GLN B 36 -25.27 -19.75 14.76
CA GLN B 36 -24.14 -19.80 15.67
C GLN B 36 -23.70 -21.26 15.72
N GLN B 37 -22.40 -21.51 15.65
CA GLN B 37 -21.88 -22.87 15.70
C GLN B 37 -20.95 -22.96 16.88
N THR B 38 -21.34 -23.74 17.88
CA THR B 38 -20.52 -23.83 19.06
C THR B 38 -19.83 -25.19 19.22
N LEU B 39 -18.89 -25.21 20.16
CA LEU B 39 -18.17 -26.43 20.53
C LEU B 39 -18.66 -27.62 19.65
N GLY B 40 -19.56 -28.40 20.23
CA GLY B 40 -20.10 -29.57 19.55
C GLY B 40 -20.86 -29.30 18.26
N LYS B 41 -20.13 -28.80 17.25
CA LYS B 41 -20.66 -28.47 15.91
C LYS B 41 -22.13 -28.85 15.66
N GLU B 42 -23.05 -27.93 15.94
CA GLU B 42 -24.48 -28.16 15.74
C GLU B 42 -25.06 -26.79 15.43
N LEU B 43 -25.38 -26.54 14.16
CA LEU B 43 -25.92 -25.24 13.80
C LEU B 43 -27.15 -24.87 14.59
N LYS B 44 -27.06 -23.71 15.27
CA LYS B 44 -28.13 -23.21 16.14
C LYS B 44 -28.80 -21.95 15.56
N PHE B 45 -30.09 -22.06 15.29
CA PHE B 45 -30.88 -20.97 14.70
C PHE B 45 -31.01 -19.77 15.64
N LEU B 46 -30.63 -18.60 15.13
CA LEU B 46 -30.66 -17.38 15.93
C LEU B 46 -31.88 -16.50 15.65
N ILE B 47 -32.04 -16.08 14.39
CA ILE B 47 -33.18 -15.26 14.01
C ILE B 47 -33.29 -15.09 12.51
N GLN B 48 -34.51 -15.25 12.02
CA GLN B 48 -34.81 -15.16 10.59
C GLN B 48 -35.61 -13.90 10.27
N HIS B 49 -35.31 -13.35 9.09
CA HIS B 49 -35.94 -12.15 8.58
C HIS B 49 -36.25 -12.37 7.11
N TYR B 50 -37.43 -11.91 6.75
CA TYR B 50 -37.90 -11.96 5.37
C TYR B 50 -38.65 -10.69 5.12
N GLU B 51 -38.68 -10.29 3.86
CA GLU B 51 -39.33 -9.05 3.49
C GLU B 51 -38.63 -8.00 4.34
N LYS B 52 -39.36 -7.24 5.15
CA LYS B 52 -38.69 -6.24 5.96
C LYS B 52 -38.98 -6.36 7.44
N VAL B 53 -37.94 -6.70 8.18
CA VAL B 53 -38.03 -6.82 9.63
C VAL B 53 -39.08 -7.85 10.09
N GLU B 54 -39.53 -8.71 9.19
CA GLU B 54 -40.47 -9.73 9.64
C GLU B 54 -39.58 -10.69 10.43
N ARG B 55 -40.13 -11.19 11.54
CA ARG B 55 -39.38 -12.04 12.46
C ARG B 55 -39.94 -13.43 12.70
N ASP B 56 -38.98 -14.36 12.77
CA ASP B 56 -39.18 -15.79 13.04
C ASP B 56 -38.15 -16.13 14.13
N LYS B 57 -38.66 -16.52 15.31
CA LYS B 57 -37.80 -16.75 16.46
C LYS B 57 -37.42 -18.16 16.86
N GLY B 58 -36.34 -18.23 17.63
CA GLY B 58 -35.82 -19.49 18.10
C GLY B 58 -35.06 -19.45 19.43
N PHE B 59 -33.73 -19.42 19.34
CA PHE B 59 -32.88 -19.41 20.53
C PHE B 59 -31.89 -18.23 20.58
N LEU B 60 -32.33 -17.02 20.27
CA LEU B 60 -31.40 -15.89 20.31
C LEU B 60 -31.45 -15.08 21.60
N PRO B 61 -30.28 -14.86 22.22
CA PRO B 61 -30.08 -14.12 23.48
C PRO B 61 -30.64 -12.69 23.45
N SER B 62 -31.37 -12.34 24.51
CA SER B 62 -31.97 -11.01 24.66
C SER B 62 -30.91 -9.93 24.47
N ARG B 63 -29.69 -10.25 24.91
CA ARG B 63 -28.56 -9.34 24.80
C ARG B 63 -28.26 -8.97 23.35
N PHE B 64 -28.55 -9.88 22.43
CA PHE B 64 -28.30 -9.65 21.02
C PHE B 64 -29.58 -9.22 20.31
N SER B 65 -29.53 -8.08 19.65
CA SER B 65 -30.69 -7.58 18.94
C SER B 65 -30.30 -7.16 17.53
N VAL B 66 -30.68 -7.98 16.56
CA VAL B 66 -30.37 -7.71 15.16
C VAL B 66 -31.59 -7.15 14.43
N GLN B 67 -31.34 -6.35 13.39
CA GLN B 67 -32.42 -5.77 12.61
C GLN B 67 -31.98 -5.64 11.16
N GLN B 68 -32.94 -5.68 10.23
CA GLN B 68 -32.61 -5.55 8.82
C GLN B 68 -32.72 -4.08 8.40
N PHE B 69 -32.16 -3.77 7.24
CA PHE B 69 -32.20 -2.40 6.72
C PHE B 69 -32.84 -2.34 5.35
N ASP B 70 -32.88 -1.13 4.79
CA ASP B 70 -33.47 -0.92 3.47
C ASP B 70 -32.69 -1.74 2.45
N ASP B 71 -31.39 -1.49 2.36
CA ASP B 71 -30.55 -2.21 1.42
C ASP B 71 -30.64 -3.69 1.70
N TYR B 72 -31.44 -4.04 2.72
CA TYR B 72 -31.66 -5.43 3.09
C TYR B 72 -30.52 -6.06 3.91
N HIS B 73 -29.52 -5.26 4.24
CA HIS B 73 -28.39 -5.77 5.03
C HIS B 73 -28.81 -5.79 6.48
N SER B 74 -28.21 -6.69 7.27
CA SER B 74 -28.57 -6.79 8.68
C SER B 74 -27.37 -6.89 9.59
N GLU B 75 -27.55 -6.41 10.83
CA GLU B 75 -26.48 -6.44 11.82
C GLU B 75 -26.92 -7.11 13.12
N MET B 76 -26.01 -7.84 13.75
CA MET B 76 -26.26 -8.53 14.99
C MET B 76 -25.64 -7.74 16.13
N ASN B 77 -26.48 -7.20 17.01
CA ASN B 77 -25.99 -6.41 18.13
C ASN B 77 -25.67 -7.23 19.36
N MET B 78 -24.37 -7.45 19.60
CA MET B 78 -23.90 -8.21 20.74
C MET B 78 -23.66 -7.27 21.90
N SER B 79 -24.14 -7.64 23.08
CA SER B 79 -23.95 -6.80 24.25
C SER B 79 -23.81 -7.69 25.47
N ALA B 80 -22.98 -7.25 26.43
CA ALA B 80 -22.74 -8.01 27.65
C ALA B 80 -22.21 -9.40 27.29
N LEU B 81 -21.28 -9.44 26.36
CA LEU B 81 -20.67 -10.68 25.90
C LEU B 81 -20.15 -11.51 27.08
N GLU B 82 -20.15 -12.82 26.91
CA GLU B 82 -19.67 -13.72 27.94
C GLU B 82 -18.92 -14.87 27.29
N LEU B 83 -17.91 -15.37 27.98
CA LEU B 83 -17.09 -16.47 27.48
C LEU B 83 -17.93 -17.57 26.81
N GLU B 84 -19.16 -17.74 27.26
CA GLU B 84 -20.03 -18.75 26.67
C GLU B 84 -20.48 -18.34 25.26
N ASP B 85 -20.55 -17.05 25.01
CA ASP B 85 -20.96 -16.51 23.72
C ASP B 85 -19.86 -16.69 22.70
N SER B 86 -18.78 -17.36 23.08
CA SER B 86 -17.68 -17.55 22.15
C SER B 86 -18.04 -18.68 21.19
N ALA B 87 -18.11 -18.35 19.90
CA ALA B 87 -18.45 -19.31 18.88
C ALA B 87 -18.48 -18.64 17.52
N MET B 88 -18.57 -19.42 16.46
CA MET B 88 -18.63 -18.89 15.09
C MET B 88 -20.02 -18.34 14.82
N TYR B 89 -20.11 -17.11 14.36
CA TYR B 89 -21.42 -16.53 14.07
C TYR B 89 -21.71 -16.38 12.59
N PHE B 90 -22.12 -17.48 11.98
CA PHE B 90 -22.44 -17.52 10.55
C PHE B 90 -23.72 -16.80 10.14
N CYS B 91 -23.70 -16.24 8.94
CA CYS B 91 -24.86 -15.52 8.40
C CYS B 91 -25.19 -16.07 7.02
N ALA B 92 -26.31 -16.79 6.92
CA ALA B 92 -26.72 -17.36 5.65
C ALA B 92 -27.85 -16.57 5.00
N SER B 93 -27.94 -16.68 3.69
CA SER B 93 -28.99 -15.98 2.95
C SER B 93 -29.56 -16.89 1.88
N SER B 94 -30.69 -16.49 1.31
CA SER B 94 -31.33 -17.28 0.29
C SER B 94 -32.37 -16.41 -0.38
N LEU B 95 -32.84 -16.84 -1.54
CA LEU B 95 -33.83 -16.09 -2.30
C LEU B 95 -35.28 -16.43 -1.90
N ARG B 96 -35.55 -16.33 -0.61
CA ARG B 96 -36.88 -16.58 -0.06
C ARG B 96 -37.36 -17.97 -0.34
N TRP B 97 -37.07 -18.87 0.59
CA TRP B 97 -37.51 -20.24 0.47
C TRP B 97 -36.90 -21.00 -0.69
N GLY B 98 -36.11 -20.29 -1.49
CA GLY B 98 -35.44 -20.92 -2.60
C GLY B 98 -34.61 -22.02 -1.97
N ASP B 99 -34.33 -23.07 -2.73
CA ASP B 99 -33.57 -24.21 -2.23
C ASP B 99 -32.08 -23.92 -2.34
N GLU B 100 -31.60 -22.98 -1.52
CA GLU B 100 -30.20 -22.59 -1.54
C GLU B 100 -29.87 -21.52 -0.51
N GLN B 101 -29.47 -21.94 0.68
CA GLN B 101 -29.11 -20.99 1.72
C GLN B 101 -27.59 -20.93 1.79
N TYR B 102 -27.01 -20.00 1.03
CA TYR B 102 -25.55 -19.85 1.00
C TYR B 102 -25.03 -19.17 2.24
N PHE B 103 -24.02 -19.80 2.86
CA PHE B 103 -23.42 -19.29 4.08
C PHE B 103 -22.29 -18.27 3.83
N GLY B 104 -22.10 -17.37 4.79
CA GLY B 104 -21.05 -16.37 4.67
C GLY B 104 -19.82 -16.79 5.45
N PRO B 105 -18.67 -16.12 5.22
CA PRO B 105 -17.43 -16.45 5.93
C PRO B 105 -17.66 -16.70 7.40
N GLY B 106 -18.51 -15.86 7.99
CA GLY B 106 -18.84 -15.96 9.40
C GLY B 106 -17.98 -15.07 10.25
N THR B 107 -18.38 -14.83 11.50
CA THR B 107 -17.59 -14.01 12.41
C THR B 107 -17.02 -14.90 13.52
N ARG B 108 -15.79 -14.62 13.91
CA ARG B 108 -15.18 -15.40 14.97
C ARG B 108 -15.01 -14.56 16.22
N LEU B 109 -15.90 -14.76 17.18
CA LEU B 109 -15.84 -14.03 18.43
C LEU B 109 -15.25 -14.93 19.50
N THR B 110 -14.51 -14.31 20.42
CA THR B 110 -13.89 -15.04 21.51
C THR B 110 -13.80 -14.14 22.73
N VAL B 111 -14.66 -14.41 23.70
CA VAL B 111 -14.69 -13.64 24.94
C VAL B 111 -13.52 -14.07 25.82
N LEU B 112 -12.73 -13.11 26.27
CA LEU B 112 -11.58 -13.39 27.09
C LEU B 112 -11.70 -12.96 28.54
N GLU B 113 -10.89 -13.59 29.39
CA GLU B 113 -10.87 -13.29 30.82
C GLU B 113 -10.13 -11.97 30.99
N ASP B 114 -9.15 -11.72 30.13
CA ASP B 114 -8.37 -10.49 30.20
C ASP B 114 -7.78 -10.04 28.86
N LEU B 115 -8.17 -8.86 28.39
CA LEU B 115 -7.64 -8.37 27.13
C LEU B 115 -6.13 -8.42 27.17
N ARG B 116 -5.56 -7.98 28.27
CA ARG B 116 -4.11 -7.97 28.42
C ARG B 116 -3.53 -9.35 28.13
N ASN B 117 -4.36 -10.37 28.13
CA ASN B 117 -3.88 -11.72 27.87
C ASN B 117 -3.53 -12.00 26.42
N VAL B 118 -4.06 -11.21 25.49
CA VAL B 118 -3.78 -11.40 24.07
C VAL B 118 -2.31 -11.17 23.77
N THR B 119 -1.71 -12.06 23.00
CA THR B 119 -0.29 -11.95 22.64
C THR B 119 -0.02 -12.50 21.25
N PRO B 120 0.88 -11.85 20.51
CA PRO B 120 1.27 -12.25 19.15
C PRO B 120 2.03 -13.58 19.15
N PRO B 121 2.14 -14.22 17.99
CA PRO B 121 2.84 -15.49 17.86
C PRO B 121 4.35 -15.35 17.81
N LYS B 122 5.05 -16.47 17.93
CA LYS B 122 6.51 -16.51 17.89
C LYS B 122 6.84 -17.65 16.93
N VAL B 123 7.14 -17.31 15.69
CA VAL B 123 7.42 -18.33 14.69
C VAL B 123 8.90 -18.63 14.46
N SER B 124 9.22 -19.93 14.44
CA SER B 124 10.59 -20.39 14.20
C SER B 124 10.60 -21.54 13.20
N LEU B 125 11.58 -21.51 12.31
CA LEU B 125 11.69 -22.53 11.27
C LEU B 125 12.85 -23.51 11.51
N PHE B 126 12.50 -24.75 11.87
CA PHE B 126 13.52 -25.75 12.10
C PHE B 126 13.76 -26.43 10.76
N GLU B 127 15.03 -26.52 10.39
CA GLU B 127 15.43 -27.11 9.13
C GLU B 127 15.40 -28.64 9.18
N PRO B 128 15.38 -29.26 7.99
CA PRO B 128 15.34 -30.71 7.77
C PRO B 128 16.43 -31.48 8.50
N SER B 129 16.36 -32.81 8.43
CA SER B 129 17.33 -33.65 9.12
C SER B 129 18.34 -34.34 8.19
N LYS B 130 19.62 -34.12 8.47
CA LYS B 130 20.69 -34.71 7.68
C LYS B 130 20.32 -36.16 7.41
N ALA B 131 19.89 -36.87 8.45
CA ALA B 131 19.49 -38.27 8.34
C ALA B 131 18.38 -38.42 7.32
N GLU B 132 17.21 -37.89 7.66
CA GLU B 132 16.06 -37.96 6.77
C GLU B 132 16.51 -37.79 5.32
N ILE B 133 17.21 -36.70 5.05
CA ILE B 133 17.69 -36.42 3.72
C ILE B 133 18.40 -37.63 3.13
N ALA B 134 19.41 -38.13 3.84
CA ALA B 134 20.17 -39.28 3.37
C ALA B 134 19.32 -40.52 3.16
N ASN B 135 18.75 -41.03 4.25
CA ASN B 135 17.92 -42.22 4.19
C ASN B 135 16.72 -42.10 3.24
N LYS B 136 15.73 -41.31 3.63
CA LYS B 136 14.52 -41.12 2.82
C LYS B 136 14.63 -40.22 1.60
N GLN B 137 15.75 -39.54 1.43
CA GLN B 137 15.94 -38.66 0.28
C GLN B 137 14.85 -37.59 0.24
N LYS B 138 14.63 -36.93 1.37
CA LYS B 138 13.62 -35.89 1.48
C LYS B 138 13.98 -34.93 2.61
N ALA B 139 13.43 -33.73 2.55
CA ALA B 139 13.68 -32.72 3.57
C ALA B 139 12.35 -32.21 4.10
N THR B 140 12.11 -32.43 5.39
CA THR B 140 10.88 -31.97 5.99
C THR B 140 11.15 -30.78 6.91
N LEU B 141 10.75 -29.61 6.45
CA LEU B 141 10.94 -28.38 7.21
C LEU B 141 9.79 -28.25 8.20
N VAL B 142 10.11 -28.09 9.48
CA VAL B 142 9.08 -27.96 10.49
C VAL B 142 9.04 -26.55 11.07
N CYS B 143 7.86 -25.97 11.06
CA CYS B 143 7.66 -24.64 11.59
C CYS B 143 6.80 -24.76 12.85
N LEU B 144 7.17 -24.04 13.90
CA LEU B 144 6.41 -24.11 15.14
C LEU B 144 6.10 -22.73 15.68
N ALA B 145 4.84 -22.33 15.61
CA ALA B 145 4.41 -21.03 16.12
C ALA B 145 4.04 -21.32 17.56
N ARG B 146 4.54 -20.50 18.49
CA ARG B 146 4.28 -20.72 19.90
C ARG B 146 3.82 -19.53 20.71
N GLY B 147 3.22 -19.84 21.86
CA GLY B 147 2.72 -18.85 22.80
C GLY B 147 2.08 -17.61 22.22
N PHE B 148 0.79 -17.70 21.93
CA PHE B 148 0.03 -16.60 21.37
C PHE B 148 -1.38 -16.85 21.90
N PHE B 149 -2.20 -15.82 21.93
CA PHE B 149 -3.55 -15.97 22.46
C PHE B 149 -4.39 -14.76 22.03
N PRO B 150 -5.61 -15.01 21.49
CA PRO B 150 -6.24 -16.31 21.26
C PRO B 150 -5.75 -17.01 19.99
N ASP B 151 -6.43 -18.08 19.60
CA ASP B 151 -6.06 -18.86 18.43
C ASP B 151 -6.58 -18.41 17.07
N HIS B 152 -6.56 -17.12 16.77
CA HIS B 152 -7.02 -16.68 15.46
C HIS B 152 -5.82 -16.58 14.52
N VAL B 153 -5.20 -17.72 14.24
CA VAL B 153 -4.03 -17.75 13.36
C VAL B 153 -4.22 -18.55 12.09
N GLU B 154 -3.36 -18.28 11.11
CA GLU B 154 -3.38 -18.96 9.84
C GLU B 154 -1.95 -19.11 9.41
N LEU B 155 -1.43 -20.32 9.53
CA LEU B 155 -0.05 -20.57 9.14
C LEU B 155 -0.01 -20.67 7.62
N SER B 156 1.11 -20.23 7.06
CA SER B 156 1.25 -20.24 5.61
C SER B 156 2.71 -20.43 5.19
N TRP B 157 2.91 -21.29 4.21
CA TRP B 157 4.24 -21.55 3.71
C TRP B 157 4.46 -20.73 2.44
N TRP B 158 5.65 -20.17 2.34
CA TRP B 158 6.00 -19.36 1.18
C TRP B 158 7.37 -19.77 0.71
N VAL B 159 7.43 -20.31 -0.51
CA VAL B 159 8.69 -20.74 -1.08
C VAL B 159 9.04 -19.89 -2.29
N ASN B 160 10.19 -19.22 -2.23
CA ASN B 160 10.62 -18.37 -3.32
C ASN B 160 9.60 -17.28 -3.61
N GLY B 161 9.02 -16.72 -2.56
CA GLY B 161 8.05 -15.65 -2.72
C GLY B 161 6.66 -16.08 -3.16
N LYS B 162 6.53 -17.32 -3.61
CA LYS B 162 5.25 -17.82 -4.05
C LYS B 162 4.67 -18.74 -3.00
N GLU B 163 3.37 -18.61 -2.73
CA GLU B 163 2.73 -19.44 -1.73
C GLU B 163 2.69 -20.88 -2.23
N VAL B 164 2.68 -21.84 -1.30
CA VAL B 164 2.65 -23.23 -1.70
C VAL B 164 1.71 -24.04 -0.82
N HIS B 165 1.30 -25.20 -1.32
CA HIS B 165 0.40 -26.06 -0.55
C HIS B 165 0.83 -27.52 -0.74
N SER B 166 1.32 -27.84 -1.92
CA SER B 166 1.76 -29.20 -2.16
C SER B 166 2.81 -29.51 -1.11
N GLY B 167 2.64 -30.61 -0.40
CA GLY B 167 3.60 -31.02 0.62
C GLY B 167 3.45 -30.36 1.98
N VAL B 168 2.68 -29.30 2.05
CA VAL B 168 2.46 -28.59 3.30
C VAL B 168 1.34 -29.24 4.13
N SER B 169 1.51 -29.25 5.44
CA SER B 169 0.50 -29.84 6.33
C SER B 169 0.55 -29.17 7.70
N THR B 170 -0.34 -28.20 7.88
CA THR B 170 -0.46 -27.44 9.12
C THR B 170 -1.37 -28.11 10.14
N ASP B 171 -1.02 -28.00 11.42
CA ASP B 171 -1.85 -28.60 12.45
C ASP B 171 -3.28 -28.17 12.21
N PRO B 172 -4.23 -29.10 12.38
CA PRO B 172 -5.64 -28.73 12.16
C PRO B 172 -6.06 -27.62 13.10
N GLN B 173 -6.08 -27.92 14.39
CA GLN B 173 -6.46 -26.95 15.41
C GLN B 173 -5.28 -26.76 16.35
N ALA B 174 -4.96 -25.50 16.66
CA ALA B 174 -3.86 -25.18 17.55
C ALA B 174 -4.12 -25.78 18.92
N TYR B 175 -3.03 -26.02 19.66
CA TYR B 175 -3.13 -26.63 20.98
C TYR B 175 -2.99 -25.61 22.11
N LYS B 176 -3.50 -25.99 23.28
CA LYS B 176 -3.43 -25.11 24.44
C LYS B 176 -2.17 -25.45 25.22
N GLU B 177 -1.04 -24.89 24.79
CA GLU B 177 0.23 -25.14 25.45
C GLU B 177 0.14 -24.87 26.96
N SER B 178 -0.66 -23.89 27.31
CA SER B 178 -0.87 -23.51 28.70
C SER B 178 -2.34 -23.08 28.81
N ASN B 179 -2.72 -22.51 29.95
CA ASN B 179 -4.09 -22.06 30.09
C ASN B 179 -4.25 -20.79 29.27
N TYR B 180 -3.18 -20.01 29.19
CA TYR B 180 -3.18 -18.76 28.44
C TYR B 180 -2.11 -18.77 27.36
N SER B 181 -1.94 -19.91 26.70
CA SER B 181 -0.94 -20.00 25.64
C SER B 181 -1.18 -21.14 24.67
N TYR B 182 -1.40 -20.77 23.41
CA TYR B 182 -1.66 -21.75 22.37
C TYR B 182 -0.41 -21.96 21.52
N SER B 183 -0.47 -22.96 20.65
CA SER B 183 0.64 -23.30 19.78
C SER B 183 0.11 -23.99 18.53
N LEU B 184 0.91 -23.98 17.47
CA LEU B 184 0.50 -24.60 16.22
C LEU B 184 1.74 -24.85 15.37
N SER B 185 1.94 -26.10 14.99
CA SER B 185 3.09 -26.47 14.18
C SER B 185 2.62 -26.87 12.79
N SER B 186 3.53 -26.89 11.83
CA SER B 186 3.20 -27.25 10.46
C SER B 186 4.43 -27.82 9.81
N ARG B 187 4.22 -28.68 8.81
CA ARG B 187 5.34 -29.26 8.10
C ARG B 187 5.23 -29.13 6.59
N LEU B 188 6.38 -28.92 5.97
CA LEU B 188 6.48 -28.77 4.53
C LEU B 188 7.62 -29.69 4.10
N ARG B 189 7.36 -30.57 3.13
CA ARG B 189 8.39 -31.49 2.66
C ARG B 189 8.74 -31.29 1.20
N VAL B 190 10.04 -31.24 0.92
CA VAL B 190 10.53 -31.06 -0.44
C VAL B 190 11.64 -32.07 -0.73
N SER B 191 12.04 -32.19 -1.99
CA SER B 191 13.10 -33.11 -2.35
C SER B 191 14.41 -32.68 -1.70
N ALA B 192 15.31 -33.64 -1.53
CA ALA B 192 16.60 -33.36 -0.94
C ALA B 192 17.42 -32.50 -1.92
N THR B 193 16.97 -32.48 -3.16
CA THR B 193 17.64 -31.71 -4.19
C THR B 193 17.20 -30.25 -4.05
N PHE B 194 15.90 -30.05 -3.89
CA PHE B 194 15.35 -28.71 -3.75
C PHE B 194 15.82 -28.05 -2.47
N TRP B 195 15.98 -28.84 -1.41
CA TRP B 195 16.42 -28.32 -0.13
C TRP B 195 17.89 -27.92 -0.18
N HIS B 196 18.68 -28.64 -0.96
CA HIS B 196 20.11 -28.37 -1.08
C HIS B 196 20.44 -27.12 -1.93
N ASN B 197 19.53 -26.70 -2.79
CA ASN B 197 19.78 -25.53 -3.64
C ASN B 197 19.80 -24.24 -2.82
N PRO B 198 20.98 -23.64 -2.67
CA PRO B 198 21.22 -22.40 -1.92
C PRO B 198 20.45 -21.23 -2.49
N ARG B 199 19.87 -21.44 -3.65
CA ARG B 199 19.09 -20.39 -4.30
C ARG B 199 17.61 -20.67 -4.12
N ASN B 200 17.28 -21.35 -3.02
CA ASN B 200 15.90 -21.69 -2.73
C ASN B 200 15.47 -21.16 -1.37
N HIS B 201 14.56 -20.19 -1.39
CA HIS B 201 14.04 -19.54 -0.19
C HIS B 201 12.82 -20.21 0.42
N PHE B 202 12.79 -20.28 1.76
CA PHE B 202 11.68 -20.89 2.49
C PHE B 202 11.24 -19.95 3.59
N ARG B 203 9.94 -19.67 3.65
CA ARG B 203 9.42 -18.78 4.67
C ARG B 203 8.11 -19.28 5.27
N CYS B 204 8.03 -19.26 6.60
CA CYS B 204 6.86 -19.71 7.33
C CYS B 204 6.13 -18.49 7.90
N GLN B 205 5.06 -18.09 7.23
CA GLN B 205 4.27 -16.93 7.64
C GLN B 205 3.05 -17.33 8.46
N VAL B 206 2.96 -16.80 9.69
CA VAL B 206 1.85 -17.09 10.59
C VAL B 206 0.97 -15.86 10.78
N GLN B 207 -0.18 -15.83 10.13
CA GLN B 207 -1.09 -14.70 10.23
C GLN B 207 -1.81 -14.71 11.56
N PHE B 208 -1.56 -13.68 12.38
CA PHE B 208 -2.20 -13.55 13.67
C PHE B 208 -3.27 -12.48 13.61
N HIS B 209 -4.36 -12.70 14.33
CA HIS B 209 -5.47 -11.77 14.37
C HIS B 209 -5.62 -11.24 15.78
N GLY B 210 -5.28 -9.96 15.97
CA GLY B 210 -5.40 -9.34 17.28
C GLY B 210 -6.55 -8.35 17.34
N LEU B 211 -6.36 -7.28 18.11
CA LEU B 211 -7.39 -6.25 18.24
C LEU B 211 -7.24 -5.26 17.08
N SER B 212 -8.24 -4.40 16.90
CA SER B 212 -8.17 -3.44 15.81
C SER B 212 -8.37 -2.03 16.31
N GLU B 213 -9.01 -1.21 15.49
CA GLU B 213 -9.28 0.20 15.83
C GLU B 213 -9.84 0.36 17.22
N GLU B 214 -10.69 -0.57 17.64
CA GLU B 214 -11.23 -0.52 18.98
C GLU B 214 -10.04 -0.73 19.91
N ASP B 215 -8.94 -0.07 19.59
CA ASP B 215 -7.72 -0.20 20.38
C ASP B 215 -7.95 0.09 21.87
N LYS B 216 -8.13 -0.96 22.65
CA LYS B 216 -8.35 -0.77 24.07
C LYS B 216 -7.18 -1.35 24.83
N TRP B 217 -5.97 -0.87 24.53
CA TRP B 217 -4.79 -1.40 25.21
C TRP B 217 -4.31 -0.66 26.44
N PRO B 218 -4.36 -1.34 27.60
CA PRO B 218 -3.91 -0.73 28.85
C PRO B 218 -2.53 -0.09 28.71
N GLU B 219 -2.51 1.21 28.45
CA GLU B 219 -1.28 1.98 28.31
C GLU B 219 -0.18 1.35 29.18
N GLY B 220 0.60 0.44 28.60
CA GLY B 220 1.65 -0.19 29.38
C GLY B 220 2.54 -1.10 28.55
N SER B 221 2.07 -1.40 27.34
CA SER B 221 2.80 -2.25 26.43
C SER B 221 2.15 -2.18 25.06
N PRO B 222 2.87 -2.63 24.02
CA PRO B 222 2.38 -2.62 22.64
C PRO B 222 1.08 -3.39 22.45
N LYS B 223 0.21 -2.86 21.60
CA LYS B 223 -1.08 -3.49 21.31
C LYS B 223 -0.89 -4.63 20.31
N PRO B 224 -1.38 -5.83 20.67
CA PRO B 224 -1.25 -6.99 19.78
C PRO B 224 -2.31 -6.97 18.69
N VAL B 225 -1.93 -6.38 17.56
CA VAL B 225 -2.82 -6.26 16.43
C VAL B 225 -2.60 -7.39 15.43
N THR B 226 -3.55 -7.56 14.53
CA THR B 226 -3.44 -8.59 13.50
C THR B 226 -2.08 -8.30 12.86
N GLN B 227 -1.29 -9.34 12.64
CA GLN B 227 0.03 -9.16 12.05
C GLN B 227 0.53 -10.46 11.46
N ASN B 228 1.49 -10.34 10.54
CA ASN B 228 2.07 -11.51 9.90
C ASN B 228 3.50 -11.68 10.44
N ILE B 229 3.72 -12.76 11.19
CA ILE B 229 5.04 -13.03 11.74
C ILE B 229 5.58 -14.27 11.04
N SER B 230 6.78 -14.16 10.49
CA SER B 230 7.37 -15.28 9.78
C SER B 230 8.83 -15.59 10.15
N ALA B 231 9.31 -16.74 9.67
CA ALA B 231 10.67 -17.20 9.90
C ALA B 231 11.09 -17.90 8.62
N GLU B 232 12.20 -17.46 8.03
CA GLU B 232 12.66 -18.06 6.78
C GLU B 232 14.11 -18.54 6.77
N ALA B 233 14.46 -19.31 5.76
CA ALA B 233 15.81 -19.84 5.60
C ALA B 233 16.04 -20.15 4.12
N TRP B 234 17.30 -20.43 3.76
CA TRP B 234 17.65 -20.73 2.38
C TRP B 234 17.89 -22.22 2.14
N GLY B 235 18.60 -22.51 1.06
CA GLY B 235 18.91 -23.88 0.70
C GLY B 235 19.76 -24.63 1.68
N ARG B 236 20.63 -25.48 1.16
CA ARG B 236 21.54 -26.29 1.97
C ARG B 236 22.18 -25.48 3.10
N ALA B 237 21.95 -25.89 4.35
CA ALA B 237 22.50 -25.19 5.52
C ALA B 237 23.98 -24.83 5.33
N ASP B 238 24.46 -23.84 6.08
CA ASP B 238 25.85 -23.40 5.95
C ASP B 238 26.73 -23.52 7.20
N CYS B 239 27.88 -24.18 7.05
CA CYS B 239 28.84 -24.35 8.13
C CYS B 239 30.15 -23.70 7.70
N ASP C 1 -37.04 -20.34 -29.22
CA ASP C 1 -37.86 -19.80 -28.09
C ASP C 1 -37.38 -18.40 -27.73
N SER C 2 -38.24 -17.60 -27.11
CA SER C 2 -37.84 -16.24 -26.77
C SER C 2 -38.59 -15.56 -25.63
N VAL C 3 -37.99 -14.51 -25.10
CA VAL C 3 -38.59 -13.73 -24.02
C VAL C 3 -38.43 -12.25 -24.36
N THR C 4 -39.35 -11.74 -25.18
CA THR C 4 -39.32 -10.35 -25.62
C THR C 4 -39.85 -9.37 -24.57
N GLN C 5 -39.19 -8.22 -24.46
CA GLN C 5 -39.55 -7.15 -23.50
C GLN C 5 -39.28 -5.75 -24.07
N THR C 6 -40.05 -4.75 -23.62
CA THR C 6 -39.92 -3.36 -24.08
C THR C 6 -38.53 -3.00 -24.62
N GLU C 7 -38.49 -2.21 -25.69
CA GLU C 7 -37.23 -1.78 -26.31
C GLU C 7 -36.87 -0.31 -26.05
N GLY C 8 -37.81 0.45 -25.54
CA GLY C 8 -37.55 1.85 -25.27
C GLY C 8 -36.56 2.09 -24.15
N LEU C 9 -36.53 3.32 -23.64
CA LEU C 9 -35.61 3.66 -22.56
C LEU C 9 -36.41 3.85 -21.28
N VAL C 10 -37.70 4.13 -21.43
CA VAL C 10 -38.58 4.33 -20.29
C VAL C 10 -38.07 5.36 -19.30
N THR C 11 -37.91 6.60 -19.75
CA THR C 11 -37.45 7.64 -18.85
C THR C 11 -38.59 7.94 -17.89
N VAL C 12 -38.25 8.12 -16.62
CA VAL C 12 -39.27 8.38 -15.62
C VAL C 12 -38.81 9.42 -14.61
N THR C 13 -39.77 10.12 -14.02
CA THR C 13 -39.47 11.14 -13.00
C THR C 13 -39.73 10.47 -11.65
N GLU C 14 -38.80 10.64 -10.71
CA GLU C 14 -38.95 10.03 -9.40
C GLU C 14 -40.35 10.21 -8.85
N GLY C 15 -40.92 9.12 -8.34
CA GLY C 15 -42.26 9.17 -7.78
C GLY C 15 -43.33 8.55 -8.64
N LEU C 16 -43.21 8.70 -9.96
CA LEU C 16 -44.19 8.12 -10.88
C LEU C 16 -43.92 6.62 -10.97
N PRO C 17 -44.90 5.86 -11.46
CA PRO C 17 -44.75 4.41 -11.60
C PRO C 17 -43.95 3.95 -12.83
N VAL C 18 -43.58 2.68 -12.83
CA VAL C 18 -42.82 2.09 -13.93
C VAL C 18 -43.47 0.77 -14.32
N LYS C 19 -43.17 0.32 -15.53
CA LYS C 19 -43.73 -0.93 -16.03
C LYS C 19 -42.99 -1.40 -17.27
N LEU C 20 -42.16 -2.42 -17.09
CA LEU C 20 -41.42 -3.00 -18.21
C LEU C 20 -42.20 -4.25 -18.66
N ASN C 21 -42.56 -4.28 -19.95
CA ASN C 21 -43.31 -5.41 -20.49
C ASN C 21 -42.41 -6.59 -20.86
N CYS C 22 -42.77 -7.78 -20.41
CA CYS C 22 -42.01 -8.98 -20.75
C CYS C 22 -42.98 -10.12 -21.02
N THR C 23 -42.84 -10.72 -22.20
CA THR C 23 -43.65 -11.85 -22.62
C THR C 23 -42.64 -12.89 -23.06
N TYR C 24 -43.00 -14.16 -22.92
CA TYR C 24 -42.09 -15.23 -23.30
C TYR C 24 -42.70 -16.13 -24.37
N GLN C 25 -41.89 -17.05 -24.89
CA GLN C 25 -42.33 -18.00 -25.91
C GLN C 25 -41.48 -19.26 -25.72
N THR C 26 -42.08 -20.33 -25.19
CA THR C 26 -41.36 -21.57 -24.98
C THR C 26 -42.11 -22.80 -25.51
N THR C 27 -41.35 -23.84 -25.82
CA THR C 27 -41.93 -25.09 -26.33
C THR C 27 -41.99 -26.11 -25.21
N TYR C 28 -41.28 -25.84 -24.11
CA TYR C 28 -41.24 -26.73 -22.95
C TYR C 28 -41.81 -26.09 -21.70
N LEU C 29 -42.08 -26.93 -20.71
CA LEU C 29 -42.64 -26.45 -19.45
C LEU C 29 -41.69 -25.54 -18.70
N THR C 30 -42.03 -24.26 -18.63
CA THR C 30 -41.19 -23.30 -17.94
C THR C 30 -41.07 -23.70 -16.47
N ILE C 31 -39.85 -23.61 -15.94
CA ILE C 31 -39.60 -23.96 -14.55
C ILE C 31 -39.62 -22.78 -13.61
N ALA C 32 -39.15 -21.63 -14.08
CA ALA C 32 -39.13 -20.42 -13.27
C ALA C 32 -38.76 -19.21 -14.12
N PHE C 33 -39.29 -18.06 -13.77
CA PHE C 33 -39.00 -16.83 -14.50
C PHE C 33 -38.28 -15.92 -13.53
N PHE C 34 -37.42 -15.05 -14.06
CA PHE C 34 -36.66 -14.14 -13.21
C PHE C 34 -36.47 -12.79 -13.86
N TRP C 35 -36.21 -11.79 -13.02
CA TRP C 35 -35.97 -10.44 -13.48
C TRP C 35 -34.59 -10.08 -12.93
N TYR C 36 -33.72 -9.63 -13.81
CA TYR C 36 -32.38 -9.24 -13.42
C TYR C 36 -32.20 -7.74 -13.59
N VAL C 37 -31.50 -7.12 -12.65
CA VAL C 37 -31.23 -5.69 -12.70
C VAL C 37 -29.72 -5.57 -12.72
N GLN C 38 -29.17 -4.94 -13.75
CA GLN C 38 -27.73 -4.78 -13.85
C GLN C 38 -27.40 -3.31 -13.78
N TYR C 39 -26.93 -2.87 -12.62
CA TYR C 39 -26.59 -1.46 -12.41
C TYR C 39 -25.28 -1.04 -13.06
N LEU C 40 -25.24 0.22 -13.48
CA LEU C 40 -24.07 0.80 -14.12
C LEU C 40 -22.77 0.40 -13.42
N ASN C 41 -21.88 -0.27 -14.15
CA ASN C 41 -20.59 -0.69 -13.61
C ASN C 41 -20.70 -1.86 -12.65
N GLU C 42 -21.80 -2.59 -12.74
CA GLU C 42 -22.01 -3.74 -11.87
C GLU C 42 -22.47 -4.97 -12.63
N ALA C 43 -22.23 -6.15 -12.06
CA ALA C 43 -22.62 -7.41 -12.67
C ALA C 43 -24.15 -7.48 -12.57
N PRO C 44 -24.78 -8.31 -13.41
CA PRO C 44 -26.25 -8.43 -13.36
C PRO C 44 -26.75 -9.26 -12.18
N GLN C 45 -27.56 -8.65 -11.32
CA GLN C 45 -28.09 -9.36 -10.16
C GLN C 45 -29.59 -9.55 -10.22
N VAL C 46 -30.05 -10.62 -9.56
CA VAL C 46 -31.46 -10.94 -9.53
C VAL C 46 -32.21 -9.80 -8.87
N LEU C 47 -33.39 -9.51 -9.39
CA LEU C 47 -34.22 -8.46 -8.86
C LEU C 47 -35.37 -9.16 -8.18
N LEU C 48 -35.77 -10.28 -8.78
CA LEU C 48 -36.87 -11.10 -8.27
C LEU C 48 -37.12 -12.23 -9.26
N LYS C 49 -37.59 -13.37 -8.75
CA LYS C 49 -37.87 -14.53 -9.58
C LYS C 49 -39.17 -15.21 -9.09
N SER C 50 -39.90 -15.89 -9.97
CA SER C 50 -41.15 -16.51 -9.57
C SER C 50 -41.46 -17.83 -10.28
N SER C 51 -42.31 -18.68 -9.67
CA SER C 51 -42.68 -19.97 -10.26
C SER C 51 -44.17 -20.25 -10.24
N THR C 52 -44.88 -19.58 -9.34
CA THR C 52 -46.33 -19.76 -9.22
C THR C 52 -46.98 -18.80 -10.20
N ASP C 53 -48.25 -19.01 -10.52
CA ASP C 53 -48.93 -18.11 -11.46
C ASP C 53 -49.70 -16.98 -10.78
N ASN C 54 -49.15 -16.50 -9.67
CA ASN C 54 -49.73 -15.38 -8.92
C ASN C 54 -49.16 -15.31 -7.54
N LYS C 55 -48.10 -14.52 -7.44
CA LYS C 55 -47.39 -14.28 -6.21
C LYS C 55 -46.78 -12.92 -6.51
N ARG C 56 -47.38 -11.86 -5.99
CA ARG C 56 -46.85 -10.54 -6.23
C ARG C 56 -45.38 -10.54 -5.80
N THR C 57 -44.56 -11.35 -6.47
CA THR C 57 -43.13 -11.45 -6.15
C THR C 57 -42.55 -10.07 -5.88
N GLU C 58 -42.28 -9.80 -4.61
CA GLU C 58 -41.76 -8.50 -4.18
C GLU C 58 -40.33 -8.44 -3.71
N HIS C 59 -39.69 -7.32 -4.03
CA HIS C 59 -38.31 -7.03 -3.63
C HIS C 59 -37.97 -5.53 -3.66
N GLN C 60 -36.89 -5.17 -2.93
CA GLN C 60 -36.39 -3.81 -2.78
C GLN C 60 -36.98 -2.95 -3.90
N GLY C 61 -38.28 -2.65 -3.70
CA GLY C 61 -39.11 -1.79 -4.55
C GLY C 61 -39.95 -2.38 -5.68
N PHE C 62 -39.33 -3.19 -6.53
CA PHE C 62 -40.07 -3.71 -7.65
C PHE C 62 -40.99 -4.84 -7.27
N HIS C 63 -42.02 -5.01 -8.10
CA HIS C 63 -43.03 -6.05 -7.98
C HIS C 63 -43.41 -6.49 -9.39
N ALA C 64 -43.60 -7.79 -9.57
CA ALA C 64 -43.96 -8.31 -10.88
C ALA C 64 -44.66 -9.66 -10.76
N THR C 65 -45.93 -9.73 -11.15
CA THR C 65 -46.68 -10.98 -11.08
C THR C 65 -46.77 -11.68 -12.44
N LEU C 66 -46.51 -12.99 -12.43
CA LEU C 66 -46.55 -13.75 -13.67
C LEU C 66 -47.95 -14.22 -14.03
N HIS C 67 -48.20 -14.35 -15.34
CA HIS C 67 -49.49 -14.80 -15.85
C HIS C 67 -49.31 -15.68 -17.09
N LYS C 68 -49.26 -16.99 -16.87
CA LYS C 68 -49.09 -17.95 -17.94
C LYS C 68 -50.14 -17.75 -19.02
N SER C 69 -51.41 -17.72 -18.63
CA SER C 69 -52.48 -17.54 -19.61
C SER C 69 -51.95 -16.68 -20.74
N SER C 70 -51.78 -15.38 -20.48
CA SER C 70 -51.30 -14.45 -21.50
C SER C 70 -49.79 -14.43 -21.67
N SER C 71 -49.09 -15.38 -21.07
CA SER C 71 -47.64 -15.46 -21.16
C SER C 71 -46.99 -14.11 -20.87
N SER C 72 -46.82 -13.79 -19.60
CA SER C 72 -46.22 -12.52 -19.22
C SER C 72 -45.71 -12.48 -17.78
N PHE C 73 -44.60 -11.78 -17.59
CA PHE C 73 -43.97 -11.61 -16.29
C PHE C 73 -43.63 -10.13 -16.16
N HIS C 74 -44.58 -9.28 -16.57
CA HIS C 74 -44.40 -7.83 -16.53
C HIS C 74 -43.87 -7.32 -15.19
N LEU C 75 -43.08 -6.25 -15.25
CA LEU C 75 -42.51 -5.66 -14.05
C LEU C 75 -42.97 -4.23 -13.89
N GLN C 76 -43.31 -3.85 -12.66
CA GLN C 76 -43.76 -2.49 -12.39
C GLN C 76 -43.41 -2.06 -10.97
N LYS C 77 -43.28 -0.76 -10.79
CA LYS C 77 -42.95 -0.19 -9.49
C LYS C 77 -43.62 1.20 -9.39
N SER C 78 -44.58 1.32 -8.48
CA SER C 78 -45.31 2.56 -8.27
C SER C 78 -44.42 3.80 -8.14
N SER C 79 -43.67 3.87 -7.04
CA SER C 79 -42.78 4.99 -6.81
C SER C 79 -41.42 4.61 -7.36
N ALA C 80 -40.78 5.53 -8.07
CA ALA C 80 -39.48 5.23 -8.66
C ALA C 80 -38.35 6.09 -8.08
N GLN C 81 -37.34 5.44 -7.52
CA GLN C 81 -36.21 6.17 -6.96
C GLN C 81 -35.14 6.30 -8.04
N LEU C 82 -34.30 7.32 -7.90
CA LEU C 82 -33.23 7.55 -8.86
C LEU C 82 -32.29 6.35 -8.90
N SER C 83 -32.27 5.58 -7.81
CA SER C 83 -31.39 4.41 -7.72
C SER C 83 -31.79 3.34 -8.72
N ASP C 84 -33.07 3.32 -9.09
CA ASP C 84 -33.57 2.33 -10.03
C ASP C 84 -32.95 2.47 -11.43
N SER C 85 -32.25 3.56 -11.67
CA SER C 85 -31.60 3.80 -12.97
C SER C 85 -30.69 2.64 -13.39
N ALA C 86 -31.20 1.67 -14.16
CA ALA C 86 -30.35 0.54 -14.58
C ALA C 86 -30.90 -0.25 -15.77
N LEU C 87 -30.19 -1.32 -16.09
CA LEU C 87 -30.57 -2.22 -17.20
C LEU C 87 -31.34 -3.42 -16.65
N TYR C 88 -32.42 -3.79 -17.32
CA TYR C 88 -33.21 -4.92 -16.86
C TYR C 88 -33.31 -6.08 -17.84
N TYR C 89 -33.17 -7.28 -17.32
CA TYR C 89 -33.23 -8.50 -18.13
C TYR C 89 -34.33 -9.46 -17.70
N CYS C 90 -35.17 -9.86 -18.65
CA CYS C 90 -36.24 -10.79 -18.37
C CYS C 90 -35.78 -12.15 -18.88
N ALA C 91 -35.92 -13.18 -18.06
CA ALA C 91 -35.49 -14.50 -18.49
C ALA C 91 -36.24 -15.61 -17.79
N LEU C 92 -35.99 -16.85 -18.21
CA LEU C 92 -36.64 -17.99 -17.63
C LEU C 92 -35.87 -19.25 -17.96
N SER C 93 -36.35 -20.37 -17.44
CA SER C 93 -35.76 -21.66 -17.67
C SER C 93 -36.91 -22.59 -18.00
N GLU C 94 -36.78 -23.32 -19.10
CA GLU C 94 -37.82 -24.24 -19.53
C GLU C 94 -37.27 -25.66 -19.58
N GLY C 95 -38.16 -26.64 -19.45
CA GLY C 95 -37.75 -28.04 -19.48
C GLY C 95 -37.20 -28.53 -20.80
N GLY C 96 -36.96 -29.83 -20.89
CA GLY C 96 -36.43 -30.42 -22.11
C GLY C 96 -35.06 -29.93 -22.51
N ASN C 97 -35.01 -28.81 -23.23
CA ASN C 97 -33.75 -28.24 -23.68
C ASN C 97 -32.89 -27.78 -22.49
N TYR C 98 -33.56 -27.53 -21.37
CA TYR C 98 -32.87 -27.07 -20.16
C TYR C 98 -32.53 -25.60 -20.37
N LYS C 99 -32.90 -25.09 -21.54
CA LYS C 99 -32.61 -23.72 -21.92
C LYS C 99 -32.96 -22.65 -20.90
N TYR C 100 -32.08 -21.66 -20.80
CA TYR C 100 -32.26 -20.54 -19.89
C TYR C 100 -32.29 -19.27 -20.76
N VAL C 101 -33.43 -19.05 -21.40
CA VAL C 101 -33.66 -17.90 -22.28
C VAL C 101 -33.50 -16.54 -21.63
N PHE C 102 -32.99 -15.58 -22.38
CA PHE C 102 -32.78 -14.23 -21.85
C PHE C 102 -33.46 -13.17 -22.70
N GLY C 103 -33.90 -12.11 -22.04
CA GLY C 103 -34.57 -11.02 -22.73
C GLY C 103 -33.59 -10.03 -23.32
N ALA C 104 -34.01 -9.39 -24.41
CA ALA C 104 -33.18 -8.41 -25.09
C ALA C 104 -32.60 -7.44 -24.07
N GLY C 105 -33.47 -6.88 -23.23
CA GLY C 105 -33.06 -5.93 -22.22
C GLY C 105 -33.82 -4.62 -22.33
N THR C 106 -33.84 -3.86 -21.23
CA THR C 106 -34.53 -2.57 -21.19
C THR C 106 -33.79 -1.61 -20.27
N ARG C 107 -33.36 -0.48 -20.81
CA ARG C 107 -32.67 0.51 -20.00
C ARG C 107 -33.71 1.31 -19.24
N LEU C 108 -33.33 1.79 -18.05
CA LEU C 108 -34.23 2.60 -17.23
C LEU C 108 -33.51 3.84 -16.72
N LYS C 109 -34.10 5.00 -16.98
CA LYS C 109 -33.50 6.27 -16.53
C LYS C 109 -34.54 7.14 -15.85
N VAL C 110 -34.51 7.12 -14.52
CA VAL C 110 -35.42 7.92 -13.72
C VAL C 110 -34.76 9.27 -13.50
N ILE C 111 -35.47 10.34 -13.81
CA ILE C 111 -34.91 11.67 -13.63
C ILE C 111 -35.43 12.31 -12.35
N ALA C 112 -34.80 13.39 -11.95
CA ALA C 112 -35.20 14.09 -10.72
C ALA C 112 -36.29 15.13 -10.98
N HIS C 113 -36.82 15.68 -9.88
CA HIS C 113 -37.86 16.70 -9.95
C HIS C 113 -37.41 17.86 -9.06
N ILE C 114 -37.07 18.98 -9.68
CA ILE C 114 -36.63 20.15 -8.94
C ILE C 114 -37.81 21.02 -8.51
N GLN C 115 -37.89 21.31 -7.22
CA GLN C 115 -38.98 22.14 -6.70
C GLN C 115 -38.91 23.57 -7.23
N ASN C 116 -37.82 24.27 -6.91
CA ASN C 116 -37.63 25.64 -7.35
C ASN C 116 -36.40 25.75 -8.24
N PRO C 117 -36.57 25.47 -9.54
CA PRO C 117 -35.46 25.53 -10.51
C PRO C 117 -34.74 26.88 -10.50
N GLU C 118 -33.41 26.83 -10.40
CA GLU C 118 -32.59 28.03 -10.39
C GLU C 118 -31.51 27.97 -11.46
N PRO C 119 -31.90 27.79 -12.73
CA PRO C 119 -30.95 27.71 -13.85
C PRO C 119 -29.79 28.69 -13.69
N ALA C 120 -28.57 28.18 -13.84
CA ALA C 120 -27.38 29.01 -13.71
C ALA C 120 -26.15 28.28 -14.24
N VAL C 121 -25.29 29.03 -14.92
CA VAL C 121 -24.07 28.47 -15.49
C VAL C 121 -22.85 29.28 -15.04
N TYR C 122 -21.98 28.64 -14.26
CA TYR C 122 -20.77 29.29 -13.77
C TYR C 122 -19.53 28.77 -14.47
N GLN C 123 -18.46 29.56 -14.41
CA GLN C 123 -17.19 29.20 -15.01
C GLN C 123 -16.17 28.96 -13.90
N LEU C 124 -15.75 27.71 -13.73
CA LEU C 124 -14.77 27.37 -12.70
C LEU C 124 -13.37 27.39 -13.29
N LYS C 125 -12.37 27.57 -12.44
CA LYS C 125 -10.98 27.62 -12.89
C LYS C 125 -10.13 26.47 -12.35
N ASP C 126 -8.95 26.29 -12.93
CA ASP C 126 -8.03 25.25 -12.51
C ASP C 126 -6.68 25.88 -12.16
N PRO C 127 -6.30 25.81 -10.87
CA PRO C 127 -5.02 26.38 -10.44
C PRO C 127 -3.83 25.79 -11.18
N ARG C 128 -3.98 24.54 -11.62
CA ARG C 128 -2.91 23.87 -12.34
C ARG C 128 -2.59 24.58 -13.64
N SER C 129 -2.96 23.97 -14.76
CA SER C 129 -2.70 24.56 -16.07
C SER C 129 -3.46 25.88 -16.28
N GLN C 130 -2.81 26.82 -16.96
CA GLN C 130 -3.40 28.13 -17.24
C GLN C 130 -4.67 28.04 -18.09
N ASP C 131 -4.73 27.06 -18.99
CA ASP C 131 -5.89 26.89 -19.84
C ASP C 131 -6.98 26.15 -19.06
N SER C 132 -8.22 26.59 -19.20
CA SER C 132 -9.32 25.96 -18.50
C SER C 132 -10.69 26.57 -18.78
N THR C 133 -11.23 26.32 -19.96
CA THR C 133 -12.54 26.84 -20.34
C THR C 133 -13.59 25.88 -19.83
N LEU C 134 -13.91 25.99 -18.54
CA LEU C 134 -14.90 25.12 -17.92
C LEU C 134 -16.17 25.90 -17.56
N CYS C 135 -17.31 25.23 -17.66
CA CYS C 135 -18.60 25.84 -17.34
C CYS C 135 -19.44 24.83 -16.59
N LEU C 136 -20.26 25.31 -15.65
CA LEU C 136 -21.11 24.41 -14.88
C LEU C 136 -22.57 24.85 -14.89
N PHE C 137 -23.42 24.01 -15.47
CA PHE C 137 -24.84 24.29 -15.53
C PHE C 137 -25.51 23.46 -14.45
N THR C 138 -26.11 24.15 -13.49
CA THR C 138 -26.77 23.45 -12.40
C THR C 138 -28.16 23.99 -12.07
N ASP C 139 -28.81 23.32 -11.13
CA ASP C 139 -30.14 23.66 -10.64
C ASP C 139 -31.15 24.03 -11.73
N PHE C 140 -30.86 23.66 -12.97
CA PHE C 140 -31.79 23.94 -14.06
C PHE C 140 -32.84 22.82 -14.01
N ASP C 141 -34.04 23.13 -14.49
CA ASP C 141 -35.11 22.12 -14.48
C ASP C 141 -34.70 20.78 -15.07
N SER C 142 -35.32 19.72 -14.56
CA SER C 142 -35.05 18.35 -15.00
C SER C 142 -35.69 18.03 -16.35
N GLN C 143 -36.32 19.02 -16.98
CA GLN C 143 -36.99 18.82 -18.26
C GLN C 143 -36.39 19.57 -19.43
N ILE C 144 -35.51 20.52 -19.15
CA ILE C 144 -34.88 21.32 -20.21
C ILE C 144 -33.88 20.51 -21.01
N ASN C 145 -33.83 20.76 -22.31
CA ASN C 145 -32.91 20.04 -23.20
C ASN C 145 -31.56 20.75 -23.31
N VAL C 146 -30.57 20.29 -22.54
CA VAL C 146 -29.24 20.89 -22.56
C VAL C 146 -28.69 20.87 -23.98
N PRO C 147 -28.20 22.03 -24.44
CA PRO C 147 -27.64 22.14 -25.80
C PRO C 147 -26.49 21.16 -26.05
N LYS C 148 -25.99 21.16 -27.28
CA LYS C 148 -24.90 20.28 -27.66
C LYS C 148 -23.79 21.05 -28.37
N THR C 149 -22.59 20.47 -28.40
CA THR C 149 -21.44 21.11 -29.03
C THR C 149 -21.67 21.39 -30.50
N MET C 150 -21.21 22.55 -30.96
CA MET C 150 -21.36 22.93 -32.36
C MET C 150 -20.01 23.00 -33.07
N GLU C 151 -18.93 22.90 -32.30
CA GLU C 151 -17.60 22.96 -32.89
C GLU C 151 -16.59 22.07 -32.15
N SER C 152 -15.49 21.76 -32.81
CA SER C 152 -14.44 20.94 -32.23
C SER C 152 -13.79 21.65 -31.06
N GLY C 153 -13.00 20.92 -30.29
CA GLY C 153 -12.33 21.51 -29.15
C GLY C 153 -13.30 21.89 -28.05
N THR C 154 -14.59 21.83 -28.36
CA THR C 154 -15.63 22.17 -27.39
C THR C 154 -16.48 20.93 -27.09
N PHE C 155 -17.17 20.93 -25.96
CA PHE C 155 -18.01 19.80 -25.62
C PHE C 155 -18.99 19.97 -24.46
N ILE C 156 -20.24 19.58 -24.73
CA ILE C 156 -21.31 19.65 -23.75
C ILE C 156 -21.84 18.25 -23.43
N THR C 157 -21.52 17.79 -22.22
CA THR C 157 -21.93 16.48 -21.75
C THR C 157 -23.46 16.38 -21.64
N ASP C 158 -23.94 15.30 -21.04
CA ASP C 158 -25.37 15.08 -20.86
C ASP C 158 -25.76 15.36 -19.41
N LYS C 159 -26.96 15.89 -19.19
CA LYS C 159 -27.43 16.21 -17.85
C LYS C 159 -27.27 15.03 -16.89
N THR C 160 -26.98 15.34 -15.63
CA THR C 160 -26.79 14.33 -14.59
C THR C 160 -27.25 14.88 -13.23
N VAL C 161 -27.93 14.03 -12.46
CA VAL C 161 -28.46 14.43 -11.15
C VAL C 161 -27.54 14.12 -9.97
N LEU C 162 -27.57 15.00 -8.97
CA LEU C 162 -26.75 14.83 -7.77
C LEU C 162 -27.58 15.24 -6.56
N ASP C 163 -27.59 14.38 -5.55
CA ASP C 163 -28.34 14.63 -4.33
C ASP C 163 -27.37 14.65 -3.15
N MET C 164 -26.82 15.83 -2.86
CA MET C 164 -25.87 15.99 -1.77
C MET C 164 -26.40 15.58 -0.40
N LYS C 165 -25.46 15.41 0.53
CA LYS C 165 -25.75 15.01 1.91
C LYS C 165 -27.21 15.23 2.29
N ALA C 166 -27.93 14.12 2.39
CA ALA C 166 -29.35 14.12 2.74
C ALA C 166 -29.75 15.33 3.57
N MET C 167 -30.25 16.36 2.88
CA MET C 167 -30.67 17.57 3.55
C MET C 167 -31.94 18.07 2.88
N ASP C 168 -31.86 18.26 1.56
CA ASP C 168 -33.03 18.72 0.81
C ASP C 168 -33.00 18.27 -0.64
N SER C 169 -33.51 19.12 -1.52
CA SER C 169 -33.58 18.82 -2.95
C SER C 169 -32.24 18.51 -3.61
N LYS C 170 -32.33 17.87 -4.77
CA LYS C 170 -31.19 17.47 -5.57
C LYS C 170 -30.92 18.55 -6.63
N SER C 171 -29.93 18.32 -7.47
CA SER C 171 -29.59 19.30 -8.50
C SER C 171 -29.11 18.70 -9.82
N ASN C 172 -29.69 19.19 -10.90
CA ASN C 172 -29.34 18.73 -12.24
C ASN C 172 -28.09 19.45 -12.72
N GLY C 173 -27.17 18.70 -13.31
CA GLY C 173 -25.94 19.29 -13.80
C GLY C 173 -25.65 19.03 -15.27
N ALA C 174 -24.64 19.73 -15.78
CA ALA C 174 -24.21 19.62 -17.16
C ALA C 174 -23.04 20.57 -17.37
N ILE C 175 -21.84 20.03 -17.46
CA ILE C 175 -20.65 20.85 -17.63
C ILE C 175 -20.12 20.86 -19.06
N ALA C 176 -19.47 21.97 -19.43
CA ALA C 176 -18.90 22.11 -20.77
C ALA C 176 -17.50 22.71 -20.69
N TRP C 177 -16.67 22.35 -21.66
CA TRP C 177 -15.29 22.85 -21.74
C TRP C 177 -14.90 22.97 -23.21
N SER C 178 -13.91 23.81 -23.48
CA SER C 178 -13.45 24.01 -24.85
C SER C 178 -12.04 24.56 -24.90
N ASN C 179 -11.50 24.63 -26.12
CA ASN C 179 -10.16 25.15 -26.32
C ASN C 179 -10.28 26.55 -26.91
N GLN C 180 -11.45 26.84 -27.48
CA GLN C 180 -11.75 28.13 -28.10
C GLN C 180 -11.81 29.17 -26.98
N THR C 181 -10.68 29.39 -26.34
CA THR C 181 -10.54 30.34 -25.23
C THR C 181 -11.06 31.74 -25.56
N SER C 182 -11.79 31.84 -26.66
CA SER C 182 -12.37 33.10 -27.10
C SER C 182 -13.83 33.15 -26.61
N PHE C 183 -14.43 31.97 -26.52
CA PHE C 183 -15.83 31.82 -26.07
C PHE C 183 -16.06 32.13 -24.59
N THR C 184 -17.33 32.14 -24.22
CA THR C 184 -17.77 32.39 -22.84
C THR C 184 -18.85 31.35 -22.56
N CYS C 185 -19.08 31.06 -21.29
CA CYS C 185 -20.10 30.07 -20.93
C CYS C 185 -21.43 30.33 -21.64
N GLN C 186 -21.85 31.59 -21.67
CA GLN C 186 -23.11 31.93 -22.30
C GLN C 186 -23.11 31.48 -23.76
N ASP C 187 -22.00 31.74 -24.47
CA ASP C 187 -21.90 31.32 -25.86
C ASP C 187 -21.80 29.81 -25.91
N ILE C 188 -20.85 29.25 -25.19
CA ILE C 188 -20.66 27.80 -25.16
C ILE C 188 -22.01 27.12 -24.92
N PHE C 189 -22.78 27.69 -23.99
CA PHE C 189 -24.10 27.16 -23.67
C PHE C 189 -25.14 27.84 -24.53
N LYS C 190 -25.15 27.46 -25.79
CA LYS C 190 -26.08 28.01 -26.76
C LYS C 190 -27.53 27.77 -26.34
N GLU C 191 -28.41 28.71 -26.72
CA GLU C 191 -29.83 28.62 -26.38
C GLU C 191 -29.80 28.60 -24.89
N THR C 192 -29.76 29.79 -24.32
CA THR C 192 -29.58 29.77 -22.89
C THR C 192 -30.66 30.36 -22.08
N ASN C 193 -31.11 29.61 -21.08
CA ASN C 193 -32.13 30.04 -20.18
C ASN C 193 -31.53 29.93 -18.88
N ALA C 194 -30.67 30.94 -18.54
CA ALA C 194 -29.99 31.01 -17.28
C ALA C 194 -29.41 32.37 -17.06
N THR C 195 -28.69 32.44 -15.93
CA THR C 195 -27.97 33.63 -15.53
C THR C 195 -26.51 33.19 -15.53
N TYR C 196 -25.65 33.97 -16.16
CA TYR C 196 -24.26 33.59 -16.16
C TYR C 196 -23.55 34.51 -15.18
N PRO C 197 -23.74 34.23 -13.88
CA PRO C 197 -23.15 34.98 -12.76
C PRO C 197 -21.64 34.89 -12.70
N SER C 198 -20.99 36.05 -12.73
CA SER C 198 -19.53 36.14 -12.67
C SER C 198 -19.10 37.60 -12.62
N SER C 199 -17.88 37.83 -12.11
CA SER C 199 -17.34 39.18 -11.99
C SER C 199 -15.86 39.14 -11.60
N ASP C 200 -15.27 40.32 -11.38
CA ASP C 200 -13.86 40.41 -10.99
C ASP C 200 -13.69 39.94 -9.55
N VAL C 201 -12.54 39.37 -9.25
CA VAL C 201 -12.26 38.87 -7.90
C VAL C 201 -11.86 39.90 -6.86
N PRO C 202 -12.59 39.96 -5.74
CA PRO C 202 -12.25 40.93 -4.69
C PRO C 202 -10.87 40.51 -4.20
N CYS C 203 -10.27 41.29 -3.30
CA CYS C 203 -8.95 40.95 -2.81
C CYS C 203 -8.02 40.78 -4.03
N ASP D 1 -16.42 -20.68 -3.27
CA ASP D 1 -17.10 -19.58 -2.51
C ASP D 1 -18.58 -19.44 -2.87
N SER D 2 -19.37 -18.96 -1.91
CA SER D 2 -20.80 -18.76 -2.11
C SER D 2 -21.00 -17.55 -3.01
N GLY D 3 -19.93 -17.16 -3.69
CA GLY D 3 -19.98 -16.03 -4.60
C GLY D 3 -19.07 -16.29 -5.79
N VAL D 4 -19.55 -16.01 -6.99
CA VAL D 4 -18.77 -16.21 -8.20
C VAL D 4 -17.56 -15.27 -8.22
N VAL D 5 -16.42 -15.80 -8.64
CA VAL D 5 -15.21 -15.00 -8.73
C VAL D 5 -14.75 -14.98 -10.18
N GLN D 6 -14.33 -13.82 -10.65
CA GLN D 6 -13.89 -13.68 -12.02
C GLN D 6 -12.58 -12.94 -12.10
N SER D 7 -11.68 -13.43 -12.95
CA SER D 7 -10.37 -12.81 -13.12
C SER D 7 -9.82 -13.11 -14.50
N PRO D 8 -9.16 -12.11 -15.11
CA PRO D 8 -8.99 -10.81 -14.47
C PRO D 8 -10.18 -9.93 -14.80
N ARG D 9 -10.31 -8.81 -14.11
CA ARG D 9 -11.42 -7.92 -14.34
C ARG D 9 -11.15 -6.93 -15.47
N HIS D 10 -9.91 -6.90 -15.98
CA HIS D 10 -9.58 -5.98 -17.05
C HIS D 10 -8.39 -6.48 -17.88
N ILE D 11 -8.61 -6.69 -19.17
CA ILE D 11 -7.53 -7.15 -20.02
C ILE D 11 -7.41 -6.34 -21.29
N ILE D 12 -6.29 -5.65 -21.45
CA ILE D 12 -6.09 -4.88 -22.67
C ILE D 12 -5.02 -5.64 -23.45
N LYS D 13 -5.27 -5.86 -24.72
CA LYS D 13 -4.32 -6.57 -25.56
C LYS D 13 -4.40 -6.06 -26.99
N GLU D 14 -3.44 -6.48 -27.80
CA GLU D 14 -3.41 -6.08 -29.20
C GLU D 14 -3.91 -7.28 -30.00
N LYS D 15 -4.18 -7.08 -31.27
CA LYS D 15 -4.65 -8.15 -32.16
C LYS D 15 -3.64 -9.30 -32.18
N GLY D 16 -4.13 -10.50 -32.45
CA GLY D 16 -3.26 -11.65 -32.49
C GLY D 16 -2.90 -12.08 -31.07
N GLY D 17 -3.05 -11.14 -30.14
CA GLY D 17 -2.76 -11.43 -28.76
C GLY D 17 -3.50 -12.67 -28.31
N ARG D 18 -3.16 -13.19 -27.14
CA ARG D 18 -3.81 -14.37 -26.60
C ARG D 18 -3.88 -14.30 -25.08
N SER D 19 -5.09 -14.20 -24.55
CA SER D 19 -5.29 -14.11 -23.12
C SER D 19 -6.18 -15.26 -22.64
N VAL D 20 -6.35 -15.36 -21.33
CA VAL D 20 -7.18 -16.38 -20.75
C VAL D 20 -8.01 -15.80 -19.62
N LEU D 21 -9.26 -16.20 -19.55
CA LEU D 21 -10.15 -15.72 -18.52
C LEU D 21 -10.33 -16.84 -17.51
N THR D 22 -10.73 -16.46 -16.30
CA THR D 22 -10.91 -17.43 -15.24
C THR D 22 -12.24 -17.22 -14.51
N CYS D 23 -12.77 -18.32 -13.95
CA CYS D 23 -14.02 -18.24 -13.22
C CYS D 23 -14.10 -19.30 -12.14
N ILE D 24 -14.31 -18.84 -10.91
CA ILE D 24 -14.45 -19.73 -9.77
C ILE D 24 -15.93 -19.72 -9.42
N PRO D 25 -16.66 -20.75 -9.88
CA PRO D 25 -18.10 -20.90 -9.64
C PRO D 25 -18.45 -20.96 -8.16
N ILE D 26 -19.70 -20.67 -7.83
CA ILE D 26 -20.14 -20.73 -6.46
C ILE D 26 -20.02 -22.18 -6.03
N SER D 27 -19.39 -22.40 -4.88
CA SER D 27 -19.21 -23.73 -4.36
C SER D 27 -20.55 -24.45 -4.36
N GLY D 28 -20.55 -25.70 -4.79
CA GLY D 28 -21.79 -26.47 -4.83
C GLY D 28 -22.41 -26.53 -6.21
N HIS D 29 -22.50 -25.38 -6.89
CA HIS D 29 -23.11 -25.33 -8.22
C HIS D 29 -22.29 -26.12 -9.22
N SER D 30 -23.00 -26.88 -10.06
CA SER D 30 -22.36 -27.70 -11.08
C SER D 30 -22.47 -27.03 -12.44
N ASN D 31 -23.65 -26.51 -12.74
CA ASN D 31 -23.88 -25.83 -14.00
C ASN D 31 -23.15 -24.49 -14.07
N VAL D 32 -22.24 -24.39 -15.03
CA VAL D 32 -21.48 -23.18 -15.26
C VAL D 32 -21.61 -22.81 -16.72
N VAL D 33 -21.93 -21.53 -16.97
CA VAL D 33 -22.06 -21.03 -18.34
C VAL D 33 -21.33 -19.71 -18.50
N TRP D 34 -20.75 -19.50 -19.67
CA TRP D 34 -20.02 -18.27 -19.96
C TRP D 34 -20.88 -17.45 -20.91
N TYR D 35 -21.01 -16.16 -20.61
CA TYR D 35 -21.80 -15.25 -21.44
C TYR D 35 -20.92 -14.10 -21.89
N GLN D 36 -21.30 -13.46 -23.00
CA GLN D 36 -20.56 -12.31 -23.54
C GLN D 36 -21.53 -11.17 -23.78
N GLN D 37 -21.26 -10.00 -23.20
CA GLN D 37 -22.12 -8.84 -23.42
C GLN D 37 -21.41 -7.89 -24.37
N THR D 38 -22.04 -7.61 -25.51
CA THR D 38 -21.45 -6.72 -26.49
C THR D 38 -22.20 -5.42 -26.64
N LEU D 39 -21.43 -4.40 -26.95
CA LEU D 39 -21.91 -3.06 -27.20
C LEU D 39 -23.40 -2.93 -26.99
N GLY D 40 -23.74 -2.19 -25.94
CA GLY D 40 -25.10 -1.89 -25.54
C GLY D 40 -25.75 -2.87 -24.59
N LYS D 41 -25.11 -4.01 -24.36
CA LYS D 41 -25.69 -5.00 -23.45
C LYS D 41 -26.72 -5.95 -24.09
N GLU D 42 -26.19 -7.03 -24.66
CA GLU D 42 -26.98 -8.09 -25.28
C GLU D 42 -26.30 -9.40 -24.90
N LEU D 43 -26.74 -9.96 -23.78
CA LEU D 43 -26.19 -11.21 -23.29
C LEU D 43 -26.29 -12.30 -24.34
N LYS D 44 -25.15 -12.84 -24.73
CA LYS D 44 -25.12 -13.87 -25.75
C LYS D 44 -24.50 -15.14 -25.20
N PHE D 45 -25.15 -16.26 -25.49
CA PHE D 45 -24.72 -17.57 -25.02
C PHE D 45 -23.51 -18.12 -25.79
N LEU D 46 -22.46 -18.45 -25.04
CA LEU D 46 -21.22 -18.98 -25.62
C LEU D 46 -21.15 -20.51 -25.61
N ILE D 47 -20.82 -21.04 -24.44
CA ILE D 47 -20.70 -22.48 -24.27
C ILE D 47 -21.09 -22.72 -22.83
N GLN D 48 -21.93 -23.71 -22.61
CA GLN D 48 -22.36 -24.02 -21.26
C GLN D 48 -21.77 -25.37 -20.88
N HIS D 49 -21.45 -25.51 -19.60
CA HIS D 49 -20.87 -26.75 -19.07
C HIS D 49 -21.64 -27.25 -17.84
N TYR D 50 -21.88 -28.55 -17.80
CA TYR D 50 -22.58 -29.13 -16.67
C TYR D 50 -21.86 -30.31 -16.05
N GLU D 51 -21.48 -30.15 -14.79
CA GLU D 51 -20.80 -31.19 -14.01
C GLU D 51 -19.62 -31.78 -14.75
N LYS D 52 -18.51 -31.03 -14.74
CA LYS D 52 -17.29 -31.40 -15.46
C LYS D 52 -17.43 -30.79 -16.86
N VAL D 53 -16.56 -31.19 -17.79
CA VAL D 53 -16.64 -30.65 -19.13
C VAL D 53 -17.57 -31.40 -20.08
N GLU D 54 -18.84 -31.44 -19.69
CA GLU D 54 -19.90 -32.00 -20.52
C GLU D 54 -20.46 -30.69 -21.09
N ARG D 55 -20.88 -30.69 -22.35
CA ARG D 55 -21.25 -29.43 -22.96
C ARG D 55 -22.41 -29.39 -23.89
N ASP D 56 -22.90 -28.16 -24.03
CA ASP D 56 -23.99 -27.78 -24.93
C ASP D 56 -23.37 -26.56 -25.56
N LYS D 57 -22.93 -26.73 -26.80
CA LYS D 57 -22.25 -25.67 -27.51
C LYS D 57 -23.09 -24.44 -27.85
N GLY D 58 -22.36 -23.40 -28.26
CA GLY D 58 -22.96 -22.13 -28.64
C GLY D 58 -22.05 -21.38 -29.61
N PHE D 59 -22.22 -20.06 -29.67
CA PHE D 59 -21.42 -19.23 -30.57
C PHE D 59 -19.98 -19.03 -30.11
N LEU D 60 -19.53 -19.86 -29.18
CA LEU D 60 -18.16 -19.73 -28.68
C LEU D 60 -17.17 -19.96 -29.81
N PRO D 61 -16.42 -18.91 -30.16
CA PRO D 61 -15.40 -18.95 -31.24
C PRO D 61 -14.37 -20.04 -31.03
N SER D 62 -14.14 -20.82 -32.09
CA SER D 62 -13.17 -21.91 -32.07
C SER D 62 -11.86 -21.49 -31.43
N ARG D 63 -11.48 -20.22 -31.59
CA ARG D 63 -10.24 -19.75 -31.00
C ARG D 63 -10.29 -19.84 -29.49
N PHE D 64 -11.50 -19.70 -28.95
CA PHE D 64 -11.73 -19.77 -27.52
C PHE D 64 -12.15 -21.19 -27.16
N SER D 65 -11.39 -21.81 -26.26
CA SER D 65 -11.69 -23.18 -25.83
C SER D 65 -11.61 -23.27 -24.31
N VAL D 66 -12.76 -23.37 -23.66
CA VAL D 66 -12.82 -23.46 -22.20
C VAL D 66 -13.06 -24.87 -21.66
N GLN D 67 -12.46 -25.16 -20.52
CA GLN D 67 -12.61 -26.46 -19.88
C GLN D 67 -12.74 -26.33 -18.37
N GLN D 68 -13.40 -27.31 -17.76
CA GLN D 68 -13.59 -27.32 -16.32
C GLN D 68 -12.52 -28.18 -15.64
N PHE D 69 -12.34 -27.95 -14.35
CA PHE D 69 -11.35 -28.69 -13.57
C PHE D 69 -12.01 -29.50 -12.45
N ASP D 70 -11.20 -30.13 -11.62
CA ASP D 70 -11.70 -30.93 -10.51
C ASP D 70 -12.37 -30.02 -9.49
N ASP D 71 -11.69 -28.95 -9.11
CA ASP D 71 -12.21 -27.99 -8.15
C ASP D 71 -13.37 -27.24 -8.80
N TYR D 72 -13.55 -27.48 -10.09
CA TYR D 72 -14.63 -26.88 -10.88
C TYR D 72 -14.23 -25.54 -11.44
N HIS D 73 -12.93 -25.25 -11.29
CA HIS D 73 -12.35 -24.02 -11.77
C HIS D 73 -12.52 -24.13 -13.27
N SER D 74 -13.07 -23.09 -13.86
CA SER D 74 -13.25 -23.15 -15.27
C SER D 74 -12.60 -21.91 -15.87
N GLU D 75 -11.78 -22.10 -16.91
CA GLU D 75 -11.14 -20.97 -17.54
C GLU D 75 -11.52 -20.85 -19.01
N MET D 76 -11.48 -19.62 -19.54
CA MET D 76 -11.83 -19.41 -20.94
C MET D 76 -10.61 -18.98 -21.74
N ASN D 77 -10.17 -19.86 -22.64
CA ASN D 77 -9.00 -19.60 -23.45
C ASN D 77 -9.24 -18.73 -24.68
N MET D 78 -8.72 -17.51 -24.64
CA MET D 78 -8.88 -16.59 -25.76
C MET D 78 -7.58 -16.55 -26.58
N SER D 79 -7.70 -16.81 -27.88
CA SER D 79 -6.54 -16.80 -28.76
C SER D 79 -6.88 -16.08 -30.06
N ALA D 80 -5.89 -15.42 -30.67
CA ALA D 80 -6.09 -14.69 -31.91
C ALA D 80 -7.16 -13.62 -31.69
N LEU D 81 -7.00 -12.85 -30.62
CA LEU D 81 -7.94 -11.80 -30.27
C LEU D 81 -8.11 -10.76 -31.37
N GLU D 82 -9.35 -10.30 -31.57
CA GLU D 82 -9.68 -9.31 -32.59
C GLU D 82 -10.56 -8.20 -32.01
N LEU D 83 -10.43 -6.99 -32.55
CA LEU D 83 -11.19 -5.84 -32.08
C LEU D 83 -12.66 -6.19 -31.86
N GLU D 84 -13.16 -7.14 -32.63
CA GLU D 84 -14.55 -7.55 -32.51
C GLU D 84 -14.78 -8.25 -31.17
N ASP D 85 -13.77 -8.97 -30.69
CA ASP D 85 -13.85 -9.69 -29.42
C ASP D 85 -13.90 -8.75 -28.22
N SER D 86 -13.75 -7.46 -28.46
CA SER D 86 -13.80 -6.49 -27.37
C SER D 86 -15.19 -6.59 -26.74
N ALA D 87 -15.25 -7.12 -25.53
CA ALA D 87 -16.53 -7.27 -24.86
C ALA D 87 -16.44 -7.29 -23.34
N MET D 88 -17.51 -7.79 -22.74
CA MET D 88 -17.64 -7.93 -21.30
C MET D 88 -17.94 -9.40 -21.14
N TYR D 89 -16.95 -10.19 -20.76
CA TYR D 89 -17.16 -11.62 -20.62
C TYR D 89 -17.54 -12.03 -19.21
N PHE D 90 -18.85 -12.18 -18.99
CA PHE D 90 -19.37 -12.58 -17.68
C PHE D 90 -19.41 -14.10 -17.54
N CYS D 91 -19.32 -14.57 -16.30
CA CYS D 91 -19.38 -15.99 -16.01
C CYS D 91 -20.44 -16.17 -14.95
N ALA D 92 -21.45 -16.96 -15.28
CA ALA D 92 -22.56 -17.22 -14.36
C ALA D 92 -22.51 -18.66 -13.86
N SER D 93 -23.16 -18.92 -12.74
CA SER D 93 -23.21 -20.25 -12.16
C SER D 93 -24.57 -20.51 -11.57
N SER D 94 -24.87 -21.79 -11.34
CA SER D 94 -26.15 -22.19 -10.77
C SER D 94 -26.14 -23.66 -10.38
N LEU D 95 -27.09 -24.05 -9.55
CA LEU D 95 -27.24 -25.43 -9.09
C LEU D 95 -28.02 -26.23 -10.13
N ARG D 96 -28.58 -27.37 -9.71
CA ARG D 96 -29.32 -28.26 -10.62
C ARG D 96 -30.00 -27.44 -11.69
N TRP D 97 -30.35 -28.12 -12.78
CA TRP D 97 -31.02 -27.56 -13.94
C TRP D 97 -32.29 -26.74 -13.72
N GLY D 98 -32.20 -25.44 -14.06
CA GLY D 98 -33.33 -24.51 -14.03
C GLY D 98 -33.45 -23.40 -12.99
N ASP D 99 -32.62 -23.38 -11.95
CA ASP D 99 -32.85 -22.34 -10.95
C ASP D 99 -31.73 -21.33 -10.74
N GLU D 100 -32.16 -20.07 -10.81
CA GLU D 100 -31.38 -18.84 -10.59
C GLU D 100 -29.89 -18.91 -10.87
N GLN D 101 -29.46 -18.22 -11.93
CA GLN D 101 -28.04 -18.17 -12.30
C GLN D 101 -27.35 -16.99 -11.61
N TYR D 102 -26.03 -17.04 -11.50
CA TYR D 102 -25.26 -15.97 -10.82
C TYR D 102 -24.06 -15.51 -11.61
N PHE D 103 -24.11 -14.26 -12.07
CA PHE D 103 -23.03 -13.67 -12.83
C PHE D 103 -21.87 -13.18 -11.96
N GLY D 104 -20.66 -13.45 -12.43
CA GLY D 104 -19.49 -13.02 -11.69
C GLY D 104 -19.21 -11.56 -12.01
N PRO D 105 -18.19 -10.96 -11.39
CA PRO D 105 -17.87 -9.56 -11.66
C PRO D 105 -17.61 -9.28 -13.13
N GLY D 106 -17.21 -10.32 -13.86
CA GLY D 106 -16.93 -10.16 -15.27
C GLY D 106 -15.54 -9.65 -15.60
N THR D 107 -15.04 -10.07 -16.75
CA THR D 107 -13.73 -9.69 -17.26
C THR D 107 -13.92 -8.83 -18.48
N ARG D 108 -13.69 -7.53 -18.37
CA ARG D 108 -13.85 -6.67 -19.54
C ARG D 108 -12.52 -6.53 -20.26
N LEU D 109 -12.40 -7.24 -21.38
CA LEU D 109 -11.18 -7.20 -22.18
C LEU D 109 -11.35 -6.33 -23.42
N THR D 110 -10.30 -5.61 -23.78
CA THR D 110 -10.33 -4.74 -24.93
C THR D 110 -9.14 -5.02 -25.83
N VAL D 111 -9.41 -5.56 -27.01
CA VAL D 111 -8.35 -5.86 -27.97
C VAL D 111 -8.26 -4.65 -28.89
N LEU D 112 -7.07 -4.10 -29.01
CA LEU D 112 -6.87 -2.94 -29.86
C LEU D 112 -5.90 -3.20 -30.97
N GLU D 113 -5.91 -2.30 -31.95
CA GLU D 113 -5.01 -2.41 -33.08
C GLU D 113 -3.64 -2.00 -32.59
N ASP D 114 -3.56 -0.80 -32.05
CA ASP D 114 -2.29 -0.30 -31.55
C ASP D 114 -2.24 -0.08 -30.05
N LEU D 115 -1.37 -0.82 -29.38
CA LEU D 115 -1.23 -0.67 -27.94
C LEU D 115 -0.74 0.74 -27.70
N ARG D 116 0.29 1.14 -28.44
CA ARG D 116 0.86 2.48 -28.31
C ARG D 116 -0.20 3.56 -28.15
N ASN D 117 -1.45 3.21 -28.46
CA ASN D 117 -2.53 4.19 -28.36
C ASN D 117 -3.07 4.31 -26.93
N VAL D 118 -2.67 3.38 -26.07
CA VAL D 118 -3.12 3.41 -24.68
C VAL D 118 -2.46 4.60 -24.03
N THR D 119 -3.15 5.22 -23.06
CA THR D 119 -2.59 6.39 -22.37
C THR D 119 -3.37 6.80 -21.13
N PRO D 120 -2.66 7.12 -20.04
CA PRO D 120 -3.33 7.54 -18.80
C PRO D 120 -4.12 8.83 -19.04
N PRO D 121 -4.98 9.20 -18.10
CA PRO D 121 -5.78 10.41 -18.24
C PRO D 121 -5.12 11.58 -17.52
N LYS D 122 -5.79 12.72 -17.53
CA LYS D 122 -5.27 13.89 -16.86
C LYS D 122 -6.35 14.49 -15.97
N VAL D 123 -6.19 14.26 -14.67
CA VAL D 123 -7.15 14.74 -13.69
C VAL D 123 -6.89 16.20 -13.35
N SER D 124 -7.96 16.97 -13.33
CA SER D 124 -7.90 18.39 -13.00
C SER D 124 -9.06 18.74 -12.08
N LEU D 125 -8.74 19.37 -10.96
CA LEU D 125 -9.77 19.75 -10.00
C LEU D 125 -10.13 21.22 -10.18
N PHE D 126 -11.36 21.47 -10.64
CA PHE D 126 -11.85 22.83 -10.85
C PHE D 126 -12.70 23.24 -9.66
N GLU D 127 -12.22 24.24 -8.91
CA GLU D 127 -12.90 24.75 -7.73
C GLU D 127 -14.24 25.43 -8.06
N PRO D 128 -15.13 25.55 -7.05
CA PRO D 128 -16.47 26.16 -7.19
C PRO D 128 -16.47 27.59 -7.73
N SER D 129 -17.65 28.19 -7.80
CA SER D 129 -17.79 29.56 -8.29
C SER D 129 -18.25 30.49 -7.17
N LYS D 130 -17.56 31.61 -7.02
CA LYS D 130 -17.91 32.57 -5.99
C LYS D 130 -19.41 32.86 -6.03
N ALA D 131 -19.95 32.96 -7.24
CA ALA D 131 -21.38 33.22 -7.40
C ALA D 131 -22.17 32.13 -6.71
N GLU D 132 -22.08 30.92 -7.26
CA GLU D 132 -22.80 29.77 -6.72
C GLU D 132 -22.84 29.78 -5.19
N ILE D 133 -21.67 29.97 -4.57
CA ILE D 133 -21.54 30.01 -3.12
C ILE D 133 -22.42 31.07 -2.47
N ALA D 134 -22.41 32.26 -3.06
CA ALA D 134 -23.21 33.36 -2.54
C ALA D 134 -24.69 33.14 -2.78
N ASN D 135 -25.06 33.02 -4.05
CA ASN D 135 -26.45 32.83 -4.45
C ASN D 135 -27.13 31.57 -3.92
N LYS D 136 -26.67 30.41 -4.37
CA LYS D 136 -27.27 29.14 -3.94
C LYS D 136 -26.78 28.65 -2.59
N GLN D 137 -25.72 29.24 -2.08
CA GLN D 137 -25.17 28.84 -0.78
C GLN D 137 -24.66 27.41 -0.86
N LYS D 138 -24.00 27.09 -1.96
CA LYS D 138 -23.45 25.75 -2.16
C LYS D 138 -22.14 25.86 -2.93
N ALA D 139 -21.32 24.82 -2.82
CA ALA D 139 -20.04 24.80 -3.52
C ALA D 139 -19.95 23.52 -4.36
N THR D 140 -19.90 23.69 -5.67
CA THR D 140 -19.83 22.55 -6.58
C THR D 140 -18.44 22.38 -7.19
N LEU D 141 -17.75 21.33 -6.74
CA LEU D 141 -16.41 21.01 -7.21
C LEU D 141 -16.48 20.13 -8.45
N VAL D 142 -15.99 20.65 -9.56
CA VAL D 142 -16.01 19.90 -10.82
C VAL D 142 -14.68 19.21 -11.10
N CYS D 143 -14.73 17.92 -11.43
CA CYS D 143 -13.52 17.16 -11.74
C CYS D 143 -13.63 16.68 -13.18
N LEU D 144 -12.54 16.83 -13.94
CA LEU D 144 -12.57 16.44 -15.33
C LEU D 144 -11.36 15.66 -15.82
N ALA D 145 -11.47 14.34 -15.83
CA ALA D 145 -10.39 13.48 -16.31
C ALA D 145 -10.46 13.60 -17.82
N ARG D 146 -9.32 13.87 -18.46
CA ARG D 146 -9.30 14.03 -19.90
C ARG D 146 -8.32 13.12 -20.64
N GLY D 147 -8.26 13.32 -21.95
CA GLY D 147 -7.37 12.57 -22.84
C GLY D 147 -6.74 11.26 -22.38
N PHE D 148 -7.54 10.20 -22.38
CA PHE D 148 -7.04 8.89 -22.00
C PHE D 148 -7.74 7.98 -23.01
N PHE D 149 -7.19 6.81 -23.29
CA PHE D 149 -7.84 5.96 -24.28
C PHE D 149 -8.80 4.91 -23.78
N PRO D 150 -8.32 3.67 -23.57
CA PRO D 150 -9.28 2.67 -23.10
C PRO D 150 -10.09 3.25 -21.95
N ASP D 151 -11.34 3.56 -22.25
CA ASP D 151 -12.26 4.12 -21.27
C ASP D 151 -12.39 3.22 -20.04
N HIS D 152 -11.28 2.61 -19.63
CA HIS D 152 -11.26 1.71 -18.48
C HIS D 152 -10.97 2.45 -17.18
N VAL D 153 -11.73 3.53 -16.94
CA VAL D 153 -11.54 4.32 -15.75
C VAL D 153 -12.69 4.25 -14.77
N GLU D 154 -12.42 4.72 -13.55
CA GLU D 154 -13.40 4.76 -12.48
C GLU D 154 -13.03 5.90 -11.55
N LEU D 155 -13.68 7.04 -11.75
CA LEU D 155 -13.43 8.21 -10.93
C LEU D 155 -13.99 8.00 -9.54
N SER D 156 -13.27 8.52 -8.55
CA SER D 156 -13.66 8.42 -7.14
C SER D 156 -13.38 9.73 -6.43
N TRP D 157 -14.29 10.12 -5.54
CA TRP D 157 -14.14 11.35 -4.79
C TRP D 157 -13.65 11.04 -3.37
N TRP D 158 -12.68 11.81 -2.89
CA TRP D 158 -12.14 11.58 -1.56
C TRP D 158 -12.02 12.86 -0.77
N VAL D 159 -12.83 12.99 0.27
CA VAL D 159 -12.80 14.18 1.11
C VAL D 159 -12.22 13.81 2.48
N ASN D 160 -11.13 14.48 2.85
CA ASN D 160 -10.49 14.22 4.13
C ASN D 160 -10.06 12.77 4.31
N GLY D 161 -9.41 12.20 3.30
CA GLY D 161 -8.95 10.83 3.40
C GLY D 161 -10.04 9.77 3.31
N LYS D 162 -11.28 10.14 3.55
CA LYS D 162 -12.39 9.18 3.48
C LYS D 162 -13.06 9.28 2.12
N GLU D 163 -13.46 8.14 1.57
CA GLU D 163 -14.15 8.12 0.27
C GLU D 163 -15.57 8.60 0.50
N VAL D 164 -16.14 9.27 -0.49
CA VAL D 164 -17.49 9.78 -0.33
C VAL D 164 -18.39 9.55 -1.56
N HIS D 165 -19.70 9.55 -1.32
CA HIS D 165 -20.64 9.35 -2.40
C HIS D 165 -21.81 10.34 -2.28
N SER D 166 -22.12 10.73 -1.05
CA SER D 166 -23.21 11.68 -0.83
C SER D 166 -22.83 13.00 -1.50
N GLY D 167 -23.60 13.40 -2.51
CA GLY D 167 -23.32 14.64 -3.20
C GLY D 167 -22.42 14.49 -4.41
N VAL D 168 -21.97 13.27 -4.68
CA VAL D 168 -21.10 13.00 -5.82
C VAL D 168 -21.90 12.55 -7.03
N SER D 169 -21.44 12.93 -8.21
CA SER D 169 -22.12 12.55 -9.44
C SER D 169 -21.14 12.44 -10.59
N THR D 170 -20.71 11.21 -10.88
CA THR D 170 -19.76 10.96 -11.95
C THR D 170 -20.52 10.70 -13.25
N ASP D 171 -19.91 11.05 -14.38
CA ASP D 171 -20.54 10.82 -15.67
C ASP D 171 -20.78 9.33 -15.80
N PRO D 172 -21.91 8.95 -16.43
CA PRO D 172 -22.28 7.54 -16.64
C PRO D 172 -21.24 6.81 -17.48
N GLN D 173 -21.00 7.33 -18.67
CA GLN D 173 -20.06 6.75 -19.59
C GLN D 173 -19.11 7.84 -20.10
N ALA D 174 -17.83 7.49 -20.24
CA ALA D 174 -16.83 8.43 -20.72
C ALA D 174 -17.02 8.78 -22.20
N TYR D 175 -16.92 10.06 -22.51
CA TYR D 175 -17.09 10.54 -23.88
C TYR D 175 -15.85 10.37 -24.74
N LYS D 176 -16.05 10.28 -26.04
CA LYS D 176 -14.95 10.12 -26.97
C LYS D 176 -14.48 11.48 -27.45
N GLU D 177 -13.68 12.16 -26.62
CA GLU D 177 -13.17 13.49 -26.97
C GLU D 177 -12.62 13.51 -28.38
N SER D 178 -12.05 12.39 -28.80
CA SER D 178 -11.48 12.24 -30.13
C SER D 178 -11.59 10.79 -30.50
N ASN D 179 -11.06 10.43 -31.67
CA ASN D 179 -11.11 9.04 -32.12
C ASN D 179 -10.25 8.16 -31.22
N TYR D 180 -9.18 8.72 -30.67
CA TYR D 180 -8.29 7.99 -29.78
C TYR D 180 -8.13 8.74 -28.47
N SER D 181 -9.17 9.44 -28.05
CA SER D 181 -9.10 10.20 -26.81
C SER D 181 -10.45 10.30 -26.13
N TYR D 182 -10.53 9.75 -24.92
CA TYR D 182 -11.76 9.77 -24.16
C TYR D 182 -11.70 10.86 -23.09
N SER D 183 -12.80 11.02 -22.38
CA SER D 183 -12.89 12.03 -21.33
C SER D 183 -14.06 11.73 -20.42
N LEU D 184 -13.87 11.98 -19.13
CA LEU D 184 -14.92 11.72 -18.15
C LEU D 184 -14.87 12.77 -17.04
N SER D 185 -15.99 13.44 -16.83
CA SER D 185 -16.07 14.47 -15.81
C SER D 185 -17.04 14.03 -14.73
N SER D 186 -16.97 14.66 -13.56
CA SER D 186 -17.85 14.34 -12.46
C SER D 186 -17.90 15.56 -11.55
N ARG D 187 -18.86 15.58 -10.63
CA ARG D 187 -18.97 16.71 -9.75
C ARG D 187 -19.33 16.32 -8.33
N LEU D 188 -18.92 17.16 -7.39
CA LEU D 188 -19.21 16.95 -5.98
C LEU D 188 -19.74 18.26 -5.42
N ARG D 189 -20.78 18.17 -4.59
CA ARG D 189 -21.35 19.36 -3.98
C ARG D 189 -21.40 19.26 -2.46
N VAL D 190 -20.83 20.27 -1.81
CA VAL D 190 -20.79 20.36 -0.35
C VAL D 190 -21.23 21.78 0.04
N SER D 191 -21.63 21.95 1.30
CA SER D 191 -22.09 23.25 1.79
C SER D 191 -21.04 24.33 1.60
N ALA D 192 -21.50 25.58 1.52
CA ALA D 192 -20.59 26.71 1.36
C ALA D 192 -19.73 26.84 2.62
N THR D 193 -20.24 26.26 3.71
CA THR D 193 -19.56 26.29 5.00
C THR D 193 -18.40 25.29 5.04
N PHE D 194 -18.66 24.10 4.51
CA PHE D 194 -17.67 23.03 4.47
C PHE D 194 -16.57 23.39 3.49
N TRP D 195 -16.95 23.97 2.37
CA TRP D 195 -15.98 24.37 1.36
C TRP D 195 -15.03 25.37 1.98
N HIS D 196 -15.61 26.41 2.57
CA HIS D 196 -14.86 27.48 3.21
C HIS D 196 -13.84 26.99 4.24
N ASN D 197 -14.14 25.89 4.94
CA ASN D 197 -13.24 25.36 5.95
C ASN D 197 -11.90 24.95 5.36
N PRO D 198 -10.86 25.78 5.55
CA PRO D 198 -9.50 25.53 5.05
C PRO D 198 -8.91 24.21 5.52
N ARG D 199 -9.51 23.63 6.55
CA ARG D 199 -9.04 22.36 7.10
C ARG D 199 -9.76 21.19 6.44
N ASN D 200 -10.43 21.47 5.33
CA ASN D 200 -11.17 20.45 4.60
C ASN D 200 -10.51 20.11 3.28
N HIS D 201 -10.19 18.83 3.13
CA HIS D 201 -9.53 18.33 1.93
C HIS D 201 -10.52 17.72 0.93
N PHE D 202 -10.18 17.85 -0.35
CA PHE D 202 -10.99 17.34 -1.44
C PHE D 202 -10.06 16.71 -2.45
N ARG D 203 -10.28 15.44 -2.76
CA ARG D 203 -9.44 14.74 -3.72
C ARG D 203 -10.28 13.97 -4.72
N CYS D 204 -9.97 14.13 -5.99
CA CYS D 204 -10.67 13.44 -7.07
C CYS D 204 -9.74 12.39 -7.61
N GLN D 205 -10.03 11.13 -7.35
CA GLN D 205 -9.18 10.05 -7.82
C GLN D 205 -9.76 9.33 -9.02
N VAL D 206 -8.93 9.12 -10.04
CA VAL D 206 -9.34 8.44 -11.27
C VAL D 206 -8.54 7.18 -11.47
N GLN D 207 -9.18 6.05 -11.21
CA GLN D 207 -8.52 4.77 -11.36
C GLN D 207 -8.53 4.34 -12.82
N PHE D 208 -7.35 4.42 -13.44
CA PHE D 208 -7.19 4.04 -14.83
C PHE D 208 -6.66 2.62 -14.86
N HIS D 209 -6.93 1.91 -15.95
CA HIS D 209 -6.47 0.54 -16.10
C HIS D 209 -5.66 0.39 -17.39
N GLY D 210 -4.42 -0.07 -17.25
CA GLY D 210 -3.56 -0.24 -18.40
C GLY D 210 -3.05 -1.66 -18.52
N LEU D 211 -1.83 -1.81 -19.05
CA LEU D 211 -1.22 -3.12 -19.23
C LEU D 211 -0.59 -3.65 -17.96
N SER D 212 -0.15 -4.90 -17.99
CA SER D 212 0.47 -5.51 -16.82
C SER D 212 1.60 -6.46 -17.19
N GLU D 213 1.78 -7.49 -16.35
CA GLU D 213 2.81 -8.51 -16.53
C GLU D 213 3.28 -8.63 -17.98
N GLU D 214 2.37 -9.03 -18.86
CA GLU D 214 2.69 -9.16 -20.27
C GLU D 214 2.88 -7.75 -20.82
N ASP D 215 3.80 -7.00 -20.21
CA ASP D 215 4.06 -5.63 -20.63
C ASP D 215 5.02 -5.55 -21.80
N LYS D 216 4.50 -5.83 -22.99
CA LYS D 216 5.32 -5.76 -24.18
C LYS D 216 5.13 -4.34 -24.69
N TRP D 217 5.67 -3.38 -23.97
CA TRP D 217 5.55 -1.98 -24.35
C TRP D 217 6.76 -1.48 -25.12
N PRO D 218 6.52 -0.73 -26.22
CA PRO D 218 7.58 -0.18 -27.06
C PRO D 218 8.63 0.51 -26.20
N GLU D 219 9.90 0.25 -26.48
CA GLU D 219 10.99 0.84 -25.73
C GLU D 219 11.25 2.33 -26.05
N GLY D 220 10.19 3.08 -26.33
CA GLY D 220 10.35 4.50 -26.65
C GLY D 220 9.65 5.49 -25.73
N SER D 221 8.94 4.99 -24.73
CA SER D 221 8.23 5.84 -23.77
C SER D 221 7.68 4.99 -22.60
N PRO D 222 7.10 5.63 -21.58
CA PRO D 222 6.53 4.96 -20.40
C PRO D 222 5.29 4.11 -20.62
N LYS D 223 5.35 2.86 -20.14
CA LYS D 223 4.23 1.94 -20.26
C LYS D 223 3.05 2.41 -19.42
N PRO D 224 1.90 2.66 -20.06
CA PRO D 224 0.78 3.11 -19.24
C PRO D 224 0.16 1.92 -18.52
N VAL D 225 0.50 1.75 -17.25
CA VAL D 225 -0.02 0.66 -16.44
C VAL D 225 -1.19 1.15 -15.62
N THR D 226 -2.03 0.21 -15.17
CA THR D 226 -3.17 0.58 -14.34
C THR D 226 -2.61 1.54 -13.30
N GLN D 227 -3.33 2.60 -13.01
CA GLN D 227 -2.83 3.57 -12.04
C GLN D 227 -3.90 4.50 -11.48
N ASN D 228 -3.54 5.19 -10.39
CA ASN D 228 -4.44 6.13 -9.75
C ASN D 228 -3.93 7.56 -9.89
N ILE D 229 -4.61 8.36 -10.69
CA ILE D 229 -4.21 9.75 -10.85
C ILE D 229 -5.27 10.58 -10.16
N SER D 230 -4.84 11.58 -9.40
CA SER D 230 -5.79 12.41 -8.67
C SER D 230 -5.45 13.89 -8.71
N ALA D 231 -6.34 14.68 -8.12
CA ALA D 231 -6.18 16.11 -8.06
C ALA D 231 -6.88 16.52 -6.77
N GLU D 232 -6.18 17.25 -5.91
CA GLU D 232 -6.78 17.66 -4.65
C GLU D 232 -6.63 19.14 -4.34
N ALA D 233 -7.54 19.64 -3.51
CA ALA D 233 -7.57 21.05 -3.08
C ALA D 233 -8.16 21.13 -1.68
N TRP D 234 -7.86 22.19 -0.96
CA TRP D 234 -8.37 22.37 0.40
C TRP D 234 -9.56 23.32 0.48
N GLY D 235 -9.67 24.00 1.63
CA GLY D 235 -10.76 24.92 1.86
C GLY D 235 -10.77 26.25 1.11
N ARG D 236 -11.55 27.20 1.62
CA ARG D 236 -11.69 28.51 1.00
C ARG D 236 -10.38 29.07 0.48
N ALA D 237 -10.44 29.65 -0.72
CA ALA D 237 -9.26 30.26 -1.30
C ALA D 237 -9.02 31.49 -0.43
N ASP D 238 -7.81 31.62 0.10
CA ASP D 238 -7.46 32.73 0.98
C ASP D 238 -7.54 34.14 0.40
N CYS D 239 -8.31 35.00 1.07
CA CYS D 239 -8.49 36.40 0.67
C CYS D 239 -7.88 37.26 1.77
N TYR E 1 -7.98 16.10 21.67
CA TYR E 1 -9.27 16.82 21.71
C TYR E 1 -9.49 17.28 23.13
N GLU E 2 -10.66 17.00 23.69
CA GLU E 2 -10.94 17.42 25.06
C GLU E 2 -11.80 16.40 25.79
N LEU E 3 -11.66 16.35 27.10
CA LEU E 3 -12.43 15.43 27.93
C LEU E 3 -13.30 16.25 28.90
N ILE E 4 -14.60 15.95 28.94
CA ILE E 4 -15.52 16.67 29.80
C ILE E 4 -15.71 16.01 31.16
N GLN E 5 -15.75 16.83 32.20
CA GLN E 5 -15.89 16.40 33.59
C GLN E 5 -16.56 17.54 34.38
N PRO E 6 -17.45 17.20 35.32
CA PRO E 6 -18.18 18.17 36.15
C PRO E 6 -17.25 18.94 37.09
N SER E 7 -17.38 20.26 37.06
CA SER E 7 -16.55 21.14 37.86
C SER E 7 -16.46 20.78 39.32
N SER E 8 -17.54 20.24 39.86
CA SER E 8 -17.56 19.90 41.27
C SER E 8 -18.65 18.90 41.52
N ALA E 9 -18.89 18.62 42.79
CA ALA E 9 -19.92 17.67 43.16
C ALA E 9 -20.09 17.64 44.66
N SER E 10 -21.19 17.05 45.10
CA SER E 10 -21.47 16.96 46.51
C SER E 10 -22.21 15.65 46.78
N VAL E 11 -21.88 15.05 47.92
CA VAL E 11 -22.50 13.79 48.33
C VAL E 11 -22.48 13.73 49.86
N THR E 12 -23.62 13.34 50.45
CA THR E 12 -23.75 13.24 51.90
C THR E 12 -23.24 11.89 52.38
N VAL E 13 -22.41 11.90 53.41
CA VAL E 13 -21.83 10.67 53.93
C VAL E 13 -22.79 9.50 53.96
N GLY E 14 -22.27 8.31 53.67
CA GLY E 14 -23.09 7.12 53.66
C GLY E 14 -23.81 6.93 52.35
N GLU E 15 -24.15 8.03 51.68
CA GLU E 15 -24.85 8.00 50.40
C GLU E 15 -23.88 7.68 49.27
N THR E 16 -24.39 7.73 48.04
CA THR E 16 -23.56 7.46 46.88
C THR E 16 -23.75 8.51 45.78
N VAL E 17 -22.64 8.96 45.22
CA VAL E 17 -22.61 9.97 44.17
C VAL E 17 -22.08 9.35 42.88
N LYS E 18 -21.95 10.18 41.85
CA LYS E 18 -21.47 9.72 40.56
C LYS E 18 -20.78 10.85 39.83
N ILE E 19 -19.54 10.61 39.39
CA ILE E 19 -18.80 11.62 38.65
C ILE E 19 -18.71 11.11 37.22
N THR E 20 -19.06 11.95 36.26
CA THR E 20 -18.98 11.52 34.87
C THR E 20 -17.77 12.11 34.15
N CYS E 21 -17.42 11.49 33.03
CA CYS E 21 -16.29 11.89 32.20
C CYS E 21 -16.69 11.51 30.77
N SER E 22 -17.13 12.49 29.99
CA SER E 22 -17.57 12.23 28.63
C SER E 22 -16.44 12.36 27.64
N GLY E 23 -16.18 11.29 26.91
CA GLY E 23 -15.11 11.29 25.94
C GLY E 23 -15.58 10.89 24.56
N ASP E 24 -15.30 11.74 23.57
CA ASP E 24 -15.71 11.47 22.20
C ASP E 24 -15.10 10.18 21.69
N GLN E 25 -13.83 9.95 22.04
CA GLN E 25 -13.12 8.75 21.61
C GLN E 25 -13.12 7.63 22.65
N LEU E 26 -13.81 7.86 23.77
CA LEU E 26 -13.87 6.86 24.84
C LEU E 26 -14.21 5.47 24.33
N PRO E 27 -15.21 5.39 23.46
CA PRO E 27 -15.63 4.10 22.89
C PRO E 27 -14.43 3.33 22.37
N LYS E 28 -13.36 4.08 22.08
CA LYS E 28 -12.14 3.49 21.55
C LYS E 28 -10.97 3.44 22.54
N ASN E 29 -11.02 4.26 23.59
CA ASN E 29 -9.92 4.26 24.55
C ASN E 29 -10.34 4.09 26.01
N PHE E 30 -9.63 3.20 26.69
CA PHE E 30 -9.89 2.93 28.09
C PHE E 30 -9.93 4.26 28.88
N ALA E 31 -10.18 4.15 30.18
CA ALA E 31 -10.25 5.33 31.04
C ALA E 31 -9.69 4.99 32.42
N TYR E 32 -8.97 5.93 33.05
CA TYR E 32 -8.40 5.70 34.38
C TYR E 32 -8.80 6.76 35.39
N TRP E 33 -9.18 6.32 36.58
CA TRP E 33 -9.59 7.25 37.62
C TRP E 33 -8.57 7.41 38.73
N PHE E 34 -8.17 8.65 38.96
CA PHE E 34 -7.21 8.99 39.99
C PHE E 34 -7.89 9.90 40.98
N GLN E 35 -7.27 10.04 42.14
CA GLN E 35 -7.77 10.91 43.20
C GLN E 35 -6.58 11.64 43.79
N GLN E 36 -6.76 12.93 44.03
CA GLN E 36 -5.69 13.72 44.59
C GLN E 36 -6.24 14.44 45.79
N LYS E 37 -5.79 14.05 46.98
CA LYS E 37 -6.27 14.68 48.19
C LYS E 37 -5.50 15.95 48.48
N SER E 38 -5.99 16.73 49.43
CA SER E 38 -5.32 17.98 49.77
C SER E 38 -3.81 17.77 49.87
N ASP E 39 -3.39 16.53 50.07
CA ASP E 39 -1.97 16.22 50.17
C ASP E 39 -1.28 16.16 48.80
N LYS E 40 -2.03 16.47 47.75
CA LYS E 40 -1.49 16.48 46.38
C LYS E 40 -0.88 15.14 45.96
N ASN E 41 -1.23 14.08 46.68
CA ASN E 41 -0.73 12.75 46.36
C ASN E 41 -1.67 12.08 45.37
N ILE E 42 -1.13 11.68 44.22
CA ILE E 42 -1.91 11.04 43.17
C ILE E 42 -2.24 9.61 43.50
N LEU E 43 -3.51 9.25 43.35
CA LEU E 43 -3.96 7.89 43.64
C LEU E 43 -4.79 7.32 42.52
N LEU E 44 -4.25 6.31 41.84
CA LEU E 44 -4.97 5.66 40.76
C LEU E 44 -6.08 4.85 41.41
N LEU E 45 -7.32 5.31 41.29
CA LEU E 45 -8.46 4.61 41.87
C LEU E 45 -8.87 3.41 41.02
N ILE E 46 -9.20 3.68 39.76
CA ILE E 46 -9.61 2.63 38.84
C ILE E 46 -8.85 2.69 37.52
N TYR E 47 -8.83 1.57 36.80
CA TYR E 47 -8.13 1.52 35.53
C TYR E 47 -8.77 0.55 34.56
N MET E 48 -8.59 0.83 33.27
CA MET E 48 -9.12 -0.01 32.23
C MET E 48 -10.64 -0.02 32.27
N ASP E 49 -11.21 1.16 32.46
CA ASP E 49 -12.65 1.32 32.49
C ASP E 49 -13.46 0.62 33.57
N ASN E 50 -12.84 -0.10 34.50
CA ASN E 50 -13.64 -0.76 35.52
C ASN E 50 -12.91 -1.68 36.49
N LYS E 51 -11.60 -1.77 36.36
CA LYS E 51 -10.83 -2.62 37.24
C LYS E 51 -10.26 -1.82 38.40
N ARG E 52 -10.57 -2.24 39.61
CA ARG E 52 -10.11 -1.57 40.82
C ARG E 52 -8.86 -2.23 41.40
N PRO E 53 -7.76 -1.49 41.51
CA PRO E 53 -6.50 -2.02 42.06
C PRO E 53 -6.66 -2.51 43.48
N SER E 54 -5.72 -3.33 43.92
CA SER E 54 -5.75 -3.86 45.28
C SER E 54 -5.35 -2.80 46.28
N GLY E 55 -5.95 -2.87 47.47
CA GLY E 55 -5.65 -1.91 48.51
C GLY E 55 -6.54 -0.69 48.39
N ILE E 56 -7.51 -0.75 47.49
CA ILE E 56 -8.44 0.35 47.28
C ILE E 56 -9.87 0.00 47.68
N PRO E 57 -10.50 0.86 48.50
CA PRO E 57 -11.89 0.66 48.96
C PRO E 57 -12.78 0.06 47.88
N GLU E 58 -13.63 -0.89 48.27
CA GLU E 58 -14.51 -1.54 47.31
C GLU E 58 -15.72 -0.70 46.92
N ARG E 59 -15.84 0.49 47.50
CA ARG E 59 -16.97 1.34 47.16
C ARG E 59 -16.64 2.09 45.88
N PHE E 60 -15.42 1.91 45.40
CA PHE E 60 -15.00 2.57 44.17
C PHE E 60 -15.24 1.66 42.96
N SER E 61 -16.36 1.85 42.29
CA SER E 61 -16.65 1.05 41.11
C SER E 61 -16.25 1.93 39.94
N GLY E 62 -16.28 1.36 38.74
CA GLY E 62 -15.91 2.15 37.58
C GLY E 62 -16.59 1.62 36.34
N SER E 63 -17.80 2.08 36.07
CA SER E 63 -18.52 1.64 34.88
C SER E 63 -18.13 2.61 33.80
N THR E 64 -18.62 2.39 32.59
CA THR E 64 -18.32 3.28 31.46
C THR E 64 -19.21 2.94 30.27
N SER E 65 -20.15 3.81 29.97
CA SER E 65 -21.04 3.55 28.86
C SER E 65 -20.70 4.42 27.65
N GLY E 66 -20.91 3.85 26.47
CA GLY E 66 -20.64 4.56 25.25
C GLY E 66 -19.49 5.53 25.36
N THR E 67 -19.79 6.81 25.19
CA THR E 67 -18.77 7.85 25.25
C THR E 67 -18.60 8.47 26.64
N THR E 68 -19.12 7.81 27.66
CA THR E 68 -18.99 8.32 29.03
C THR E 68 -18.74 7.23 30.06
N ALA E 69 -17.57 7.31 30.70
CA ALA E 69 -17.19 6.37 31.75
C ALA E 69 -17.53 7.09 33.05
N THR E 70 -17.91 6.33 34.07
CA THR E 70 -18.26 6.93 35.35
C THR E 70 -17.59 6.24 36.53
N LEU E 71 -17.30 7.02 37.57
CA LEU E 71 -16.70 6.50 38.79
C LEU E 71 -17.84 6.61 39.78
N THR E 72 -18.08 5.56 40.56
CA THR E 72 -19.20 5.56 41.50
C THR E 72 -18.80 5.29 42.93
N ILE E 73 -18.85 6.31 43.78
CA ILE E 73 -18.49 6.13 45.17
C ILE E 73 -19.70 5.63 45.96
N SER E 74 -19.67 4.35 46.30
CA SER E 74 -20.75 3.74 47.06
C SER E 74 -20.54 4.04 48.52
N GLY E 75 -21.56 4.60 49.16
CA GLY E 75 -21.46 4.92 50.57
C GLY E 75 -20.41 5.99 50.83
N ALA E 76 -20.42 7.01 49.99
CA ALA E 76 -19.47 8.12 50.11
C ALA E 76 -19.05 8.34 51.55
N GLN E 77 -17.74 8.45 51.79
CA GLN E 77 -17.20 8.67 53.12
C GLN E 77 -16.63 10.06 53.22
N PRO E 78 -16.36 10.52 54.46
CA PRO E 78 -15.80 11.87 54.62
C PRO E 78 -14.37 11.96 54.11
N GLU E 79 -13.57 10.96 54.43
CA GLU E 79 -12.17 10.95 54.01
C GLU E 79 -12.06 10.77 52.50
N ASP E 80 -13.17 11.00 51.79
CA ASP E 80 -13.17 10.85 50.34
C ASP E 80 -13.22 12.18 49.59
N GLU E 81 -13.30 13.28 50.34
CA GLU E 81 -13.33 14.59 49.74
C GLU E 81 -11.97 14.95 49.19
N ALA E 82 -11.84 14.87 47.87
CA ALA E 82 -10.59 15.19 47.18
C ALA E 82 -10.88 15.42 45.70
N ALA E 83 -9.81 15.63 44.93
CA ALA E 83 -9.95 15.86 43.50
C ALA E 83 -10.07 14.52 42.77
N TYR E 84 -10.79 14.54 41.65
CA TYR E 84 -10.96 13.32 40.88
C TYR E 84 -10.72 13.63 39.44
N TYR E 85 -9.77 12.90 38.86
CA TYR E 85 -9.40 13.09 37.46
C TYR E 85 -9.57 11.80 36.66
N CYS E 86 -10.18 11.91 35.49
CA CYS E 86 -10.34 10.76 34.63
C CYS E 86 -9.29 10.92 33.57
N LEU E 87 -8.71 9.80 33.14
CA LEU E 87 -7.67 9.83 32.12
C LEU E 87 -8.05 9.00 30.90
N SER E 88 -7.58 9.42 29.72
CA SER E 88 -7.86 8.71 28.47
C SER E 88 -6.90 9.11 27.37
N SER E 89 -7.07 8.49 26.20
CA SER E 89 -6.21 8.76 25.06
C SER E 89 -7.02 9.06 23.81
N TYR E 90 -6.36 9.59 22.79
CA TYR E 90 -6.98 9.95 21.53
C TYR E 90 -5.91 10.04 20.46
N GLY E 91 -6.33 10.11 19.19
CA GLY E 91 -5.39 10.21 18.10
C GLY E 91 -4.85 8.84 17.73
N ASP E 92 -4.30 8.71 16.54
CA ASP E 92 -3.74 7.44 16.12
C ASP E 92 -2.59 7.06 17.05
N ASN E 93 -1.92 8.08 17.59
CA ASN E 93 -0.80 7.89 18.49
C ASN E 93 -1.21 7.78 19.96
N ASN E 94 -2.50 7.55 20.20
CA ASN E 94 -3.01 7.42 21.55
C ASN E 94 -2.37 8.43 22.49
N ASP E 95 -2.68 9.70 22.27
CA ASP E 95 -2.14 10.74 23.11
C ASP E 95 -2.96 10.70 24.37
N LEU E 96 -2.34 10.95 25.51
CA LEU E 96 -3.04 10.93 26.79
C LEU E 96 -3.74 12.25 27.03
N VAL E 97 -4.78 12.22 27.86
CA VAL E 97 -5.53 13.43 28.19
C VAL E 97 -6.33 13.27 29.48
N PHE E 98 -6.28 14.30 30.32
CA PHE E 98 -7.01 14.28 31.57
C PHE E 98 -8.29 15.07 31.38
N GLY E 99 -9.29 14.81 32.20
CA GLY E 99 -10.52 15.56 32.11
C GLY E 99 -10.15 16.85 32.82
N SER E 100 -11.13 17.56 33.37
CA SER E 100 -10.80 18.80 34.06
C SER E 100 -10.88 18.64 35.59
N GLY E 101 -10.98 17.40 36.06
CA GLY E 101 -11.06 17.16 37.49
C GLY E 101 -12.41 17.54 38.05
N THR E 102 -12.85 16.82 39.08
CA THR E 102 -14.13 17.09 39.71
C THR E 102 -13.96 17.27 41.22
N GLN E 103 -14.30 18.45 41.72
CA GLN E 103 -14.18 18.72 43.15
C GLN E 103 -15.43 18.28 43.90
N LEU E 104 -15.33 17.15 44.59
CA LEU E 104 -16.45 16.62 45.34
C LEU E 104 -16.31 16.91 46.82
N THR E 105 -17.43 17.26 47.44
CA THR E 105 -17.48 17.56 48.85
C THR E 105 -18.42 16.58 49.55
N VAL E 106 -18.03 16.16 50.75
CA VAL E 106 -18.83 15.23 51.53
C VAL E 106 -19.46 15.96 52.70
N LEU E 107 -20.75 16.27 52.56
CA LEU E 107 -21.49 16.97 53.60
C LEU E 107 -21.70 16.08 54.83
N ARG E 108 -21.43 16.66 56.00
CA ARG E 108 -21.60 15.96 57.25
C ARG E 108 -22.94 16.32 57.88
N GLY E 109 -23.13 17.61 58.14
CA GLY E 109 -24.38 18.06 58.73
C GLY E 109 -24.21 18.79 60.05
N PRO E 110 -23.18 18.43 60.85
CA PRO E 110 -22.96 19.10 62.14
C PRO E 110 -22.78 20.62 62.00
N LYS E 111 -23.90 21.31 61.81
CA LYS E 111 -23.89 22.76 61.64
C LYS E 111 -22.84 23.41 62.53
N SER E 112 -21.97 24.21 61.92
CA SER E 112 -20.93 24.89 62.66
C SER E 112 -20.85 26.34 62.24
N SER E 113 -20.59 27.22 63.19
CA SER E 113 -20.48 28.64 62.88
C SER E 113 -19.02 29.05 62.94
N PRO E 114 -18.66 30.17 62.30
CA PRO E 114 -17.29 30.71 62.23
C PRO E 114 -16.75 31.22 63.55
N LYS E 115 -15.47 31.61 63.54
CA LYS E 115 -14.80 32.14 64.71
C LYS E 115 -13.84 33.24 64.25
N VAL E 116 -14.43 34.40 63.93
CA VAL E 116 -13.66 35.56 63.45
C VAL E 116 -12.56 36.04 64.37
N THR E 117 -11.58 36.73 63.79
CA THR E 117 -10.45 37.26 64.54
C THR E 117 -9.64 38.25 63.71
N VAL E 118 -9.70 39.52 64.06
CA VAL E 118 -8.97 40.55 63.32
C VAL E 118 -7.57 40.72 63.89
N PHE E 119 -6.72 41.41 63.14
CA PHE E 119 -5.34 41.63 63.56
C PHE E 119 -4.83 42.96 63.04
N PRO E 120 -4.71 43.96 63.90
CA PRO E 120 -4.22 45.28 63.51
C PRO E 120 -2.79 45.19 62.96
N PRO E 121 -2.38 46.18 62.18
CA PRO E 121 -1.04 46.27 61.57
C PRO E 121 0.08 46.29 62.59
N SER E 122 1.09 45.45 62.39
CA SER E 122 2.23 45.39 63.31
C SER E 122 2.94 46.74 63.44
N PRO E 123 3.64 46.96 64.56
CA PRO E 123 4.35 48.22 64.79
C PRO E 123 5.52 48.41 63.83
N GLU E 124 6.24 47.32 63.55
CA GLU E 124 7.37 47.37 62.64
C GLU E 124 6.85 47.49 61.22
N GLU E 125 5.69 46.90 60.98
CA GLU E 125 5.05 46.95 59.68
C GLU E 125 4.72 48.42 59.38
N LEU E 126 4.14 49.10 60.36
CA LEU E 126 3.79 50.50 60.21
C LEU E 126 5.09 51.24 59.98
N ARG E 127 6.19 50.67 60.47
CA ARG E 127 7.50 51.28 60.29
C ARG E 127 7.71 51.45 58.79
N THR E 128 7.40 50.39 58.06
CA THR E 128 7.54 50.39 56.60
C THR E 128 6.42 51.25 56.01
N ASN E 129 5.58 51.77 56.89
CA ASN E 129 4.45 52.61 56.50
C ASN E 129 3.40 51.80 55.75
N LYS E 130 3.26 50.55 56.16
CA LYS E 130 2.28 49.64 55.55
C LYS E 130 1.39 49.07 56.65
N ALA E 131 0.09 49.02 56.38
CA ALA E 131 -0.85 48.51 57.37
C ALA E 131 -1.73 47.38 56.85
N THR E 132 -1.20 46.17 56.82
CA THR E 132 -1.99 45.04 56.37
C THR E 132 -2.83 44.55 57.53
N LEU E 133 -4.15 44.47 57.32
CA LEU E 133 -5.07 44.01 58.35
C LEU E 133 -5.53 42.59 58.06
N VAL E 134 -4.94 41.63 58.77
CA VAL E 134 -5.29 40.24 58.59
C VAL E 134 -6.52 39.84 59.42
N CYS E 135 -7.58 39.42 58.73
CA CYS E 135 -8.80 39.01 59.40
C CYS E 135 -9.00 37.53 59.17
N LEU E 136 -8.89 36.74 60.23
CA LEU E 136 -9.09 35.30 60.10
C LEU E 136 -10.42 34.85 60.68
N VAL E 137 -11.15 34.10 59.88
CA VAL E 137 -12.43 33.55 60.28
C VAL E 137 -12.16 32.06 60.28
N ASN E 138 -12.24 31.43 61.44
CA ASN E 138 -11.93 30.02 61.52
C ASN E 138 -13.01 29.12 62.11
N ASP E 139 -12.88 27.83 61.80
CA ASP E 139 -13.79 26.78 62.28
C ASP E 139 -15.28 26.93 61.97
N PHE E 140 -15.67 26.65 60.73
CA PHE E 140 -17.07 26.72 60.34
C PHE E 140 -17.43 25.57 59.39
N TYR E 141 -18.70 25.49 59.02
CA TYR E 141 -19.20 24.44 58.12
C TYR E 141 -20.65 24.70 57.77
N PRO E 142 -21.01 24.60 56.48
CA PRO E 142 -20.13 24.27 55.35
C PRO E 142 -19.83 25.48 54.46
N GLY E 143 -20.88 25.99 53.83
CA GLY E 143 -20.83 27.12 52.92
C GLY E 143 -19.87 28.26 53.16
N SER E 144 -19.10 28.58 52.12
CA SER E 144 -18.14 29.66 52.19
C SER E 144 -18.79 30.93 52.75
N ALA E 145 -18.11 31.53 53.72
CA ALA E 145 -18.58 32.75 54.35
C ALA E 145 -17.75 33.88 53.79
N THR E 146 -18.38 34.74 52.98
CA THR E 146 -17.69 35.88 52.37
C THR E 146 -17.28 36.89 53.42
N VAL E 147 -16.09 37.46 53.25
CA VAL E 147 -15.58 38.45 54.19
C VAL E 147 -15.62 39.83 53.55
N THR E 148 -16.38 40.75 54.14
CA THR E 148 -16.47 42.10 53.60
C THR E 148 -15.94 43.11 54.61
N TRP E 149 -15.30 44.17 54.12
CA TRP E 149 -14.74 45.20 54.98
C TRP E 149 -15.58 46.47 55.07
N LYS E 150 -15.66 47.01 56.29
CA LYS E 150 -16.44 48.20 56.54
C LYS E 150 -15.58 49.33 57.11
N ALA E 151 -15.90 50.57 56.75
CA ALA E 151 -15.17 51.73 57.21
C ALA E 151 -16.13 52.90 57.40
N ASN E 152 -16.61 53.09 58.63
CA ASN E 152 -17.54 54.17 58.93
C ASN E 152 -18.88 53.86 58.29
N GLY E 153 -19.44 52.70 58.62
CA GLY E 153 -20.72 52.31 58.08
C GLY E 153 -20.66 51.77 56.67
N ALA E 154 -19.86 52.40 55.82
CA ALA E 154 -19.73 51.98 54.43
C ALA E 154 -18.59 50.97 54.24
N THR E 155 -18.84 49.98 53.38
CA THR E 155 -17.86 48.95 53.08
C THR E 155 -16.73 49.47 52.19
N ILE E 156 -15.56 48.83 52.28
CA ILE E 156 -14.40 49.23 51.50
C ILE E 156 -14.17 48.21 50.36
N ASN E 157 -13.49 48.64 49.30
CA ASN E 157 -13.26 47.76 48.14
C ASN E 157 -11.88 47.89 47.47
N ASP E 158 -10.87 48.35 48.19
CA ASP E 158 -9.54 48.52 47.61
C ASP E 158 -8.42 47.82 48.39
N GLY E 159 -7.55 47.12 47.66
CA GLY E 159 -6.44 46.43 48.29
C GLY E 159 -6.84 45.35 49.27
N VAL E 160 -7.92 44.64 48.96
CA VAL E 160 -8.41 43.57 49.82
C VAL E 160 -8.24 42.23 49.14
N LYS E 161 -8.04 41.19 49.93
CA LYS E 161 -7.88 39.84 49.39
C LYS E 161 -8.37 38.82 50.39
N THR E 162 -9.06 37.79 49.92
CA THR E 162 -9.59 36.76 50.80
C THR E 162 -9.32 35.35 50.24
N THR E 163 -9.65 34.32 51.01
CA THR E 163 -9.47 32.93 50.60
C THR E 163 -10.51 32.04 51.28
N LYS E 164 -10.94 30.98 50.59
CA LYS E 164 -11.96 30.08 51.16
C LYS E 164 -11.51 28.65 51.36
N PRO E 165 -10.25 28.43 51.77
CA PRO E 165 -9.73 27.08 52.00
C PRO E 165 -10.53 26.29 53.04
N SER E 166 -10.18 25.01 53.20
CA SER E 166 -10.87 24.17 54.15
C SER E 166 -10.05 22.95 54.47
N LYS E 167 -9.62 22.84 55.72
CA LYS E 167 -8.82 21.70 56.14
C LYS E 167 -9.16 21.25 57.54
N GLN E 168 -8.13 20.87 58.29
CA GLN E 168 -8.35 20.39 59.64
C GLN E 168 -9.61 19.54 59.62
N GLY E 169 -9.46 18.33 59.10
CA GLY E 169 -10.56 17.39 59.01
C GLY E 169 -11.82 17.91 59.66
N GLN E 170 -12.63 18.61 58.88
CA GLN E 170 -13.88 19.16 59.39
C GLN E 170 -13.62 20.48 60.11
N ASN E 171 -13.39 21.53 59.33
CA ASN E 171 -13.14 22.85 59.90
C ASN E 171 -12.67 23.78 58.79
N TYR E 172 -13.52 24.74 58.42
CA TYR E 172 -13.19 25.69 57.38
C TYR E 172 -12.51 26.92 57.93
N MET E 173 -11.66 27.52 57.11
CA MET E 173 -10.93 28.72 57.48
C MET E 173 -10.89 29.66 56.28
N THR E 174 -11.17 30.92 56.52
CA THR E 174 -11.17 31.92 55.47
C THR E 174 -10.26 33.05 55.93
N SER E 175 -9.15 33.20 55.23
CA SER E 175 -8.20 34.25 55.58
C SER E 175 -8.39 35.47 54.66
N SER E 176 -8.88 36.56 55.23
CA SER E 176 -9.10 37.79 54.48
C SER E 176 -7.93 38.74 54.71
N TYR E 177 -7.89 39.83 53.96
CA TYR E 177 -6.82 40.80 54.09
C TYR E 177 -7.36 42.18 53.74
N LEU E 178 -6.68 43.21 54.22
CA LEU E 178 -7.10 44.56 53.92
C LEU E 178 -5.89 45.49 53.82
N SER E 179 -4.88 45.03 53.09
CA SER E 179 -3.68 45.83 52.90
C SER E 179 -4.11 47.29 52.79
N LEU E 180 -3.69 48.10 53.76
CA LEU E 180 -4.03 49.51 53.79
C LEU E 180 -2.77 50.31 54.08
N THR E 181 -2.78 51.61 53.75
CA THR E 181 -1.61 52.45 54.00
C THR E 181 -1.65 52.95 55.43
N ALA E 182 -0.52 52.84 56.13
CA ALA E 182 -0.43 53.28 57.52
C ALA E 182 -1.20 54.57 57.77
N ASP E 183 -1.21 55.47 56.79
CA ASP E 183 -1.91 56.73 56.93
C ASP E 183 -3.43 56.54 56.87
N GLN E 184 -3.89 55.72 55.93
CA GLN E 184 -5.33 55.45 55.83
C GLN E 184 -5.69 54.74 57.11
N TRP E 185 -4.78 53.88 57.56
CA TRP E 185 -4.94 53.11 58.78
C TRP E 185 -5.20 54.05 59.94
N LYS E 186 -4.22 54.89 60.26
CA LYS E 186 -4.38 55.85 61.36
C LYS E 186 -5.66 56.65 61.21
N SER E 187 -5.93 57.12 59.99
CA SER E 187 -7.14 57.91 59.72
C SER E 187 -8.39 57.05 59.58
N HIS E 188 -8.44 55.93 60.29
CA HIS E 188 -9.59 55.04 60.23
C HIS E 188 -10.23 54.85 61.60
N ASN E 189 -11.51 55.21 61.70
CA ASN E 189 -12.24 55.08 62.96
C ASN E 189 -12.77 53.67 63.14
N ARG E 190 -13.21 53.04 62.05
CA ARG E 190 -13.76 51.70 62.15
C ARG E 190 -13.47 50.81 60.94
N VAL E 191 -12.50 49.92 61.09
CA VAL E 191 -12.16 48.98 60.04
C VAL E 191 -12.83 47.68 60.45
N SER E 192 -13.79 47.22 59.66
CA SER E 192 -14.51 46.00 60.00
C SER E 192 -14.36 44.83 59.04
N CYS E 193 -14.51 43.63 59.59
CA CYS E 193 -14.42 42.40 58.83
C CYS E 193 -15.65 41.57 59.19
N GLN E 194 -16.58 41.46 58.25
CA GLN E 194 -17.81 40.72 58.46
C GLN E 194 -17.91 39.45 57.65
N VAL E 195 -18.02 38.34 58.34
CA VAL E 195 -18.16 37.05 57.68
C VAL E 195 -19.63 36.68 57.69
N THR E 196 -20.15 36.34 56.52
CA THR E 196 -21.55 35.96 56.40
C THR E 196 -21.58 34.47 56.11
N HIS E 197 -21.59 33.66 57.16
CA HIS E 197 -21.60 32.23 57.00
C HIS E 197 -22.89 31.75 56.33
N GLU E 198 -22.77 30.66 55.58
CA GLU E 198 -23.90 30.06 54.86
C GLU E 198 -24.94 29.51 55.83
N GLY E 199 -26.17 29.36 55.36
CA GLY E 199 -27.23 28.85 56.21
C GLY E 199 -27.78 29.96 57.07
N GLU E 200 -26.97 30.97 57.33
CA GLU E 200 -27.38 32.10 58.15
C GLU E 200 -26.87 33.42 57.61
N THR E 201 -27.67 34.47 57.77
CA THR E 201 -27.27 35.80 57.31
C THR E 201 -26.12 36.23 58.22
N VAL E 202 -25.46 35.24 58.79
CA VAL E 202 -24.33 35.43 59.69
C VAL E 202 -23.58 36.74 59.48
N GLU E 203 -23.38 37.48 60.56
CA GLU E 203 -22.67 38.74 60.49
C GLU E 203 -21.67 38.81 61.62
N LYS E 204 -20.60 38.02 61.52
CA LYS E 204 -19.59 38.03 62.56
C LYS E 204 -19.04 39.44 62.67
N SER E 205 -19.93 40.37 63.00
CA SER E 205 -19.60 41.79 63.14
C SER E 205 -18.28 42.00 63.86
N LEU E 206 -17.20 41.45 63.32
CA LEU E 206 -15.88 41.62 63.91
C LEU E 206 -15.49 43.06 63.61
N SER E 207 -16.14 44.00 64.31
CA SER E 207 -15.88 45.42 64.11
C SER E 207 -14.61 45.91 64.81
N PRO E 208 -13.45 45.80 64.14
CA PRO E 208 -12.18 46.23 64.71
C PRO E 208 -12.15 47.74 64.92
N ALA E 209 -12.73 48.18 66.04
CA ALA E 209 -12.81 49.60 66.39
C ALA E 209 -11.47 50.31 66.27
N GLU E 210 -11.28 51.33 67.11
CA GLU E 210 -10.04 52.09 67.10
C GLU E 210 -9.30 52.06 68.44
N CYS E 211 -9.04 50.85 68.92
CA CYS E 211 -8.32 50.69 70.18
C CYS E 211 -6.92 51.23 69.92
N LEU E 212 -6.26 51.72 70.95
CA LEU E 212 -4.90 52.25 70.78
C LEU E 212 -4.90 53.59 70.05
N GLU F 1 8.30 -1.90 47.10
CA GLU F 1 9.36 -0.91 47.38
C GLU F 1 9.68 -0.06 46.14
N VAL F 2 8.76 -0.05 45.19
CA VAL F 2 8.94 0.72 43.96
C VAL F 2 9.07 2.23 44.27
N TYR F 3 9.98 2.90 43.58
CA TYR F 3 10.23 4.31 43.81
C TYR F 3 10.37 5.10 42.52
N LEU F 4 9.78 6.30 42.52
CA LEU F 4 9.82 7.18 41.37
C LEU F 4 10.12 8.58 41.87
N VAL F 5 11.40 8.97 41.83
CA VAL F 5 11.79 10.28 42.31
C VAL F 5 12.04 11.30 41.21
N GLU F 6 11.39 12.46 41.31
CA GLU F 6 11.59 13.53 40.34
C GLU F 6 12.64 14.45 40.95
N SER F 7 13.46 15.07 40.11
CA SER F 7 14.49 15.98 40.60
C SER F 7 15.03 16.86 39.48
N GLY F 8 15.13 18.16 39.74
CA GLY F 8 15.64 19.06 38.73
C GLY F 8 14.93 20.39 38.70
N GLY F 9 13.78 20.46 39.37
CA GLY F 9 13.03 21.71 39.39
C GLY F 9 13.85 22.92 39.76
N ASP F 10 13.29 24.10 39.52
CA ASP F 10 13.93 25.36 39.84
C ASP F 10 13.14 26.54 39.29
N LEU F 11 13.48 27.73 39.78
CA LEU F 11 12.83 28.97 39.35
C LEU F 11 13.71 29.63 38.30
N VAL F 12 13.23 29.65 37.06
CA VAL F 12 13.99 30.25 35.98
C VAL F 12 13.22 31.35 35.27
N GLN F 13 13.94 32.14 34.48
CA GLN F 13 13.36 33.24 33.73
C GLN F 13 12.78 32.79 32.40
N PRO F 14 11.63 33.37 32.01
CA PRO F 14 10.93 33.06 30.76
C PRO F 14 11.88 32.88 29.57
N GLY F 15 11.60 31.87 28.74
CA GLY F 15 12.44 31.61 27.59
C GLY F 15 13.65 30.76 27.89
N SER F 16 13.87 30.43 29.16
CA SER F 16 15.01 29.62 29.55
C SER F 16 14.96 28.19 29.03
N SER F 17 15.48 27.27 29.85
CA SER F 17 15.50 25.86 29.53
C SER F 17 15.85 25.06 30.78
N LEU F 18 15.03 24.05 31.09
CA LEU F 18 15.24 23.20 32.27
C LEU F 18 15.22 21.69 31.93
N LYS F 19 16.14 20.94 32.52
CA LYS F 19 16.19 19.50 32.28
C LYS F 19 15.98 18.67 33.56
N VAL F 20 14.72 18.41 33.89
CA VAL F 20 14.39 17.62 35.07
C VAL F 20 14.39 16.13 34.74
N SER F 21 14.62 15.28 35.74
CA SER F 21 14.66 13.84 35.51
C SER F 21 13.69 13.06 36.40
N CYS F 22 13.59 11.75 36.14
CA CYS F 22 12.70 10.89 36.92
C CYS F 22 13.49 9.65 37.34
N ALA F 23 13.75 9.52 38.64
CA ALA F 23 14.51 8.38 39.14
C ALA F 23 13.61 7.21 39.55
N ALA F 24 14.03 6.00 39.14
CA ALA F 24 13.27 4.79 39.44
C ALA F 24 13.95 3.91 40.50
N SER F 25 13.22 2.91 40.98
CA SER F 25 13.76 2.00 42.00
C SER F 25 12.70 1.00 42.49
N GLY F 26 13.09 -0.26 42.58
CA GLY F 26 12.17 -1.27 43.05
C GLY F 26 11.40 -2.06 42.01
N PHE F 27 11.92 -2.12 40.79
CA PHE F 27 11.26 -2.86 39.71
C PHE F 27 12.03 -2.79 38.40
N THR F 28 11.77 -3.74 37.50
CA THR F 28 12.44 -3.78 36.21
C THR F 28 12.01 -2.61 35.33
N PHE F 29 12.72 -1.50 35.47
CA PHE F 29 12.46 -0.27 34.70
C PHE F 29 12.42 -0.58 33.20
N SER F 30 12.96 -1.74 32.82
CA SER F 30 13.00 -2.15 31.42
C SER F 30 11.65 -2.36 30.76
N ASP F 31 10.75 -3.11 31.39
CA ASP F 31 9.45 -3.34 30.79
C ASP F 31 8.37 -2.36 31.22
N PHE F 32 8.69 -1.07 31.21
CA PHE F 32 7.74 -0.03 31.61
C PHE F 32 7.89 1.26 30.84
N TRP F 33 6.77 1.79 30.37
CA TRP F 33 6.78 3.04 29.63
C TRP F 33 6.67 4.18 30.63
N MET F 34 7.55 5.17 30.50
CA MET F 34 7.55 6.31 31.41
C MET F 34 6.73 7.49 30.90
N TYR F 35 6.10 8.20 31.82
CA TYR F 35 5.28 9.34 31.47
C TYR F 35 5.59 10.54 32.35
N TRP F 36 5.46 11.71 31.76
CA TRP F 36 5.69 12.95 32.49
C TRP F 36 4.33 13.60 32.64
N VAL F 37 4.17 14.42 33.66
CA VAL F 37 2.91 15.09 33.89
C VAL F 37 3.08 16.22 34.87
N ARG F 38 2.57 17.38 34.50
CA ARG F 38 2.68 18.56 35.35
C ARG F 38 1.31 18.97 35.86
N GLN F 39 1.28 20.00 36.70
CA GLN F 39 0.04 20.52 37.25
C GLN F 39 0.28 21.91 37.82
N ALA F 40 -0.61 22.84 37.51
CA ALA F 40 -0.49 24.21 38.00
C ALA F 40 -1.17 24.31 39.34
N PRO F 41 -0.68 25.18 40.22
CA PRO F 41 -1.27 25.37 41.55
C PRO F 41 -2.75 25.03 41.60
N GLY F 42 -3.58 25.97 41.18
CA GLY F 42 -5.01 25.74 41.20
C GLY F 42 -5.54 24.95 40.03
N LYS F 43 -4.67 24.60 39.08
CA LYS F 43 -5.07 23.86 37.89
C LYS F 43 -4.98 22.34 38.11
N GLY F 44 -5.79 21.58 37.39
CA GLY F 44 -5.76 20.14 37.56
C GLY F 44 -4.48 19.49 37.09
N LEU F 45 -4.56 18.20 36.76
CA LEU F 45 -3.41 17.45 36.26
C LEU F 45 -3.40 17.62 34.74
N GLU F 46 -2.22 17.81 34.18
CA GLU F 46 -2.08 17.98 32.74
C GLU F 46 -0.95 17.07 32.27
N TRP F 47 -1.28 16.17 31.35
CA TRP F 47 -0.32 15.22 30.80
C TRP F 47 0.71 15.88 29.89
N VAL F 48 1.98 15.58 30.14
CA VAL F 48 3.08 16.14 29.37
C VAL F 48 3.58 15.27 28.22
N GLY F 49 3.99 14.03 28.51
CA GLY F 49 4.50 13.18 27.45
C GLY F 49 4.71 11.73 27.83
N ARG F 50 5.30 10.96 26.91
CA ARG F 50 5.58 9.54 27.14
C ARG F 50 6.73 9.01 26.28
N ILE F 51 7.46 8.05 26.84
CA ILE F 51 8.59 7.44 26.15
C ILE F 51 8.55 5.94 26.40
N LYS F 52 8.50 5.16 25.33
CA LYS F 52 8.43 3.70 25.43
C LYS F 52 9.76 3.02 25.77
N ASN F 53 9.71 1.69 25.91
CA ASN F 53 10.92 0.94 26.22
C ASN F 53 11.73 0.71 24.96
N ILE F 54 12.72 -0.16 25.06
CA ILE F 54 13.58 -0.44 23.91
C ILE F 54 12.80 -1.21 22.86
N PRO F 55 12.29 -2.40 23.21
CA PRO F 55 11.52 -3.24 22.30
C PRO F 55 10.65 -2.40 21.38
N ASN F 56 10.07 -1.35 21.93
CA ASN F 56 9.22 -0.47 21.17
C ASN F 56 9.99 0.76 20.70
N ASN F 57 11.31 0.66 20.79
CA ASN F 57 12.22 1.71 20.35
C ASN F 57 12.14 3.08 21.02
N TYR F 58 11.89 3.11 22.32
CA TYR F 58 11.82 4.37 23.06
C TYR F 58 10.97 5.42 22.36
N ALA F 59 10.04 5.01 21.52
CA ALA F 59 9.19 5.97 20.85
C ALA F 59 8.64 7.03 21.82
N THR F 60 8.79 8.30 21.47
CA THR F 60 8.33 9.39 22.32
C THR F 60 7.03 10.03 21.80
N GLU F 61 6.40 10.83 22.65
CA GLU F 61 5.17 11.52 22.28
C GLU F 61 5.05 12.77 23.14
N TYR F 62 4.31 13.76 22.66
CA TYR F 62 4.16 14.99 23.42
C TYR F 62 2.77 15.58 23.26
N ALA F 63 2.23 16.06 24.37
CA ALA F 63 0.92 16.68 24.35
C ALA F 63 1.08 17.97 23.57
N ASP F 64 -0.01 18.45 22.98
CA ASP F 64 0.00 19.66 22.19
C ASP F 64 0.66 20.85 22.88
N SER F 65 0.32 21.04 24.15
CA SER F 65 0.85 22.14 24.94
C SER F 65 2.36 22.38 24.83
N VAL F 66 3.13 21.33 24.56
CA VAL F 66 4.58 21.46 24.46
C VAL F 66 5.22 20.57 23.41
N ARG F 67 4.58 20.45 22.24
CA ARG F 67 5.11 19.59 21.20
C ARG F 67 6.44 20.01 20.57
N GLY F 68 6.53 21.28 20.19
CA GLY F 68 7.76 21.76 19.57
C GLY F 68 8.81 22.34 20.51
N ARG F 69 8.58 22.27 21.82
CA ARG F 69 9.54 22.80 22.78
C ARG F 69 10.07 21.77 23.79
N PHE F 70 9.23 20.82 24.20
CA PHE F 70 9.67 19.82 25.16
C PHE F 70 10.14 18.52 24.49
N THR F 71 11.06 17.84 25.15
CA THR F 71 11.59 16.58 24.65
C THR F 71 11.68 15.62 25.84
N ILE F 72 12.05 14.38 25.57
CA ILE F 72 12.17 13.39 26.62
C ILE F 72 13.20 12.38 26.16
N SER F 73 13.91 11.78 27.12
CA SER F 73 14.95 10.81 26.83
C SER F 73 15.01 9.81 27.96
N ARG F 74 15.21 8.55 27.59
CA ARG F 74 15.27 7.45 28.56
C ARG F 74 16.72 7.04 28.74
N ASP F 75 17.07 6.58 29.94
CA ASP F 75 18.45 6.16 30.21
C ASP F 75 18.45 4.87 31.00
N ASP F 76 18.05 3.79 30.35
CA ASP F 76 18.00 2.48 31.00
C ASP F 76 19.27 2.13 31.78
N SER F 77 20.40 2.68 31.34
CA SER F 77 21.67 2.41 32.02
C SER F 77 21.63 3.03 33.41
N ARG F 78 20.69 3.95 33.61
CA ARG F 78 20.52 4.62 34.89
C ARG F 78 19.13 4.34 35.44
N ASN F 79 18.28 3.72 34.62
CA ASN F 79 16.92 3.42 35.02
C ASN F 79 16.22 4.76 35.28
N SER F 80 15.96 5.51 34.22
CA SER F 80 15.30 6.81 34.38
C SER F 80 14.82 7.43 33.07
N ILE F 81 14.48 8.72 33.13
CA ILE F 81 13.99 9.48 31.99
C ILE F 81 14.12 10.97 32.29
N TYR F 82 14.22 11.80 31.27
CA TYR F 82 14.37 13.24 31.49
C TYR F 82 13.44 14.02 30.57
N LEU F 83 13.10 15.23 31.01
CA LEU F 83 12.23 16.07 30.21
C LEU F 83 12.94 17.37 29.89
N GLN F 84 13.55 17.40 28.71
CA GLN F 84 14.28 18.57 28.22
C GLN F 84 13.29 19.64 27.78
N MET F 85 13.07 20.64 28.61
CA MET F 85 12.11 21.68 28.26
C MET F 85 12.67 23.10 28.20
N ASN F 86 13.03 23.53 27.00
CA ASN F 86 13.56 24.89 26.82
C ASN F 86 12.42 25.79 26.40
N ARG F 87 12.74 27.06 26.15
CA ARG F 87 11.73 28.03 25.77
C ARG F 87 10.53 27.89 26.71
N LEU F 88 10.78 27.91 28.01
CA LEU F 88 9.71 27.79 28.99
C LEU F 88 9.03 29.14 29.21
N ARG F 89 7.72 29.13 29.42
CA ARG F 89 6.98 30.36 29.67
C ARG F 89 6.33 30.30 31.05
N VAL F 90 5.93 31.45 31.57
CA VAL F 90 5.31 31.50 32.89
C VAL F 90 4.34 30.34 33.07
N ASP F 91 3.35 30.24 32.20
CA ASP F 91 2.35 29.18 32.27
C ASP F 91 2.96 27.78 32.37
N ASP F 92 4.29 27.70 32.35
CA ASP F 92 4.98 26.42 32.44
C ASP F 92 5.35 26.12 33.89
N THR F 93 5.05 27.06 34.77
CA THR F 93 5.34 26.89 36.18
C THR F 93 4.41 25.81 36.73
N ALA F 94 4.99 24.75 37.29
CA ALA F 94 4.18 23.66 37.84
C ALA F 94 5.03 22.57 38.47
N ILE F 95 4.36 21.55 39.01
CA ILE F 95 5.06 20.43 39.61
C ILE F 95 5.02 19.27 38.63
N TYR F 96 6.21 18.83 38.21
CA TYR F 96 6.28 17.75 37.25
C TYR F 96 6.39 16.36 37.86
N TYR F 97 5.35 15.57 37.65
CA TYR F 97 5.30 14.20 38.16
C TYR F 97 5.60 13.22 37.05
N CYS F 98 6.24 12.12 37.42
CA CYS F 98 6.58 11.08 36.46
C CYS F 98 5.95 9.78 36.95
N THR F 99 5.27 9.07 36.06
CA THR F 99 4.65 7.80 36.43
C THR F 99 5.07 6.70 35.47
N ARG F 100 4.62 5.48 35.72
CA ARG F 100 5.00 4.38 34.88
C ARG F 100 3.83 3.57 34.32
N ALA F 101 4.13 2.73 33.34
CA ALA F 101 3.14 1.88 32.68
C ALA F 101 3.84 0.64 32.16
N GLY F 102 3.12 -0.48 32.24
CA GLY F 102 3.67 -1.74 31.77
C GLY F 102 2.61 -2.68 31.27
N ARG F 103 2.94 -3.97 31.26
CA ARG F 103 2.02 -4.99 30.78
C ARG F 103 0.80 -5.27 31.67
N PHE F 104 0.90 -4.96 32.96
CA PHE F 104 -0.22 -5.21 33.87
C PHE F 104 -0.40 -4.14 34.94
N ASP F 105 0.64 -3.34 35.15
CA ASP F 105 0.58 -2.26 36.13
C ASP F 105 0.58 -0.94 35.38
N HIS F 106 -0.51 -0.19 35.49
CA HIS F 106 -0.64 1.10 34.82
C HIS F 106 -0.89 2.26 35.79
N PHE F 107 -0.03 3.27 35.73
CA PHE F 107 -0.13 4.46 36.59
C PHE F 107 -0.45 4.10 38.03
N ASP F 108 0.34 3.19 38.60
CA ASP F 108 0.12 2.78 39.99
C ASP F 108 0.97 3.63 40.92
N TYR F 109 2.21 3.90 40.51
CA TYR F 109 3.12 4.69 41.32
C TYR F 109 3.39 6.06 40.71
N TRP F 110 3.47 7.06 41.57
CA TRP F 110 3.70 8.43 41.15
C TRP F 110 4.77 9.12 42.01
N GLY F 111 5.69 9.82 41.35
CA GLY F 111 6.72 10.52 42.09
C GLY F 111 6.17 11.66 42.92
N GLN F 112 6.89 12.03 43.97
CA GLN F 112 6.48 13.12 44.85
C GLN F 112 6.38 14.42 44.05
N GLY F 113 7.07 14.47 42.93
CA GLY F 113 7.05 15.66 42.09
C GLY F 113 8.35 16.43 42.06
N THR F 114 8.28 17.67 41.60
CA THR F 114 9.43 18.57 41.49
C THR F 114 8.89 19.88 40.93
N MET F 115 9.15 20.98 41.63
CA MET F 115 8.65 22.28 41.21
C MET F 115 9.48 22.97 40.14
N VAL F 116 8.78 23.65 39.23
CA VAL F 116 9.39 24.36 38.14
C VAL F 116 8.77 25.74 38.14
N THR F 117 9.55 26.73 38.56
CA THR F 117 9.05 28.09 38.62
C THR F 117 9.56 28.96 37.47
N VAL F 118 8.69 29.22 36.50
CA VAL F 118 9.04 30.02 35.34
C VAL F 118 8.53 31.44 35.50
N SER F 119 9.38 32.32 36.05
CA SER F 119 9.02 33.72 36.24
C SER F 119 10.23 34.65 36.19
N SER F 120 9.96 35.91 35.86
CA SER F 120 11.00 36.93 35.77
C SER F 120 11.11 37.75 37.04
N ALA F 121 11.34 37.07 38.16
CA ALA F 121 11.50 37.71 39.46
C ALA F 121 12.59 36.91 40.18
N THR F 122 13.03 37.38 41.34
CA THR F 122 14.08 36.67 42.06
C THR F 122 13.76 36.40 43.54
N THR F 123 14.44 35.41 44.10
CA THR F 123 14.26 35.03 45.48
C THR F 123 14.07 36.21 46.41
N THR F 124 12.82 36.50 46.75
CA THR F 124 12.54 37.61 47.66
C THR F 124 12.19 37.04 49.03
N ALA F 125 13.14 37.13 49.95
CA ALA F 125 12.94 36.63 51.30
C ALA F 125 11.67 37.21 51.90
N PRO F 126 11.01 36.44 52.79
CA PRO F 126 9.77 36.81 53.48
C PRO F 126 9.98 37.62 54.77
N SER F 127 8.93 38.30 55.20
CA SER F 127 8.97 39.11 56.40
C SER F 127 7.70 38.84 57.21
N VAL F 128 7.86 38.24 58.38
CA VAL F 128 6.72 37.92 59.23
C VAL F 128 6.38 39.05 60.20
N TYR F 129 5.09 39.20 60.50
CA TYR F 129 4.62 40.23 61.42
C TYR F 129 3.64 39.67 62.44
N PRO F 130 4.06 39.65 63.72
CA PRO F 130 3.29 39.15 64.87
C PRO F 130 1.89 39.72 64.97
N LEU F 131 0.90 38.90 64.61
CA LEU F 131 -0.51 39.29 64.64
C LEU F 131 -1.09 38.97 66.01
N ALA F 132 -0.83 39.84 66.98
CA ALA F 132 -1.30 39.66 68.35
C ALA F 132 -2.63 40.34 68.66
N PRO F 133 -3.28 39.92 69.77
CA PRO F 133 -4.56 40.44 70.25
C PRO F 133 -4.49 41.94 70.54
N ALA F 134 -3.65 42.62 69.78
CA ALA F 134 -3.46 44.05 69.91
C ALA F 134 -4.76 44.84 70.00
N CYS F 135 -5.88 44.13 70.18
CA CYS F 135 -7.16 44.81 70.29
C CYS F 135 -8.21 43.96 70.98
N ASP F 136 -8.48 44.28 72.25
CA ASP F 136 -9.48 43.55 73.01
C ASP F 136 -10.79 44.30 72.90
N SER F 137 -11.63 43.86 71.96
CA SER F 137 -12.93 44.49 71.73
C SER F 137 -13.74 44.55 73.01
N THR F 138 -14.93 45.12 72.90
CA THR F 138 -15.82 45.27 74.05
C THR F 138 -16.45 43.92 74.40
N THR F 139 -16.14 42.89 73.62
CA THR F 139 -16.69 41.58 73.88
C THR F 139 -15.95 40.46 73.15
N SER F 140 -15.84 39.32 73.83
CA SER F 140 -15.17 38.17 73.26
C SER F 140 -15.18 37.04 74.28
N THR F 141 -15.90 35.96 73.96
CA THR F 141 -15.97 34.81 74.84
C THR F 141 -14.57 34.20 74.88
N THR F 142 -13.58 35.09 74.84
CA THR F 142 -12.17 34.73 74.86
C THR F 142 -11.86 33.47 75.66
N ASP F 143 -12.57 32.39 75.36
CA ASP F 143 -12.35 31.13 76.05
C ASP F 143 -10.90 30.75 75.80
N THR F 144 -10.41 31.11 74.62
CA THR F 144 -9.04 30.82 74.22
C THR F 144 -8.35 32.08 73.74
N VAL F 145 -7.19 31.89 73.12
CA VAL F 145 -6.39 32.97 72.58
C VAL F 145 -5.84 32.52 71.24
N THR F 146 -5.78 33.43 70.27
CA THR F 146 -5.27 33.10 68.95
C THR F 146 -4.38 34.21 68.40
N LEU F 147 -3.48 33.84 67.52
CA LEU F 147 -2.57 34.79 66.91
C LEU F 147 -1.74 34.05 65.87
N GLY F 148 -0.76 34.73 65.29
CA GLY F 148 0.08 34.10 64.30
C GLY F 148 1.18 34.99 63.75
N CYS F 149 1.65 34.67 62.55
CA CYS F 149 2.71 35.44 61.93
C CYS F 149 2.34 35.74 60.49
N LEU F 150 2.73 36.91 60.01
CA LEU F 150 2.40 37.29 58.66
C LEU F 150 3.59 37.25 57.71
N VAL F 151 3.87 36.06 57.16
CA VAL F 151 4.96 35.95 56.21
C VAL F 151 4.54 36.82 55.04
N LYS F 152 5.18 37.96 54.89
CA LYS F 152 4.82 38.84 53.80
C LYS F 152 6.03 39.29 52.98
N GLY F 153 5.86 39.34 51.66
CA GLY F 153 6.94 39.76 50.80
C GLY F 153 7.76 38.67 50.14
N TYR F 154 7.21 37.46 50.05
CA TYR F 154 7.94 36.36 49.43
C TYR F 154 7.26 35.97 48.12
N PHE F 155 7.92 35.15 47.32
CA PHE F 155 7.31 34.77 46.06
C PHE F 155 7.62 33.34 45.60
N PRO F 156 8.89 32.94 45.64
CA PRO F 156 9.28 31.60 45.22
C PRO F 156 8.36 30.50 45.75
N GLU F 157 8.76 29.25 45.53
CA GLU F 157 8.00 28.08 45.96
C GLU F 157 7.37 28.22 47.34
N PRO F 158 6.61 27.21 47.78
CA PRO F 158 5.96 27.20 49.10
C PRO F 158 6.96 27.34 50.24
N VAL F 159 6.48 27.77 51.39
CA VAL F 159 7.33 27.95 52.57
C VAL F 159 6.82 27.15 53.77
N THR F 160 7.60 27.12 54.84
CA THR F 160 7.25 26.39 56.05
C THR F 160 7.04 27.31 57.25
N VAL F 161 6.05 26.99 58.07
CA VAL F 161 5.74 27.79 59.26
C VAL F 161 5.30 26.90 60.41
N SER F 162 6.21 26.68 61.37
CA SER F 162 5.90 25.85 62.55
C SER F 162 5.81 26.74 63.80
N TRP F 163 5.28 26.18 64.87
CA TRP F 163 5.14 26.90 66.14
C TRP F 163 5.88 26.16 67.27
N ASN F 164 6.59 26.93 68.10
CA ASN F 164 7.35 26.38 69.21
C ASN F 164 8.07 25.10 68.77
N SER F 165 8.53 25.09 67.53
CA SER F 165 9.26 23.94 66.95
C SER F 165 8.44 22.67 66.96
N GLY F 166 7.18 22.76 66.57
CA GLY F 166 6.34 21.57 66.54
C GLY F 166 5.65 21.31 67.86
N ALA F 167 6.26 21.75 68.96
CA ALA F 167 5.69 21.56 70.28
C ALA F 167 4.19 21.85 70.21
N LEU F 168 3.85 22.92 69.49
CA LEU F 168 2.46 23.32 69.34
C LEU F 168 1.91 22.80 68.02
N THR F 169 1.12 21.73 68.09
CA THR F 169 0.53 21.15 66.89
C THR F 169 -0.97 21.33 66.85
N SER F 170 -1.58 21.47 68.02
CA SER F 170 -3.02 21.65 68.12
C SER F 170 -3.39 23.11 68.34
N GLY F 171 -4.32 23.61 67.54
CA GLY F 171 -4.73 24.99 67.68
C GLY F 171 -4.02 25.80 66.61
N VAL F 172 -3.29 25.10 65.76
CA VAL F 172 -2.55 25.70 64.65
C VAL F 172 -3.44 25.81 63.41
N HIS F 173 -3.27 26.89 62.64
CA HIS F 173 -4.08 27.11 61.45
C HIS F 173 -3.36 27.87 60.35
N THR F 174 -2.37 27.23 59.74
CA THR F 174 -1.61 27.86 58.66
C THR F 174 -2.42 27.92 57.37
N PHE F 175 -2.85 29.13 57.00
CA PHE F 175 -3.63 29.32 55.80
C PHE F 175 -2.79 29.27 54.53
N PRO F 176 -3.44 29.36 53.37
CA PRO F 176 -2.82 29.32 52.04
C PRO F 176 -2.35 30.69 51.51
N SER F 177 -1.44 30.65 50.54
CA SER F 177 -0.86 31.84 49.92
C SER F 177 -1.87 32.82 49.33
N VAL F 178 -1.34 33.85 48.69
CA VAL F 178 -2.12 34.90 48.03
C VAL F 178 -1.18 35.83 47.28
N LEU F 179 -1.40 35.97 45.97
CA LEU F 179 -0.57 36.81 45.12
C LEU F 179 -0.81 38.31 45.33
N HIS F 180 0.13 38.95 46.02
CA HIS F 180 0.02 40.38 46.28
C HIS F 180 0.90 41.18 45.33
N SER F 181 0.46 41.30 44.09
CA SER F 181 1.21 42.06 43.08
C SER F 181 2.56 41.38 42.85
N GLY F 182 2.52 40.09 42.50
CA GLY F 182 3.74 39.35 42.26
C GLY F 182 4.50 39.12 43.55
N LEU F 183 3.76 38.93 44.64
CA LEU F 183 4.38 38.70 45.95
C LEU F 183 3.44 37.96 46.89
N TYR F 184 3.80 36.72 47.22
CA TYR F 184 3.00 35.89 48.12
C TYR F 184 3.18 36.23 49.60
N SER F 185 2.06 36.34 50.31
CA SER F 185 2.07 36.65 51.73
C SER F 185 1.16 35.63 52.41
N LEU F 186 1.38 35.39 53.69
CA LEU F 186 0.57 34.40 54.40
C LEU F 186 0.71 34.44 55.91
N SER F 187 -0.37 34.14 56.61
CA SER F 187 -0.37 34.12 58.06
C SER F 187 -0.46 32.70 58.62
N SER F 188 -0.46 32.58 59.94
CA SER F 188 -0.56 31.28 60.58
C SER F 188 -1.05 31.44 62.02
N SER F 189 -2.31 31.09 62.24
CA SER F 189 -2.93 31.20 63.54
C SER F 189 -2.39 30.15 64.50
N VAL F 190 -2.87 30.24 65.74
CA VAL F 190 -2.48 29.33 66.79
C VAL F 190 -3.34 29.68 67.99
N THR F 191 -4.16 28.73 68.42
CA THR F 191 -5.06 28.97 69.54
C THR F 191 -4.68 28.24 70.82
N VAL F 192 -4.89 28.92 71.94
CA VAL F 192 -4.57 28.36 73.24
C VAL F 192 -5.50 28.99 74.26
N PRO F 193 -5.67 28.33 75.40
CA PRO F 193 -6.55 28.86 76.45
C PRO F 193 -6.04 30.22 76.94
N SER F 194 -6.85 30.88 77.73
CA SER F 194 -6.50 32.21 78.24
C SER F 194 -5.11 32.34 78.91
N SER F 195 -5.01 31.87 80.15
CA SER F 195 -3.75 31.95 80.89
C SER F 195 -2.55 31.29 80.21
N THR F 196 -2.77 30.70 79.04
CA THR F 196 -1.70 30.01 78.36
C THR F 196 -0.56 30.87 77.85
N TRP F 197 -0.79 31.62 76.79
CA TRP F 197 0.27 32.42 76.19
C TRP F 197 0.76 33.67 76.92
N PRO F 198 -0.17 34.60 77.21
CA PRO F 198 0.34 35.79 77.89
C PRO F 198 1.57 35.40 78.70
N LYS F 199 1.49 34.24 79.34
CA LYS F 199 2.57 33.72 80.17
C LYS F 199 3.50 32.78 79.41
N GLN F 200 2.92 31.90 78.60
CA GLN F 200 3.70 30.94 77.83
C GLN F 200 4.28 31.54 76.55
N PRO F 201 5.60 31.38 76.36
CA PRO F 201 6.34 31.89 75.19
C PRO F 201 5.91 31.17 73.92
N ILE F 202 5.18 31.88 73.08
CA ILE F 202 4.68 31.32 71.83
C ILE F 202 5.38 31.93 70.63
N THR F 203 6.15 31.09 69.94
CA THR F 203 6.90 31.55 68.77
C THR F 203 6.55 30.74 67.53
N CYS F 204 6.59 31.41 66.38
CA CYS F 204 6.29 30.75 65.11
C CYS F 204 7.57 30.64 64.28
N ASN F 205 8.23 29.50 64.38
CA ASN F 205 9.46 29.27 63.63
C ASN F 205 9.14 29.23 62.13
N VAL F 206 9.36 30.36 61.46
CA VAL F 206 9.12 30.47 60.03
C VAL F 206 10.32 29.93 59.26
N ALA F 207 10.10 29.58 58.00
CA ALA F 207 11.15 29.04 57.15
C ALA F 207 10.75 29.18 55.68
N HIS F 208 11.70 29.57 54.84
CA HIS F 208 11.44 29.76 53.41
C HIS F 208 12.59 29.24 52.59
N PRO F 209 12.32 28.30 51.67
CA PRO F 209 13.39 27.74 50.83
C PRO F 209 14.15 28.82 50.06
N ALA F 210 13.53 30.00 49.93
CA ALA F 210 14.14 31.11 49.22
C ALA F 210 15.60 31.26 49.61
N SER F 211 15.88 32.28 50.43
CA SER F 211 17.25 32.55 50.88
C SER F 211 17.44 32.05 52.30
N SER F 212 17.17 30.76 52.50
CA SER F 212 17.31 30.16 53.83
C SER F 212 16.85 31.19 54.86
N THR F 213 15.57 31.53 54.80
CA THR F 213 15.01 32.52 55.71
C THR F 213 14.37 31.85 56.93
N LYS F 214 15.18 31.64 57.95
CA LYS F 214 14.70 31.02 59.19
C LYS F 214 14.25 32.12 60.15
N VAL F 215 12.94 32.24 60.32
CA VAL F 215 12.40 33.26 61.22
C VAL F 215 11.86 32.63 62.48
N ASP F 216 12.21 33.20 63.62
CA ASP F 216 11.74 32.71 64.89
C ASP F 216 11.17 33.95 65.58
N LYS F 217 9.94 34.30 65.24
CA LYS F 217 9.30 35.48 65.79
C LYS F 217 8.67 35.29 67.16
N LYS F 218 9.04 36.18 68.08
CA LYS F 218 8.51 36.14 69.44
C LYS F 218 7.23 36.96 69.50
N ILE F 219 6.19 36.36 70.07
CA ILE F 219 4.90 37.03 70.21
C ILE F 219 4.79 37.64 71.61
N GLU F 220 4.86 38.95 71.66
CA GLU F 220 4.76 39.67 72.92
C GLU F 220 3.69 40.73 72.76
N PRO F 221 2.96 41.03 73.84
CA PRO F 221 1.90 42.03 73.79
C PRO F 221 2.43 43.40 74.21
N ARG F 222 1.59 44.42 74.07
CA ARG F 222 1.96 45.78 74.44
C ARG F 222 0.94 46.34 75.43
N TYR G 1 22.79 -7.20 -18.71
CA TYR G 1 23.51 -8.47 -18.98
C TYR G 1 24.24 -8.44 -20.31
N GLU G 2 24.12 -9.54 -21.05
CA GLU G 2 24.76 -9.71 -22.36
C GLU G 2 23.82 -10.37 -23.36
N LEU G 3 23.83 -9.88 -24.59
CA LEU G 3 23.00 -10.41 -25.65
C LEU G 3 23.85 -11.24 -26.63
N ILE G 4 23.45 -12.49 -26.88
CA ILE G 4 24.19 -13.33 -27.79
C ILE G 4 23.72 -13.20 -29.24
N GLN G 5 24.67 -13.26 -30.16
CA GLN G 5 24.42 -13.15 -31.59
C GLN G 5 25.54 -13.89 -32.31
N PRO G 6 25.20 -14.79 -33.25
CA PRO G 6 26.29 -15.51 -33.94
C PRO G 6 27.31 -14.55 -34.55
N SER G 7 28.59 -14.90 -34.41
CA SER G 7 29.69 -14.11 -34.92
C SER G 7 29.54 -13.75 -36.39
N SER G 8 29.03 -14.69 -37.19
CA SER G 8 28.85 -14.45 -38.62
C SER G 8 27.61 -15.14 -39.16
N ALA G 9 27.57 -15.35 -40.47
CA ALA G 9 26.45 -16.01 -41.12
C ALA G 9 26.65 -16.06 -42.62
N SER G 10 26.01 -17.03 -43.27
CA SER G 10 26.17 -17.17 -44.71
C SER G 10 24.92 -17.71 -45.41
N VAL G 11 24.46 -17.00 -46.43
CA VAL G 11 23.28 -17.41 -47.19
C VAL G 11 23.52 -17.23 -48.69
N THR G 12 22.98 -18.16 -49.49
CA THR G 12 23.14 -18.10 -50.94
C THR G 12 22.01 -17.34 -51.62
N VAL G 13 22.37 -16.37 -52.46
CA VAL G 13 21.38 -15.55 -53.15
C VAL G 13 20.13 -16.34 -53.50
N GLY G 14 18.96 -15.76 -53.22
CA GLY G 14 17.70 -16.42 -53.51
C GLY G 14 17.13 -17.16 -52.32
N GLU G 15 17.99 -17.89 -51.62
CA GLU G 15 17.58 -18.66 -50.45
C GLU G 15 17.21 -17.74 -49.30
N THR G 16 17.09 -18.33 -48.12
CA THR G 16 16.72 -17.59 -46.92
C THR G 16 17.64 -17.88 -45.74
N VAL G 17 17.94 -16.84 -44.96
CA VAL G 17 18.80 -16.99 -43.79
C VAL G 17 18.07 -16.63 -42.50
N LYS G 18 18.69 -16.98 -41.38
CA LYS G 18 18.10 -16.70 -40.08
C LYS G 18 19.14 -16.31 -39.04
N ILE G 19 19.01 -15.09 -38.55
CA ILE G 19 19.91 -14.57 -37.54
C ILE G 19 19.20 -14.65 -36.19
N THR G 20 19.84 -15.30 -35.21
CA THR G 20 19.27 -15.43 -33.87
C THR G 20 19.98 -14.59 -32.82
N CYS G 21 19.17 -13.94 -31.99
CA CYS G 21 19.67 -13.10 -30.91
C CYS G 21 18.99 -13.59 -29.63
N SER G 22 19.77 -14.20 -28.75
CA SER G 22 19.24 -14.73 -27.50
C SER G 22 19.39 -13.71 -26.38
N GLY G 23 18.26 -13.37 -25.77
CA GLY G 23 18.28 -12.41 -24.68
C GLY G 23 17.52 -12.92 -23.47
N ASP G 24 18.23 -13.02 -22.35
CA ASP G 24 17.63 -13.51 -21.12
C ASP G 24 16.34 -12.81 -20.74
N GLN G 25 16.27 -11.50 -20.95
CA GLN G 25 15.08 -10.73 -20.63
C GLN G 25 14.25 -10.43 -21.86
N LEU G 26 14.50 -11.17 -22.93
CA LEU G 26 13.76 -10.96 -24.16
C LEU G 26 12.27 -11.03 -23.89
N PRO G 27 11.82 -12.11 -23.23
CA PRO G 27 10.40 -12.32 -22.90
C PRO G 27 9.75 -11.10 -22.25
N LYS G 28 10.58 -10.26 -21.61
CA LYS G 28 10.08 -9.06 -20.95
C LYS G 28 10.29 -7.78 -21.76
N ASN G 29 11.36 -7.71 -22.54
CA ASN G 29 11.64 -6.53 -23.34
C ASN G 29 11.66 -6.76 -24.85
N PHE G 30 11.25 -5.74 -25.59
CA PHE G 30 11.19 -5.79 -27.05
C PHE G 30 12.56 -5.91 -27.68
N ALA G 31 12.58 -6.27 -28.96
CA ALA G 31 13.82 -6.40 -29.69
C ALA G 31 13.80 -5.45 -30.89
N TYR G 32 14.98 -5.12 -31.41
CA TYR G 32 15.07 -4.22 -32.55
C TYR G 32 16.25 -4.66 -33.39
N TRP G 33 16.03 -4.77 -34.69
CA TRP G 33 17.07 -5.19 -35.59
C TRP G 33 17.54 -4.02 -36.46
N PHE G 34 18.86 -3.83 -36.47
CA PHE G 34 19.48 -2.75 -37.24
C PHE G 34 20.44 -3.33 -38.27
N GLN G 35 20.62 -2.60 -39.37
CA GLN G 35 21.52 -3.03 -40.44
C GLN G 35 22.61 -2.00 -40.69
N GLN G 36 23.87 -2.44 -40.67
CA GLN G 36 24.99 -1.55 -40.93
C GLN G 36 25.81 -2.02 -42.15
N LYS G 37 25.77 -1.22 -43.21
CA LYS G 37 26.47 -1.50 -44.45
C LYS G 37 27.91 -0.98 -44.45
N SER G 38 28.72 -1.51 -45.35
CA SER G 38 30.11 -1.08 -45.45
C SER G 38 30.18 0.43 -45.33
N ASP G 39 29.10 1.10 -45.73
CA ASP G 39 29.06 2.55 -45.67
C ASP G 39 28.96 3.06 -44.24
N LYS G 40 28.65 2.17 -43.31
CA LYS G 40 28.54 2.54 -41.91
C LYS G 40 27.25 3.26 -41.55
N ASN G 41 26.25 3.15 -42.41
CA ASN G 41 24.97 3.79 -42.15
C ASN G 41 24.13 2.85 -41.30
N ILE G 42 23.53 3.39 -40.24
CA ILE G 42 22.70 2.59 -39.34
C ILE G 42 21.28 2.49 -39.91
N LEU G 43 20.83 1.27 -40.16
CA LEU G 43 19.50 1.07 -40.73
C LEU G 43 18.57 0.25 -39.84
N LEU G 44 17.44 0.84 -39.46
CA LEU G 44 16.49 0.13 -38.63
C LEU G 44 15.65 -0.78 -39.54
N LEU G 45 15.85 -2.08 -39.41
CA LEU G 45 15.12 -3.05 -40.22
C LEU G 45 13.78 -3.42 -39.59
N ILE G 46 13.81 -3.92 -38.35
CA ILE G 46 12.60 -4.30 -37.63
C ILE G 46 12.59 -3.73 -36.20
N TYR G 47 11.40 -3.56 -35.63
CA TYR G 47 11.29 -3.03 -34.28
C TYR G 47 10.13 -3.68 -33.54
N MET G 48 10.12 -3.58 -32.21
CA MET G 48 9.05 -4.22 -31.43
C MET G 48 9.08 -5.64 -31.95
N ASP G 49 10.32 -6.14 -32.02
CA ASP G 49 10.65 -7.48 -32.49
C ASP G 49 9.73 -8.14 -33.51
N ASN G 50 9.00 -7.37 -34.28
CA ASN G 50 8.15 -7.93 -35.32
C ASN G 50 7.12 -6.93 -35.83
N LYS G 51 7.64 -5.94 -36.56
CA LYS G 51 6.87 -4.87 -37.16
C LYS G 51 7.92 -4.17 -38.00
N ARG G 52 7.84 -4.33 -39.31
CA ARG G 52 8.80 -3.73 -40.22
C ARG G 52 8.32 -2.38 -40.70
N PRO G 53 9.21 -1.39 -40.67
CA PRO G 53 8.94 -0.01 -41.11
C PRO G 53 8.81 0.11 -42.62
N SER G 54 7.89 0.94 -43.08
CA SER G 54 7.69 1.14 -44.50
C SER G 54 9.02 1.58 -45.10
N GLY G 55 9.24 1.26 -46.37
CA GLY G 55 10.48 1.62 -47.03
C GLY G 55 11.54 0.54 -46.89
N ILE G 56 11.22 -0.48 -46.10
CA ILE G 56 12.14 -1.60 -45.89
C ILE G 56 11.61 -2.83 -46.63
N PRO G 57 12.51 -3.67 -47.16
CA PRO G 57 12.19 -4.90 -47.88
C PRO G 57 11.28 -5.85 -47.08
N GLU G 58 10.21 -6.32 -47.72
CA GLU G 58 9.26 -7.22 -47.09
C GLU G 58 9.88 -8.58 -46.78
N ARG G 59 11.10 -8.81 -47.26
CA ARG G 59 11.78 -10.07 -47.01
C ARG G 59 12.41 -10.05 -45.63
N PHE G 60 12.25 -8.93 -44.93
CA PHE G 60 12.80 -8.79 -43.60
C PHE G 60 11.75 -8.99 -42.52
N SER G 61 11.55 -10.24 -42.12
CA SER G 61 10.59 -10.58 -41.10
C SER G 61 11.36 -10.55 -39.79
N GLY G 62 10.66 -10.65 -38.67
CA GLY G 62 11.34 -10.62 -37.39
C GLY G 62 10.49 -11.29 -36.35
N SER G 63 10.63 -12.60 -36.22
CA SER G 63 9.86 -13.34 -35.24
C SER G 63 10.59 -13.24 -33.91
N THR G 64 10.12 -13.99 -32.92
CA THR G 64 10.74 -13.97 -31.61
C THR G 64 10.05 -14.89 -30.62
N SER G 65 10.72 -15.98 -30.26
CA SER G 65 10.15 -16.94 -29.33
C SER G 65 10.93 -16.93 -28.02
N GLY G 66 10.22 -17.13 -26.91
CA GLY G 66 10.85 -17.14 -25.60
C GLY G 66 11.92 -16.09 -25.42
N THR G 67 13.16 -16.54 -25.26
CA THR G 67 14.29 -15.64 -25.06
C THR G 67 15.16 -15.50 -26.31
N THR G 68 14.57 -15.73 -27.48
CA THR G 68 15.33 -15.62 -28.70
C THR G 68 14.58 -15.01 -29.87
N ALA G 69 14.90 -13.75 -30.17
CA ALA G 69 14.29 -13.05 -31.29
C ALA G 69 15.10 -13.43 -32.52
N THR G 70 14.47 -13.33 -33.69
CA THR G 70 15.15 -13.69 -34.93
C THR G 70 14.80 -12.83 -36.13
N LEU G 71 15.82 -12.45 -36.88
CA LEU G 71 15.59 -11.67 -38.08
C LEU G 71 15.56 -12.73 -39.16
N THR G 72 14.67 -12.58 -40.13
CA THR G 72 14.57 -13.56 -41.19
C THR G 72 14.57 -12.89 -42.57
N ILE G 73 15.64 -13.12 -43.32
CA ILE G 73 15.77 -12.55 -44.64
C ILE G 73 15.35 -13.58 -45.69
N SER G 74 14.10 -13.49 -46.13
CA SER G 74 13.58 -14.40 -47.13
C SER G 74 14.19 -14.08 -48.49
N GLY G 75 14.49 -15.13 -49.25
CA GLY G 75 15.08 -14.92 -50.57
C GLY G 75 16.20 -13.90 -50.50
N ALA G 76 17.16 -14.15 -49.61
CA ALA G 76 18.30 -13.26 -49.44
C ALA G 76 18.80 -12.68 -50.76
N GLN G 77 19.25 -11.43 -50.72
CA GLN G 77 19.76 -10.75 -51.91
C GLN G 77 21.23 -10.37 -51.71
N PRO G 78 21.92 -9.95 -52.79
CA PRO G 78 23.33 -9.56 -52.69
C PRO G 78 23.52 -8.34 -51.80
N GLU G 79 22.96 -7.22 -52.24
CA GLU G 79 23.05 -5.96 -51.51
C GLU G 79 22.58 -6.07 -50.07
N ASP G 80 22.47 -7.30 -49.57
CA ASP G 80 22.02 -7.53 -48.20
C ASP G 80 23.16 -7.98 -47.30
N GLU G 81 24.31 -8.24 -47.89
CA GLU G 81 25.49 -8.67 -47.14
C GLU G 81 26.06 -7.48 -46.36
N ALA G 82 25.73 -7.42 -45.07
CA ALA G 82 26.20 -6.36 -44.19
C ALA G 82 26.11 -6.83 -42.76
N ALA G 83 26.27 -5.88 -41.83
CA ALA G 83 26.21 -6.19 -40.41
C ALA G 83 24.79 -6.11 -39.86
N TYR G 84 24.48 -7.01 -38.94
CA TYR G 84 23.16 -7.04 -38.32
C TYR G 84 23.24 -7.05 -36.79
N TYR G 85 22.63 -6.05 -36.17
CA TYR G 85 22.63 -5.93 -34.72
C TYR G 85 21.25 -5.95 -34.11
N CYS G 86 21.05 -6.85 -33.14
CA CYS G 86 19.78 -6.91 -32.46
C CYS G 86 19.90 -5.97 -31.27
N LEU G 87 18.80 -5.29 -30.94
CA LEU G 87 18.78 -4.36 -29.82
C LEU G 87 17.68 -4.70 -28.83
N SER G 88 17.93 -4.45 -27.55
CA SER G 88 16.96 -4.71 -26.49
C SER G 88 17.30 -4.05 -25.16
N SER G 89 16.45 -4.28 -24.16
CA SER G 89 16.63 -3.67 -22.84
C SER G 89 16.79 -4.66 -21.70
N TYR G 90 17.14 -4.15 -20.52
CA TYR G 90 17.33 -4.97 -19.34
C TYR G 90 17.36 -4.14 -18.04
N GLY G 91 17.02 -4.79 -16.92
CA GLY G 91 16.99 -4.13 -15.62
C GLY G 91 15.68 -3.40 -15.37
N ASP G 92 15.54 -2.77 -14.20
CA ASP G 92 14.31 -2.03 -13.90
C ASP G 92 14.27 -0.73 -14.71
N ASN G 93 15.44 -0.14 -14.93
CA ASN G 93 15.53 1.11 -15.68
C ASN G 93 15.65 0.83 -17.17
N ASN G 94 15.11 -0.30 -17.59
CA ASN G 94 15.16 -0.65 -19.00
C ASN G 94 16.44 -0.18 -19.62
N ASP G 95 17.57 -0.72 -19.18
CA ASP G 95 18.84 -0.31 -19.76
C ASP G 95 18.86 -0.86 -21.19
N LEU G 96 19.57 -0.19 -22.09
CA LEU G 96 19.62 -0.65 -23.48
C LEU G 96 20.89 -1.43 -23.77
N VAL G 97 20.79 -2.34 -24.75
CA VAL G 97 21.93 -3.17 -25.12
C VAL G 97 21.80 -3.73 -26.55
N PHE G 98 22.94 -3.90 -27.21
CA PHE G 98 23.00 -4.43 -28.57
C PHE G 98 23.64 -5.81 -28.52
N GLY G 99 23.48 -6.57 -29.59
CA GLY G 99 24.08 -7.87 -29.65
C GLY G 99 25.49 -7.70 -30.20
N SER G 100 26.25 -8.79 -30.28
CA SER G 100 27.60 -8.72 -30.79
C SER G 100 27.59 -8.57 -32.31
N GLY G 101 26.45 -8.20 -32.85
CA GLY G 101 26.33 -8.04 -34.29
C GLY G 101 26.63 -9.34 -35.02
N THR G 102 26.13 -9.46 -36.24
CA THR G 102 26.35 -10.65 -37.05
C THR G 102 26.83 -10.27 -38.45
N GLN G 103 27.78 -11.03 -38.99
CA GLN G 103 28.28 -10.75 -40.33
C GLN G 103 27.85 -11.81 -41.33
N LEU G 104 26.70 -11.58 -41.96
CA LEU G 104 26.21 -12.52 -42.95
C LEU G 104 26.84 -12.19 -44.29
N THR G 105 27.20 -13.23 -45.03
CA THR G 105 27.81 -13.07 -46.34
C THR G 105 26.89 -13.73 -47.35
N VAL G 106 26.75 -13.10 -48.51
CA VAL G 106 25.87 -13.66 -49.54
C VAL G 106 26.66 -14.32 -50.67
N LEU G 107 26.57 -15.64 -50.75
CA LEU G 107 27.28 -16.40 -51.77
C LEU G 107 26.63 -16.18 -53.14
N ARG G 108 27.47 -15.98 -54.16
CA ARG G 108 26.96 -15.75 -55.51
C ARG G 108 27.12 -16.99 -56.38
N GLY G 109 28.36 -17.41 -56.58
CA GLY G 109 28.62 -18.59 -57.40
C GLY G 109 29.77 -18.42 -58.36
N PRO G 110 29.90 -17.24 -59.00
CA PRO G 110 30.97 -16.98 -59.96
C PRO G 110 32.33 -16.97 -59.27
N LYS G 111 32.98 -18.14 -59.26
CA LYS G 111 34.28 -18.26 -58.62
C LYS G 111 35.39 -17.70 -59.51
N SER G 112 35.90 -16.54 -59.13
CA SER G 112 36.97 -15.91 -59.89
C SER G 112 38.31 -16.27 -59.26
N SER G 113 39.40 -15.87 -59.91
CA SER G 113 40.74 -16.15 -59.41
C SER G 113 41.46 -14.85 -59.04
N PRO G 114 42.57 -14.97 -58.30
CA PRO G 114 43.38 -13.84 -57.85
C PRO G 114 43.93 -12.96 -58.97
N LYS G 115 44.34 -11.74 -58.59
CA LYS G 115 44.90 -10.77 -59.53
C LYS G 115 45.91 -9.90 -58.78
N VAL G 116 47.03 -10.51 -58.39
CA VAL G 116 48.08 -9.81 -57.64
C VAL G 116 48.72 -8.66 -58.38
N THR G 117 49.36 -7.76 -57.63
CA THR G 117 50.05 -6.61 -58.21
C THR G 117 51.05 -6.00 -57.22
N VAL G 118 52.27 -6.53 -57.23
CA VAL G 118 53.32 -6.03 -56.34
C VAL G 118 53.77 -4.63 -56.72
N PHE G 119 54.43 -3.94 -55.80
CA PHE G 119 54.92 -2.59 -56.04
C PHE G 119 56.21 -2.28 -55.25
N PRO G 120 57.32 -2.07 -55.96
CA PRO G 120 58.62 -1.77 -55.34
C PRO G 120 58.62 -0.42 -54.66
N PRO G 121 59.37 -0.30 -53.56
CA PRO G 121 59.48 0.95 -52.81
C PRO G 121 59.75 2.15 -53.70
N SER G 122 59.16 3.28 -53.33
CA SER G 122 59.32 4.51 -54.08
C SER G 122 60.75 5.04 -53.90
N PRO G 123 61.24 5.79 -54.88
CA PRO G 123 62.59 6.37 -54.85
C PRO G 123 62.70 7.29 -53.65
N GLU G 124 61.74 8.21 -53.54
CA GLU G 124 61.70 9.14 -52.42
C GLU G 124 61.49 8.36 -51.13
N GLU G 125 60.79 7.24 -51.25
CA GLU G 125 60.51 6.37 -50.11
C GLU G 125 61.83 5.85 -49.58
N LEU G 126 62.70 5.42 -50.50
CA LEU G 126 64.01 4.93 -50.13
C LEU G 126 64.78 6.14 -49.63
N ARG G 127 64.44 7.30 -50.18
CA ARG G 127 65.10 8.54 -49.79
C ARG G 127 65.05 8.61 -48.27
N THR G 128 63.87 8.35 -47.71
CA THR G 128 63.70 8.37 -46.26
C THR G 128 64.32 7.09 -45.71
N ASN G 129 65.02 6.36 -46.58
CA ASN G 129 65.65 5.12 -46.18
C ASN G 129 64.60 4.12 -45.70
N LYS G 130 63.47 4.08 -46.38
CA LYS G 130 62.38 3.17 -46.03
C LYS G 130 61.90 2.38 -47.23
N ALA G 131 61.68 1.09 -47.05
CA ALA G 131 61.22 0.22 -48.13
C ALA G 131 59.91 -0.50 -47.83
N THR G 132 58.79 0.15 -48.16
CA THR G 132 57.46 -0.43 -47.93
C THR G 132 56.89 -1.07 -49.19
N LEU G 133 56.93 -2.39 -49.27
CA LEU G 133 56.42 -3.10 -50.44
C LEU G 133 54.94 -3.40 -50.38
N VAL G 134 54.19 -2.82 -51.31
CA VAL G 134 52.75 -3.01 -51.39
C VAL G 134 52.36 -4.07 -52.41
N CYS G 135 51.81 -5.18 -51.93
CA CYS G 135 51.37 -6.27 -52.79
C CYS G 135 49.86 -6.40 -52.69
N LEU G 136 49.16 -6.04 -53.76
CA LEU G 136 47.70 -6.12 -53.78
C LEU G 136 47.21 -7.41 -54.43
N VAL G 137 45.90 -7.62 -54.37
CA VAL G 137 45.26 -8.81 -54.95
C VAL G 137 43.79 -8.44 -55.26
N ASN G 138 43.40 -8.55 -56.53
CA ASN G 138 42.03 -8.19 -56.91
C ASN G 138 41.17 -9.29 -57.52
N ASP G 139 39.95 -8.87 -57.90
CA ASP G 139 38.94 -9.71 -58.53
C ASP G 139 38.99 -11.19 -58.16
N PHE G 140 38.49 -11.51 -56.97
CA PHE G 140 38.46 -12.90 -56.53
C PHE G 140 37.26 -13.20 -55.63
N TYR G 141 36.80 -14.45 -55.71
CA TYR G 141 35.66 -14.90 -54.94
C TYR G 141 35.77 -16.39 -54.70
N PRO G 142 35.51 -16.84 -53.47
CA PRO G 142 35.11 -16.06 -52.31
C PRO G 142 36.22 -16.05 -51.24
N GLY G 143 36.39 -17.22 -50.62
CA GLY G 143 37.37 -17.41 -49.57
C GLY G 143 38.54 -16.44 -49.54
N SER G 144 38.95 -16.09 -48.33
CA SER G 144 40.06 -15.18 -48.14
C SER G 144 41.37 -15.89 -48.50
N ALA G 145 42.25 -15.17 -49.19
CA ALA G 145 43.52 -15.72 -49.61
C ALA G 145 44.64 -15.14 -48.75
N THR G 146 45.29 -16.01 -47.96
CA THR G 146 46.37 -15.58 -47.09
C THR G 146 47.61 -15.17 -47.89
N VAL G 147 47.80 -13.86 -48.06
CA VAL G 147 48.95 -13.36 -48.82
C VAL G 147 50.22 -13.36 -47.98
N THR G 148 51.06 -14.37 -48.20
CA THR G 148 52.32 -14.51 -47.48
C THR G 148 53.53 -14.21 -48.34
N TRP G 149 54.36 -13.27 -47.90
CA TRP G 149 55.57 -12.90 -48.62
C TRP G 149 56.68 -13.91 -48.31
N LYS G 150 57.69 -13.95 -49.16
CA LYS G 150 58.81 -14.86 -48.99
C LYS G 150 60.11 -14.22 -49.47
N ALA G 151 61.21 -14.55 -48.82
CA ALA G 151 62.51 -14.01 -49.19
C ALA G 151 63.42 -15.13 -49.67
N ASN G 152 63.60 -15.20 -50.98
CA ASN G 152 64.45 -16.22 -51.58
C ASN G 152 63.83 -17.60 -51.38
N GLY G 153 62.51 -17.65 -51.27
CA GLY G 153 61.84 -18.93 -51.09
C GLY G 153 61.63 -19.29 -49.62
N ALA G 154 61.81 -18.31 -48.74
CA ALA G 154 61.64 -18.53 -47.31
C ALA G 154 60.72 -17.46 -46.73
N THR G 155 59.52 -17.88 -46.35
CA THR G 155 58.51 -16.97 -45.80
C THR G 155 59.13 -15.80 -45.01
N ILE G 156 58.40 -14.70 -44.95
CA ILE G 156 58.83 -13.52 -44.22
C ILE G 156 57.80 -13.24 -43.14
N ASN G 157 58.25 -13.02 -41.91
CA ASN G 157 57.34 -12.78 -40.80
C ASN G 157 57.64 -11.55 -39.96
N ASP G 158 58.12 -10.48 -40.58
CA ASP G 158 58.45 -9.29 -39.79
C ASP G 158 58.21 -7.97 -40.50
N GLY G 159 57.38 -7.13 -39.89
CA GLY G 159 57.06 -5.84 -40.47
C GLY G 159 55.93 -5.89 -41.47
N VAL G 160 55.24 -7.03 -41.51
CA VAL G 160 54.13 -7.20 -42.43
C VAL G 160 52.77 -6.88 -41.81
N LYS G 161 51.79 -6.63 -42.67
CA LYS G 161 50.44 -6.29 -42.24
C LYS G 161 49.47 -6.45 -43.41
N THR G 162 48.42 -7.23 -43.22
CA THR G 162 47.44 -7.46 -44.27
C THR G 162 45.99 -7.35 -43.80
N THR G 163 45.06 -7.34 -44.76
CA THR G 163 43.63 -7.24 -44.48
C THR G 163 42.89 -8.18 -45.42
N LYS G 164 41.56 -8.13 -45.40
CA LYS G 164 40.75 -8.97 -46.27
C LYS G 164 39.40 -8.35 -46.62
N PRO G 165 39.40 -7.06 -46.97
CA PRO G 165 38.18 -6.32 -47.33
C PRO G 165 37.44 -6.95 -48.50
N SER G 166 36.25 -6.44 -48.77
CA SER G 166 35.41 -6.94 -49.86
C SER G 166 34.40 -5.87 -50.27
N LYS G 167 34.55 -5.34 -51.47
CA LYS G 167 33.64 -4.30 -51.95
C LYS G 167 33.30 -4.48 -53.42
N GLN G 168 33.41 -3.39 -54.18
CA GLN G 168 33.11 -3.42 -55.61
C GLN G 168 32.10 -4.52 -55.93
N GLY G 169 30.83 -4.26 -55.60
CA GLY G 169 29.80 -5.24 -55.87
C GLY G 169 30.33 -6.52 -56.50
N GLN G 170 30.37 -7.60 -55.72
CA GLN G 170 30.85 -8.87 -56.22
C GLN G 170 32.28 -8.70 -56.71
N ASN G 171 33.20 -8.53 -55.77
CA ASN G 171 34.60 -8.34 -56.09
C ASN G 171 35.38 -8.10 -54.80
N TYR G 172 36.14 -9.10 -54.37
CA TYR G 172 36.93 -9.00 -53.14
C TYR G 172 38.32 -8.46 -53.41
N MET G 173 38.94 -7.92 -52.37
CA MET G 173 40.29 -7.36 -52.49
C MET G 173 41.10 -7.46 -51.19
N THR G 174 42.37 -7.10 -51.27
CA THR G 174 43.27 -7.13 -50.13
C THR G 174 44.45 -6.20 -50.40
N SER G 175 45.15 -5.82 -49.34
CA SER G 175 46.31 -4.94 -49.46
C SER G 175 47.40 -5.41 -48.49
N SER G 176 48.03 -6.53 -48.82
CA SER G 176 49.08 -7.09 -47.98
C SER G 176 50.38 -6.30 -48.09
N TYR G 177 50.63 -5.44 -47.10
CA TYR G 177 51.83 -4.62 -47.08
C TYR G 177 53.06 -5.40 -46.64
N LEU G 178 54.14 -4.66 -46.43
CA LEU G 178 55.41 -5.24 -45.98
C LEU G 178 56.49 -4.17 -45.91
N SER G 179 56.85 -3.77 -44.69
CA SER G 179 57.88 -2.77 -44.49
C SER G 179 59.24 -3.46 -44.63
N LEU G 180 60.31 -2.67 -44.66
CA LEU G 180 61.64 -3.22 -44.80
C LEU G 180 62.70 -2.14 -44.74
N THR G 181 63.80 -2.44 -44.06
CA THR G 181 64.90 -1.51 -43.92
C THR G 181 65.39 -1.16 -45.32
N ALA G 182 65.49 0.13 -45.62
CA ALA G 182 65.95 0.55 -46.93
C ALA G 182 67.19 -0.26 -47.32
N ASP G 183 68.04 -0.52 -46.33
CA ASP G 183 69.27 -1.28 -46.58
C ASP G 183 69.05 -2.78 -46.44
N GLN G 184 67.79 -3.19 -46.55
CA GLN G 184 67.40 -4.59 -46.46
C GLN G 184 66.87 -4.98 -47.83
N TRP G 185 66.10 -4.06 -48.41
CA TRP G 185 65.51 -4.23 -49.73
C TRP G 185 66.59 -3.98 -50.77
N LYS G 186 67.33 -2.90 -50.57
CA LYS G 186 68.42 -2.55 -51.48
C LYS G 186 69.34 -3.77 -51.51
N SER G 187 69.40 -4.46 -50.39
CA SER G 187 70.23 -5.65 -50.24
C SER G 187 69.40 -6.93 -50.18
N HIS G 188 68.26 -6.93 -50.84
CA HIS G 188 67.39 -8.09 -50.88
C HIS G 188 67.52 -8.73 -52.26
N ASN G 189 66.91 -9.90 -52.44
CA ASN G 189 67.02 -10.57 -53.74
C ASN G 189 65.70 -11.02 -54.39
N ARG G 190 64.86 -11.73 -53.65
CA ARG G 190 63.60 -12.21 -54.23
C ARG G 190 62.33 -11.89 -53.43
N VAL G 191 61.94 -10.62 -53.38
CA VAL G 191 60.74 -10.23 -52.65
C VAL G 191 59.51 -10.87 -53.28
N SER G 192 58.80 -11.68 -52.52
CA SER G 192 57.61 -12.39 -52.99
C SER G 192 56.31 -12.04 -52.25
N CYS G 193 55.19 -12.52 -52.78
CA CYS G 193 53.87 -12.29 -52.17
C CYS G 193 52.90 -13.39 -52.58
N GLN G 194 53.14 -14.59 -52.08
CA GLN G 194 52.31 -15.74 -52.38
C GLN G 194 50.87 -15.60 -51.88
N VAL G 195 49.92 -15.57 -52.81
CA VAL G 195 48.51 -15.46 -52.47
C VAL G 195 47.92 -16.86 -52.52
N THR G 196 47.02 -17.14 -51.58
CA THR G 196 46.37 -18.44 -51.51
C THR G 196 44.86 -18.31 -51.56
N HIS G 197 44.29 -18.30 -52.77
CA HIS G 197 42.85 -18.16 -52.94
C HIS G 197 42.09 -19.43 -52.58
N GLU G 198 40.99 -19.23 -51.86
CA GLU G 198 40.13 -20.33 -51.42
C GLU G 198 39.66 -21.22 -52.57
N GLY G 199 39.44 -22.49 -52.27
CA GLY G 199 38.99 -23.43 -53.28
C GLY G 199 40.16 -24.12 -53.97
N GLU G 200 41.26 -23.38 -54.08
CA GLU G 200 42.46 -23.91 -54.72
C GLU G 200 43.71 -23.61 -53.93
N THR G 201 44.70 -24.49 -54.08
CA THR G 201 45.98 -24.33 -53.40
C THR G 201 46.66 -23.12 -54.04
N VAL G 202 45.84 -22.27 -54.64
CA VAL G 202 46.30 -21.06 -55.31
C VAL G 202 47.65 -20.57 -54.80
N GLU G 203 48.44 -20.02 -55.71
CA GLU G 203 49.76 -19.51 -55.40
C GLU G 203 50.20 -18.55 -56.50
N LYS G 204 49.41 -17.49 -56.70
CA LYS G 204 49.70 -16.49 -57.72
C LYS G 204 51.13 -15.97 -57.67
N SER G 205 51.95 -16.57 -56.81
CA SER G 205 53.35 -16.19 -56.64
C SER G 205 53.71 -14.81 -57.16
N LEU G 206 53.90 -14.69 -58.46
CA LEU G 206 54.27 -13.42 -59.09
C LEU G 206 55.60 -12.95 -58.52
N SER G 207 56.42 -13.91 -58.09
CA SER G 207 57.73 -13.61 -57.52
C SER G 207 58.32 -12.31 -58.06
N PRO G 208 58.10 -11.21 -57.33
CA PRO G 208 58.59 -9.87 -57.69
C PRO G 208 59.98 -9.60 -57.11
N ALA G 209 60.40 -8.34 -57.17
CA ALA G 209 61.71 -7.95 -56.64
C ALA G 209 62.83 -8.69 -57.37
N GLU G 210 63.25 -8.13 -58.51
CA GLU G 210 64.31 -8.74 -59.29
C GLU G 210 65.06 -7.67 -60.08
N CYS G 211 64.32 -6.87 -60.85
CA CYS G 211 64.91 -5.81 -61.65
C CYS G 211 65.56 -4.74 -60.78
N LEU G 212 66.80 -4.37 -61.11
CA LEU G 212 67.52 -3.37 -60.36
C LEU G 212 67.14 -3.48 -58.88
N GLU H 1 12.69 14.43 -43.80
CA GLU H 1 13.47 15.66 -43.53
C GLU H 1 13.89 15.72 -42.07
N VAL H 2 13.64 14.63 -41.35
CA VAL H 2 14.04 14.56 -39.95
C VAL H 2 15.56 14.49 -39.98
N TYR H 3 16.22 15.38 -39.26
CA TYR H 3 17.68 15.44 -39.26
C TYR H 3 18.34 15.38 -37.88
N LEU H 4 19.36 14.54 -37.76
CA LEU H 4 20.12 14.41 -36.53
C LEU H 4 21.60 14.55 -36.90
N VAL H 5 22.23 15.62 -36.39
CA VAL H 5 23.63 15.92 -36.68
C VAL H 5 24.53 16.00 -35.45
N GLU H 6 25.44 15.04 -35.30
CA GLU H 6 26.36 15.04 -34.17
C GLU H 6 27.52 15.98 -34.42
N SER H 7 28.02 16.61 -33.36
CA SER H 7 29.13 17.54 -33.48
C SER H 7 29.89 17.68 -32.16
N GLY H 8 31.23 17.69 -32.25
CA GLY H 8 32.05 17.83 -31.06
C GLY H 8 33.25 16.88 -31.03
N GLY H 9 33.17 15.78 -31.77
CA GLY H 9 34.27 14.83 -31.78
C GLY H 9 35.61 15.52 -31.95
N ASP H 10 36.68 14.80 -31.62
CA ASP H 10 38.03 15.32 -31.73
C ASP H 10 39.03 14.35 -31.09
N LEU H 11 40.30 14.48 -31.48
CA LEU H 11 41.34 13.62 -30.93
C LEU H 11 41.91 14.30 -29.70
N VAL H 12 41.81 13.64 -28.56
CA VAL H 12 42.31 14.21 -27.32
C VAL H 12 43.03 13.21 -26.45
N GLN H 13 44.00 13.72 -25.69
CA GLN H 13 44.81 12.91 -24.80
C GLN H 13 43.97 12.27 -23.69
N PRO H 14 44.34 11.03 -23.30
CA PRO H 14 43.63 10.27 -22.26
C PRO H 14 43.41 11.07 -20.97
N GLY H 15 42.40 10.66 -20.21
CA GLY H 15 42.08 11.34 -18.97
C GLY H 15 41.44 12.70 -19.24
N SER H 16 41.34 13.04 -20.52
CA SER H 16 40.77 14.31 -20.97
C SER H 16 39.26 14.48 -20.72
N SER H 17 38.66 15.40 -21.46
CA SER H 17 37.23 15.71 -21.34
C SER H 17 36.67 16.21 -22.66
N LEU H 18 35.62 15.56 -23.15
CA LEU H 18 35.03 16.00 -24.41
C LEU H 18 33.53 16.13 -24.30
N LYS H 19 33.00 17.20 -24.87
CA LYS H 19 31.57 17.44 -24.84
C LYS H 19 31.01 17.60 -26.25
N VAL H 20 30.43 16.51 -26.76
CA VAL H 20 29.83 16.44 -28.09
C VAL H 20 28.34 16.70 -28.04
N SER H 21 27.80 17.36 -29.07
CA SER H 21 26.37 17.65 -29.13
C SER H 21 25.65 16.89 -30.23
N CYS H 22 24.33 16.91 -30.17
CA CYS H 22 23.49 16.25 -31.16
C CYS H 22 22.41 17.26 -31.51
N ALA H 23 22.34 17.62 -32.79
CA ALA H 23 21.37 18.61 -33.28
C ALA H 23 20.14 17.92 -33.83
N ALA H 24 19.04 18.66 -33.88
CA ALA H 24 17.79 18.10 -34.37
C ALA H 24 17.04 19.04 -35.29
N SER H 25 16.32 18.46 -36.25
CA SER H 25 15.53 19.22 -37.20
C SER H 25 14.59 18.28 -37.94
N GLY H 26 13.37 18.73 -38.20
CA GLY H 26 12.42 17.90 -38.92
C GLY H 26 11.35 17.26 -38.05
N PHE H 27 11.17 17.77 -36.83
CA PHE H 27 10.15 17.23 -35.95
C PHE H 27 10.07 17.92 -34.59
N THR H 28 9.12 17.46 -33.76
CA THR H 28 8.92 18.02 -32.44
C THR H 28 9.87 17.39 -31.42
N PHE H 29 11.08 17.92 -31.39
CA PHE H 29 12.10 17.44 -30.46
C PHE H 29 11.48 17.22 -29.09
N SER H 30 10.36 17.91 -28.86
CA SER H 30 9.64 17.85 -27.60
C SER H 30 9.20 16.47 -27.09
N ASP H 31 8.39 15.76 -27.87
CA ASP H 31 7.89 14.45 -27.44
C ASP H 31 8.80 13.29 -27.79
N PHE H 32 10.10 13.44 -27.53
CA PHE H 32 11.04 12.39 -27.84
C PHE H 32 12.18 12.26 -26.82
N TRP H 33 12.55 11.03 -26.51
CA TRP H 33 13.67 10.79 -25.63
C TRP H 33 14.80 10.64 -26.62
N MET H 34 15.99 11.10 -26.27
CA MET H 34 17.12 10.96 -27.17
C MET H 34 18.13 10.06 -26.49
N TYR H 35 18.97 9.41 -27.28
CA TYR H 35 19.98 8.51 -26.72
C TYR H 35 21.33 8.73 -27.37
N TRP H 36 22.36 8.19 -26.74
CA TRP H 36 23.72 8.32 -27.26
C TRP H 36 24.23 6.90 -27.48
N VAL H 37 25.06 6.73 -28.52
CA VAL H 37 25.60 5.43 -28.87
C VAL H 37 26.92 5.56 -29.63
N ARG H 38 27.97 4.92 -29.12
CA ARG H 38 29.25 4.99 -29.81
C ARG H 38 29.54 3.65 -30.46
N GLN H 39 30.63 3.60 -31.21
CA GLN H 39 31.03 2.35 -31.86
C GLN H 39 32.53 2.42 -32.16
N ALA H 40 33.26 1.41 -31.68
CA ALA H 40 34.69 1.35 -31.90
C ALA H 40 34.92 0.79 -33.29
N PRO H 41 35.99 1.26 -33.98
CA PRO H 41 36.31 0.81 -35.32
C PRO H 41 35.76 -0.56 -35.72
N GLY H 42 36.43 -1.62 -35.29
CA GLY H 42 35.98 -2.96 -35.63
C GLY H 42 34.97 -3.49 -34.64
N LYS H 43 34.72 -2.73 -33.58
CA LYS H 43 33.77 -3.13 -32.55
C LYS H 43 32.31 -2.91 -32.94
N GLY H 44 31.42 -3.63 -32.27
CA GLY H 44 30.00 -3.50 -32.57
C GLY H 44 29.40 -2.22 -32.03
N LEU H 45 28.08 -2.12 -32.10
CA LEU H 45 27.38 -0.95 -31.61
C LEU H 45 27.34 -1.05 -30.08
N GLU H 46 27.61 0.06 -29.41
CA GLU H 46 27.57 0.10 -27.95
C GLU H 46 26.76 1.31 -27.48
N TRP H 47 25.71 1.02 -26.72
CA TRP H 47 24.84 2.04 -26.17
C TRP H 47 25.49 2.81 -25.04
N VAL H 48 25.37 4.13 -25.06
CA VAL H 48 25.96 4.94 -24.00
C VAL H 48 24.92 5.33 -22.96
N GLY H 49 23.87 6.02 -23.39
CA GLY H 49 22.85 6.41 -22.45
C GLY H 49 21.66 7.03 -23.14
N ARG H 50 20.65 7.42 -22.34
CA ARG H 50 19.45 8.04 -22.86
C ARG H 50 19.01 9.13 -21.91
N ILE H 51 18.24 10.10 -22.41
CA ILE H 51 17.74 11.19 -21.58
C ILE H 51 16.32 11.51 -21.98
N LYS H 52 15.38 11.22 -21.09
CA LYS H 52 13.96 11.45 -21.34
C LYS H 52 13.69 12.94 -21.43
N ASN H 53 12.44 13.29 -21.75
CA ASN H 53 12.04 14.68 -21.89
C ASN H 53 11.72 15.31 -20.53
N ILE H 54 11.06 16.46 -20.54
CA ILE H 54 10.70 17.13 -19.29
C ILE H 54 9.60 16.39 -18.54
N PRO H 55 8.54 15.94 -19.24
CA PRO H 55 7.47 15.23 -18.55
C PRO H 55 7.98 13.99 -17.85
N ASN H 56 9.22 13.63 -18.14
CA ASN H 56 9.79 12.45 -17.51
C ASN H 56 10.97 12.84 -16.63
N ASN H 57 10.93 14.07 -16.14
CA ASN H 57 11.98 14.59 -15.27
C ASN H 57 13.33 14.55 -15.96
N TYR H 58 13.32 14.46 -17.29
CA TYR H 58 14.55 14.41 -18.06
C TYR H 58 15.47 13.31 -17.57
N ALA H 59 14.90 12.33 -16.88
CA ALA H 59 15.67 11.21 -16.36
C ALA H 59 16.76 10.81 -17.34
N THR H 60 17.96 10.63 -16.80
CA THR H 60 19.13 10.23 -17.57
C THR H 60 19.58 8.84 -17.15
N GLU H 61 20.08 8.06 -18.09
CA GLU H 61 20.56 6.72 -17.78
C GLU H 61 21.78 6.40 -18.62
N TYR H 62 22.82 5.90 -17.97
CA TYR H 62 24.04 5.55 -18.66
C TYR H 62 24.39 4.08 -18.51
N ALA H 63 25.05 3.55 -19.52
CA ALA H 63 25.46 2.16 -19.50
C ALA H 63 26.45 2.02 -18.35
N ASP H 64 26.91 0.81 -18.10
CA ASP H 64 27.86 0.57 -17.02
C ASP H 64 29.23 1.10 -17.45
N SER H 65 29.54 0.90 -18.73
CA SER H 65 30.80 1.32 -19.32
C SER H 65 31.22 2.78 -19.07
N VAL H 66 30.28 3.62 -18.68
CA VAL H 66 30.59 5.03 -18.45
C VAL H 66 29.68 5.70 -17.44
N ARG H 67 29.10 4.93 -16.53
CA ARG H 67 28.18 5.48 -15.54
C ARG H 67 28.72 6.63 -14.68
N GLY H 68 29.97 6.50 -14.22
CA GLY H 68 30.54 7.54 -13.38
C GLY H 68 31.29 8.69 -14.03
N ARG H 69 31.57 8.59 -15.33
CA ARG H 69 32.31 9.66 -15.99
C ARG H 69 31.54 10.33 -17.12
N PHE H 70 30.72 9.56 -17.82
CA PHE H 70 29.95 10.11 -18.92
C PHE H 70 28.62 10.67 -18.43
N THR H 71 28.18 11.76 -19.04
CA THR H 71 26.93 12.38 -18.67
C THR H 71 26.24 12.92 -19.89
N ILE H 72 24.91 12.97 -19.84
CA ILE H 72 24.16 13.51 -20.96
C ILE H 72 23.41 14.72 -20.48
N SER H 73 23.09 15.63 -21.39
CA SER H 73 22.36 16.83 -21.03
C SER H 73 21.48 17.21 -22.21
N ARG H 74 20.30 17.74 -21.90
CA ARG H 74 19.33 18.12 -22.91
C ARG H 74 19.11 19.64 -22.89
N ASP H 75 18.83 20.19 -24.06
CA ASP H 75 18.59 21.63 -24.21
C ASP H 75 17.44 21.88 -25.17
N ASP H 76 16.23 21.70 -24.69
CA ASP H 76 15.08 21.89 -25.56
C ASP H 76 15.10 23.22 -26.29
N SER H 77 15.54 24.27 -25.62
CA SER H 77 15.59 25.60 -26.24
C SER H 77 16.36 25.58 -27.56
N ARG H 78 17.21 24.58 -27.73
CA ARG H 78 17.98 24.45 -28.95
C ARG H 78 17.62 23.18 -29.68
N ASN H 79 16.83 22.33 -29.05
CA ASN H 79 16.43 21.06 -29.66
C ASN H 79 17.65 20.14 -29.73
N SER H 80 18.41 20.08 -28.64
CA SER H 80 19.62 19.28 -28.62
C SER H 80 19.97 18.65 -27.25
N ILE H 81 20.81 17.63 -27.31
CA ILE H 81 21.30 16.91 -26.14
C ILE H 81 22.81 16.85 -26.26
N TYR H 82 23.52 16.84 -25.14
CA TYR H 82 24.98 16.80 -25.20
C TYR H 82 25.56 15.64 -24.42
N LEU H 83 26.86 15.43 -24.60
CA LEU H 83 27.55 14.37 -23.89
C LEU H 83 28.82 14.95 -23.31
N GLN H 84 28.87 15.06 -21.98
CA GLN H 84 30.03 15.56 -21.28
C GLN H 84 30.81 14.33 -20.85
N MET H 85 31.97 14.13 -21.46
CA MET H 85 32.79 12.97 -21.16
C MET H 85 34.09 13.38 -20.48
N ASN H 86 34.29 12.85 -19.28
CA ASN H 86 35.49 13.14 -18.51
C ASN H 86 36.37 11.91 -18.33
N ARG H 87 37.55 12.12 -17.75
CA ARG H 87 38.47 11.04 -17.50
C ARG H 87 38.38 10.02 -18.63
N LEU H 88 38.50 10.51 -19.87
CA LEU H 88 38.42 9.66 -21.05
C LEU H 88 39.56 8.65 -21.17
N ARG H 89 39.26 7.51 -21.77
CA ARG H 89 40.24 6.45 -21.98
C ARG H 89 40.33 6.09 -23.45
N VAL H 90 41.50 5.65 -23.90
CA VAL H 90 41.69 5.28 -25.29
C VAL H 90 40.50 4.43 -25.74
N ASP H 91 40.12 3.45 -24.93
CA ASP H 91 38.99 2.58 -25.26
C ASP H 91 37.70 3.38 -25.42
N ASP H 92 37.80 4.70 -25.42
CA ASP H 92 36.62 5.54 -25.61
C ASP H 92 36.60 6.04 -27.04
N THR H 93 37.76 5.94 -27.70
CA THR H 93 37.87 6.38 -29.09
C THR H 93 36.77 5.68 -29.88
N ALA H 94 35.84 6.47 -30.40
CA ALA H 94 34.75 5.91 -31.18
C ALA H 94 33.91 7.02 -31.84
N ILE H 95 33.01 6.59 -32.72
CA ILE H 95 32.10 7.49 -33.41
C ILE H 95 30.79 7.44 -32.63
N TYR H 96 30.38 8.58 -32.09
CA TYR H 96 29.16 8.64 -31.31
C TYR H 96 27.95 9.00 -32.17
N TYR H 97 26.92 8.16 -32.02
CA TYR H 97 25.66 8.28 -32.75
C TYR H 97 24.54 8.62 -31.79
N CYS H 98 23.64 9.49 -32.21
CA CYS H 98 22.51 9.83 -31.37
C CYS H 98 21.25 9.49 -32.16
N THR H 99 20.28 8.90 -31.50
CA THR H 99 19.03 8.54 -32.13
C THR H 99 17.88 9.12 -31.34
N ARG H 100 16.68 8.64 -31.61
CA ARG H 100 15.52 9.14 -30.88
C ARG H 100 14.45 8.07 -30.70
N ALA H 101 13.58 8.30 -29.71
CA ALA H 101 12.50 7.40 -29.40
C ALA H 101 11.26 8.22 -29.05
N GLY H 102 10.21 8.06 -29.86
CA GLY H 102 8.98 8.78 -29.61
C GLY H 102 7.86 7.87 -29.17
N ARG H 103 6.62 8.35 -29.26
CA ARG H 103 5.48 7.54 -28.86
C ARG H 103 5.26 6.43 -29.89
N PHE H 104 5.59 6.72 -31.14
CA PHE H 104 5.41 5.73 -32.20
C PHE H 104 6.65 5.45 -33.05
N ASP H 105 7.63 6.34 -32.97
CA ASP H 105 8.86 6.19 -33.73
C ASP H 105 9.97 5.71 -32.80
N HIS H 106 10.68 4.66 -33.21
CA HIS H 106 11.73 4.12 -32.36
C HIS H 106 13.06 3.79 -33.03
N PHE H 107 14.04 4.66 -32.83
CA PHE H 107 15.37 4.45 -33.39
C PHE H 107 15.35 4.44 -34.91
N ASP H 108 14.56 5.33 -35.49
CA ASP H 108 14.46 5.40 -36.94
C ASP H 108 15.56 6.28 -37.52
N TYR H 109 15.67 7.50 -37.04
CA TYR H 109 16.69 8.40 -37.54
C TYR H 109 17.94 8.40 -36.68
N TRP H 110 19.07 8.24 -37.37
CA TRP H 110 20.38 8.23 -36.75
C TRP H 110 21.21 9.31 -37.44
N GLY H 111 22.06 9.99 -36.70
CA GLY H 111 22.89 11.02 -37.30
C GLY H 111 24.09 10.41 -37.99
N GLN H 112 24.86 11.22 -38.69
CA GLN H 112 26.04 10.72 -39.37
C GLN H 112 27.01 10.17 -38.33
N GLY H 113 27.09 10.88 -37.20
CA GLY H 113 27.99 10.48 -36.14
C GLY H 113 28.97 11.60 -35.85
N THR H 114 30.06 11.28 -35.13
CA THR H 114 31.10 12.25 -34.77
C THR H 114 32.26 11.47 -34.16
N MET H 115 33.44 11.56 -34.77
CA MET H 115 34.60 10.82 -34.29
C MET H 115 35.36 11.42 -33.11
N VAL H 116 35.63 10.55 -32.12
CA VAL H 116 36.35 10.93 -30.91
C VAL H 116 37.56 10.03 -30.81
N THR H 117 38.74 10.62 -30.80
CA THR H 117 39.97 9.84 -30.73
C THR H 117 40.70 10.13 -29.43
N VAL H 118 40.70 9.14 -28.54
CA VAL H 118 41.37 9.23 -27.25
C VAL H 118 42.69 8.49 -27.34
N SER H 119 43.77 9.21 -27.62
CA SER H 119 45.09 8.60 -27.70
C SER H 119 46.18 9.61 -27.39
N SER H 120 47.31 9.09 -26.91
CA SER H 120 48.46 9.91 -26.56
C SER H 120 49.40 10.06 -27.75
N ALA H 121 48.85 10.62 -28.83
CA ALA H 121 49.60 10.84 -30.06
C ALA H 121 49.14 12.13 -30.72
N THR H 122 49.85 12.58 -31.75
CA THR H 122 49.47 13.82 -32.41
C THR H 122 49.32 13.66 -33.91
N THR H 123 48.47 14.50 -34.48
CA THR H 123 48.23 14.52 -35.91
C THR H 123 49.55 14.35 -36.64
N THR H 124 49.73 13.20 -37.28
CA THR H 124 50.94 12.94 -38.02
C THR H 124 50.66 12.99 -39.52
N ALA H 125 50.82 14.18 -40.11
CA ALA H 125 50.56 14.41 -41.52
C ALA H 125 50.97 13.22 -42.40
N PRO H 126 50.11 12.85 -43.35
CA PRO H 126 50.32 11.73 -44.28
C PRO H 126 51.40 12.02 -45.33
N SER H 127 51.82 10.97 -46.03
CA SER H 127 52.84 11.08 -47.06
C SER H 127 52.46 10.11 -48.17
N VAL H 128 52.15 10.66 -49.33
CA VAL H 128 51.74 9.85 -50.48
C VAL H 128 52.89 9.52 -51.42
N TYR H 129 53.07 8.24 -51.69
CA TYR H 129 54.14 7.79 -52.58
C TYR H 129 53.63 6.96 -53.75
N PRO H 130 53.81 7.47 -54.97
CA PRO H 130 53.39 6.82 -56.21
C PRO H 130 53.74 5.34 -56.32
N LEU H 131 52.77 4.55 -56.76
CA LEU H 131 52.93 3.12 -56.94
C LEU H 131 52.86 2.86 -58.45
N ALA H 132 53.93 2.32 -59.01
CA ALA H 132 53.97 2.03 -60.44
C ALA H 132 54.85 0.82 -60.74
N PRO H 133 54.36 -0.07 -61.61
CA PRO H 133 55.08 -1.29 -62.02
C PRO H 133 55.88 -1.03 -63.28
N ALA H 134 55.68 -1.88 -64.30
CA ALA H 134 56.36 -1.75 -65.59
C ALA H 134 57.64 -2.59 -65.65
N CYS H 135 57.85 -3.44 -64.65
CA CYS H 135 59.03 -4.29 -64.61
C CYS H 135 58.74 -5.57 -65.38
N ASP H 136 58.32 -5.40 -66.62
CA ASP H 136 57.97 -6.51 -67.50
C ASP H 136 58.41 -7.87 -67.00
N SER H 137 57.70 -8.35 -65.97
CA SER H 137 57.95 -9.66 -65.39
C SER H 137 57.37 -10.66 -66.38
N THR H 138 58.17 -11.00 -67.40
CA THR H 138 57.77 -11.92 -68.45
C THR H 138 56.73 -12.97 -68.06
N THR H 139 55.49 -12.64 -68.38
CA THR H 139 54.29 -13.43 -68.15
C THR H 139 53.23 -12.35 -68.00
N SER H 140 53.44 -11.32 -68.82
CA SER H 140 52.60 -10.14 -68.87
C SER H 140 51.29 -10.31 -69.63
N THR H 141 50.19 -10.19 -68.89
CA THR H 141 48.84 -10.28 -69.46
C THR H 141 48.32 -8.85 -69.35
N THR H 142 49.27 -7.94 -69.24
CA THR H 142 49.01 -6.52 -69.10
C THR H 142 47.83 -6.03 -69.94
N ASP H 143 46.74 -6.79 -69.95
CA ASP H 143 45.56 -6.37 -70.71
C ASP H 143 45.26 -4.95 -70.28
N THR H 144 45.51 -4.70 -69.00
CA THR H 144 45.31 -3.40 -68.39
C THR H 144 46.54 -3.08 -67.57
N VAL H 145 46.50 -1.93 -66.91
CA VAL H 145 47.62 -1.53 -66.07
C VAL H 145 47.05 -0.95 -64.79
N THR H 146 47.73 -1.19 -63.69
CA THR H 146 47.29 -0.69 -62.40
C THR H 146 48.38 0.06 -61.67
N LEU H 147 47.98 0.85 -60.69
CA LEU H 147 48.89 1.62 -59.89
C LEU H 147 48.06 2.43 -58.90
N GLY H 148 48.71 3.26 -58.10
CA GLY H 148 47.99 4.06 -57.14
C GLY H 148 48.85 5.01 -56.35
N CYS H 149 48.58 5.09 -55.06
CA CYS H 149 49.33 5.96 -54.18
C CYS H 149 49.36 5.38 -52.78
N LEU H 150 50.49 5.53 -52.11
CA LEU H 150 50.64 5.00 -50.77
C LEU H 150 50.61 6.07 -49.68
N VAL H 151 49.40 6.46 -49.27
CA VAL H 151 49.28 7.45 -48.22
C VAL H 151 49.78 6.75 -46.96
N LYS H 152 50.85 7.27 -46.37
CA LYS H 152 51.41 6.70 -45.16
C LYS H 152 51.93 7.82 -44.27
N GLY H 153 51.77 7.66 -42.97
CA GLY H 153 52.25 8.69 -42.06
C GLY H 153 51.14 9.51 -41.43
N TYR H 154 49.90 9.12 -41.68
CA TYR H 154 48.76 9.83 -41.10
C TYR H 154 48.17 8.96 -40.00
N PHE H 155 47.43 9.58 -39.08
CA PHE H 155 46.83 8.82 -37.99
C PHE H 155 45.41 9.25 -37.65
N PRO H 156 45.14 10.57 -37.77
CA PRO H 156 43.79 11.08 -37.47
C PRO H 156 42.65 10.37 -38.20
N GLU H 157 41.44 10.89 -38.03
CA GLU H 157 40.25 10.32 -38.64
C GLU H 157 40.53 9.86 -40.06
N PRO H 158 39.53 9.29 -40.74
CA PRO H 158 39.68 8.82 -42.13
C PRO H 158 40.15 9.95 -43.05
N VAL H 159 40.63 9.59 -44.23
CA VAL H 159 41.09 10.58 -45.20
C VAL H 159 40.40 10.36 -46.54
N THR H 160 40.76 11.16 -47.53
CA THR H 160 40.17 11.04 -48.86
C THR H 160 41.24 10.84 -49.92
N VAL H 161 40.90 10.07 -50.94
CA VAL H 161 41.82 9.79 -52.04
C VAL H 161 41.09 9.67 -53.36
N SER H 162 41.10 10.75 -54.12
CA SER H 162 40.44 10.78 -55.42
C SER H 162 41.46 10.49 -56.52
N TRP H 163 40.99 10.54 -57.77
CA TRP H 163 41.86 10.30 -58.91
C TRP H 163 41.43 11.23 -60.04
N ASN H 164 42.38 12.00 -60.56
CA ASN H 164 42.08 12.93 -61.64
C ASN H 164 40.85 13.72 -61.23
N SER H 165 40.77 14.04 -59.95
CA SER H 165 39.65 14.80 -59.43
C SER H 165 38.31 14.20 -59.85
N GLY H 166 38.12 12.91 -59.62
CA GLY H 166 36.88 12.27 -59.97
C GLY H 166 36.82 11.64 -61.35
N ALA H 167 37.18 12.41 -62.38
CA ALA H 167 37.17 11.91 -63.75
C ALA H 167 37.32 10.39 -63.77
N LEU H 168 38.39 9.91 -63.13
CA LEU H 168 38.64 8.48 -63.05
C LEU H 168 37.87 7.91 -61.87
N THR H 169 36.85 7.13 -62.17
CA THR H 169 36.02 6.52 -61.13
C THR H 169 36.00 5.02 -61.30
N SER H 170 36.13 4.57 -62.54
CA SER H 170 36.11 3.16 -62.85
C SER H 170 37.53 2.60 -62.83
N GLY H 171 37.72 1.48 -62.15
CA GLY H 171 39.03 0.87 -62.09
C GLY H 171 39.81 1.27 -60.86
N VAL H 172 39.16 2.05 -59.98
CA VAL H 172 39.79 2.53 -58.75
C VAL H 172 39.62 1.52 -57.62
N HIS H 173 40.51 1.59 -56.63
CA HIS H 173 40.45 0.65 -55.51
C HIS H 173 41.08 1.19 -54.22
N THR H 174 40.25 1.86 -53.42
CA THR H 174 40.69 2.41 -52.15
C THR H 174 40.45 1.35 -51.09
N PHE H 175 41.50 0.67 -50.67
CA PHE H 175 41.37 -0.37 -49.65
C PHE H 175 41.24 0.20 -48.24
N PRO H 176 40.97 -0.68 -47.25
CA PRO H 176 40.82 -0.26 -45.85
C PRO H 176 42.17 0.05 -45.19
N SER H 177 42.19 1.09 -44.36
CA SER H 177 43.39 1.55 -43.66
C SER H 177 44.16 0.47 -42.90
N VAL H 178 45.34 0.83 -42.40
CA VAL H 178 46.17 -0.11 -41.66
C VAL H 178 46.98 0.54 -40.52
N LEU H 179 46.80 0.00 -39.31
CA LEU H 179 47.49 0.50 -38.12
C LEU H 179 48.94 0.02 -38.09
N HIS H 180 49.86 0.96 -38.21
CA HIS H 180 51.28 0.64 -38.20
C HIS H 180 52.07 1.59 -37.30
N SER H 181 52.58 1.06 -36.19
CA SER H 181 53.35 1.85 -35.24
C SER H 181 52.65 3.15 -34.89
N GLY H 182 51.37 3.06 -34.56
CA GLY H 182 50.60 4.25 -34.21
C GLY H 182 50.29 5.17 -35.37
N LEU H 183 50.74 4.80 -36.57
CA LEU H 183 50.48 5.59 -37.77
C LEU H 183 49.71 4.83 -38.84
N TYR H 184 48.66 5.47 -39.36
CA TYR H 184 47.84 4.84 -40.39
C TYR H 184 48.51 4.88 -41.75
N SER H 185 48.00 4.06 -42.66
CA SER H 185 48.51 3.97 -44.02
C SER H 185 47.39 3.44 -44.91
N LEU H 186 47.40 3.88 -46.17
CA LEU H 186 46.37 3.45 -47.12
C LEU H 186 46.79 3.69 -48.56
N SER H 187 46.44 2.75 -49.43
CA SER H 187 46.78 2.86 -50.84
C SER H 187 45.53 2.86 -51.71
N SER H 188 45.67 3.34 -52.94
CA SER H 188 44.54 3.39 -53.85
C SER H 188 45.00 2.98 -55.25
N SER H 189 44.39 1.92 -55.76
CA SER H 189 44.73 1.41 -57.08
C SER H 189 43.81 1.95 -58.16
N VAL H 190 44.15 1.66 -59.42
CA VAL H 190 43.37 2.08 -60.58
C VAL H 190 43.81 1.21 -61.76
N THR H 191 42.87 0.71 -62.55
CA THR H 191 43.22 -0.13 -63.68
C THR H 191 42.68 0.35 -65.02
N VAL H 192 43.58 0.73 -65.91
CA VAL H 192 43.19 1.21 -67.24
C VAL H 192 43.86 0.37 -68.31
N PRO H 193 43.42 0.54 -69.57
CA PRO H 193 44.00 -0.21 -70.67
C PRO H 193 45.40 0.29 -71.00
N SER H 194 46.32 -0.67 -71.12
CA SER H 194 47.72 -0.43 -71.40
C SER H 194 48.10 0.92 -72.03
N SER H 195 47.39 1.30 -73.08
CA SER H 195 47.71 2.56 -73.76
C SER H 195 46.86 3.75 -73.34
N THR H 196 46.78 4.01 -72.03
CA THR H 196 45.97 5.14 -71.58
C THR H 196 46.61 6.11 -70.59
N TRP H 197 47.63 5.69 -69.85
CA TRP H 197 48.24 6.56 -68.86
C TRP H 197 49.58 7.21 -69.18
N PRO H 198 50.57 6.44 -69.63
CA PRO H 198 51.84 7.12 -69.91
C PRO H 198 51.60 8.37 -70.77
N LYS H 199 50.43 8.42 -71.39
CA LYS H 199 50.05 9.54 -72.24
C LYS H 199 49.06 10.47 -71.53
N GLN H 200 48.01 9.89 -70.95
CA GLN H 200 47.01 10.67 -70.23
C GLN H 200 47.45 10.78 -68.78
N PRO H 201 47.16 11.92 -68.12
CA PRO H 201 47.55 12.13 -66.73
C PRO H 201 46.84 11.18 -65.76
N ILE H 202 47.62 10.48 -64.95
CA ILE H 202 47.09 9.56 -63.96
C ILE H 202 47.50 10.10 -62.60
N THR H 203 46.91 11.23 -62.23
CA THR H 203 47.21 11.86 -60.95
C THR H 203 46.25 11.39 -59.86
N CYS H 204 46.74 11.39 -58.63
CA CYS H 204 45.89 11.00 -57.51
C CYS H 204 45.88 12.14 -56.50
N ASN H 205 44.67 12.56 -56.15
CA ASN H 205 44.47 13.66 -55.23
C ASN H 205 44.17 13.20 -53.81
N VAL H 206 45.20 13.18 -52.97
CA VAL H 206 45.03 12.76 -51.59
C VAL H 206 44.59 13.93 -50.69
N ALA H 207 43.95 13.58 -49.58
CA ALA H 207 43.47 14.58 -48.64
C ALA H 207 43.56 14.02 -47.23
N HIS H 208 43.61 14.91 -46.26
CA HIS H 208 43.71 14.53 -44.86
C HIS H 208 43.10 15.66 -44.04
N PRO H 209 41.77 15.64 -43.89
CA PRO H 209 40.94 16.60 -43.14
C PRO H 209 41.61 17.14 -41.88
N ALA H 210 42.30 16.25 -41.17
CA ALA H 210 42.98 16.65 -39.95
C ALA H 210 43.87 17.85 -40.24
N SER H 211 44.91 17.63 -41.03
CA SER H 211 45.84 18.69 -41.37
C SER H 211 45.88 19.01 -42.87
N SER H 212 45.40 20.20 -43.22
CA SER H 212 45.37 20.65 -44.61
C SER H 212 46.25 19.81 -45.53
N THR H 213 45.74 18.67 -45.97
CA THR H 213 46.53 17.82 -46.85
C THR H 213 46.09 17.97 -48.30
N LYS H 214 46.27 19.17 -48.83
CA LYS H 214 45.94 19.47 -50.21
C LYS H 214 47.07 18.90 -51.06
N VAL H 215 47.09 17.58 -51.22
CA VAL H 215 48.13 16.96 -51.99
C VAL H 215 47.66 16.45 -53.34
N ASP H 216 48.60 16.41 -54.27
CA ASP H 216 48.37 15.95 -55.63
C ASP H 216 49.71 15.33 -55.96
N LYS H 217 49.70 14.17 -56.60
CA LYS H 217 50.96 13.53 -56.94
C LYS H 217 50.94 12.96 -58.35
N LYS H 218 51.27 13.81 -59.32
CA LYS H 218 51.31 13.42 -60.72
C LYS H 218 52.28 12.26 -60.91
N ILE H 219 51.76 11.05 -60.83
CA ILE H 219 52.56 9.85 -60.96
C ILE H 219 53.23 9.74 -62.32
N GLU H 220 54.52 10.07 -62.37
CA GLU H 220 55.29 9.98 -63.60
C GLU H 220 55.87 8.57 -63.68
N PRO H 221 56.33 8.16 -64.87
CA PRO H 221 56.90 6.81 -64.95
C PRO H 221 58.22 6.79 -64.17
N ARG H 222 58.83 5.62 -64.04
CA ARG H 222 60.09 5.46 -63.32
C ARG H 222 61.18 6.40 -63.84
#